data_6QQ5
#
_entry.id   6QQ5
#
_cell.length_a   1.00
_cell.length_b   1.00
_cell.length_c   1.00
_cell.angle_alpha   90.00
_cell.angle_beta   90.00
_cell.angle_gamma   90.00
#
_symmetry.space_group_name_H-M   'P 1'
#
loop_
_entity.id
_entity.type
_entity.pdbx_description
1 polymer 'Nitric oxide reductase subunit B'
2 non-polymer 'PROTOPORPHYRIN IX CONTAINING FE'
3 non-polymer 'FE (III) ION'
4 non-polymer 'CALCIUM ION'
#
_entity_poly.entity_id   1
_entity_poly.type   'polypeptide(L)'
_entity_poly.pdbx_seq_one_letter_code
;MGPYRRLWFTLIAVLAVTFALLGFYGGEVYRQAPPIPEEVASADGTRLFGRDDILDGQTAWQSIGGMQLGSIWGHGAYQA
PDWTADWLHRELMAWLDLAARDAHGRDYGQLDAPAQAALREQLKAEYRANRADAAGGKLTLSPRRAQAVAQTEAYYDQLF
SDAPALHRSRENYAMKENTLPDANRRRQMTHFFFWTAWAAGTEREGTSVTYTNNWPHEPLIGNHPSSENVMWSIISVVVL
LAGIGLLIWAWAFLRGKEEDEPPAPARDPLTTFALTPSQRALGKYLFLVVALFGFQVLLGGFTAHYTVEGQKFYGIDLSQ
WFPYSLVRTWHIQSALFWIATGFLAAGLFLAPLINGGRDPKYQKAGVDILFWALVLVVVGSFAGNYLAIAQIMPPDLNFW
LGHQGYEYVDLGRLWQIGKFAGICFWLVLMLRGIVPALRTPGGDKNLLALLTASVGAIGLFYGAGFFYGERTHLTVMEYW
RWWIVHLWVEGFFEVFATTALAFIFSTLGLVSRRMATTASLASASLFMLGGIPGTFHHLYFAGTTTPVMAVGASFSALEV
VPLIVLGHEAWENWRLKTRAPWMENLKWPLMCFVAVAFWNMLGAGVFGFMINPPVSLYYIQGLNTTPVHAHAALFGVYGF
LALGFTLLVLRYIRPQYALSPGLMKLAFWGLNLGLALMIFTSLLPIGLIQFHASVSEGMWYARSEAFMQQDILKTLRWGR
TFGDVVFLLGALAMVVQVILGLLSGK
;
_entity_poly.pdbx_strand_id   A,B
#
loop_
_chem_comp.id
_chem_comp.type
_chem_comp.name
_chem_comp.formula
CA non-polymer 'CALCIUM ION' 'Ca 2'
FE non-polymer 'FE (III) ION' 'Fe 3'
HEM non-polymer 'PROTOPORPHYRIN IX CONTAINING FE' 'C34 H32 Fe N4 O4'
#
# COMPACT_ATOMS: atom_id res chain seq x y z
N MET A 1 20.42 15.87 -30.74
CA MET A 1 21.60 16.02 -31.59
C MET A 1 22.57 14.88 -31.35
N GLY A 2 22.83 14.11 -32.41
CA GLY A 2 23.70 12.96 -32.33
C GLY A 2 22.92 11.68 -32.18
N PRO A 3 23.55 10.65 -31.60
CA PRO A 3 22.84 9.39 -31.34
C PRO A 3 21.98 9.39 -30.08
N TYR A 4 21.77 10.54 -29.46
CA TYR A 4 20.98 10.65 -28.23
C TYR A 4 19.67 11.38 -28.51
N ARG A 5 19.04 11.07 -29.65
CA ARG A 5 17.84 11.80 -30.04
C ARG A 5 16.62 11.32 -29.27
N ARG A 6 16.61 10.06 -28.84
CA ARG A 6 15.44 9.53 -28.14
C ARG A 6 15.35 10.08 -26.72
N LEU A 7 16.45 10.02 -25.96
CA LEU A 7 16.43 10.41 -24.56
C LEU A 7 16.27 11.91 -24.39
N TRP A 8 16.95 12.70 -25.21
CA TRP A 8 16.84 14.14 -25.15
C TRP A 8 15.53 14.67 -25.71
N PHE A 9 14.74 13.83 -26.38
CA PHE A 9 13.38 14.20 -26.67
C PHE A 9 12.40 13.75 -25.60
N THR A 10 12.62 12.59 -24.99
CA THR A 10 11.68 12.15 -23.96
C THR A 10 11.85 12.94 -22.65
N LEU A 11 13.03 13.52 -22.41
CA LEU A 11 13.18 14.35 -21.21
C LEU A 11 12.44 15.68 -21.36
N ILE A 12 12.53 16.30 -22.54
CA ILE A 12 11.75 17.51 -22.79
C ILE A 12 10.27 17.18 -22.92
N ALA A 13 9.92 15.97 -23.35
CA ALA A 13 8.53 15.55 -23.37
C ALA A 13 7.96 15.43 -21.96
N VAL A 14 8.76 14.87 -21.03
CA VAL A 14 8.33 14.78 -19.64
C VAL A 14 8.23 16.17 -19.01
N LEU A 15 9.24 17.02 -19.20
CA LEU A 15 9.20 18.37 -18.68
C LEU A 15 8.24 19.30 -19.43
N ALA A 16 7.60 18.83 -20.49
CA ALA A 16 6.55 19.58 -21.15
C ALA A 16 5.15 19.10 -20.78
N VAL A 17 4.94 17.80 -20.54
CA VAL A 17 3.59 17.37 -20.16
C VAL A 17 3.39 17.52 -18.65
N THR A 18 4.42 17.23 -17.84
CA THR A 18 4.28 17.29 -16.40
C THR A 18 4.65 18.64 -15.82
N PHE A 19 4.58 19.70 -16.61
CA PHE A 19 4.83 21.05 -16.11
C PHE A 19 3.64 21.97 -16.31
N ALA A 20 2.81 21.71 -17.33
CA ALA A 20 1.53 22.40 -17.43
C ALA A 20 0.53 21.88 -16.42
N LEU A 21 0.78 20.70 -15.85
CA LEU A 21 -0.07 20.12 -14.82
C LEU A 21 0.18 20.76 -13.45
N LEU A 22 1.19 21.63 -13.34
CA LEU A 22 1.26 22.50 -12.18
C LEU A 22 0.53 23.81 -12.40
N GLY A 23 0.56 24.35 -13.61
CA GLY A 23 -0.09 25.63 -13.87
C GLY A 23 -1.61 25.52 -13.97
N PHE A 24 -2.08 24.52 -14.71
CA PHE A 24 -3.51 24.33 -14.90
C PHE A 24 -4.21 23.89 -13.61
N TYR A 25 -3.46 23.41 -12.63
CA TYR A 25 -4.02 23.14 -11.31
C TYR A 25 -3.71 24.24 -10.31
N GLY A 26 -2.68 25.07 -10.55
CA GLY A 26 -2.48 26.23 -9.71
C GLY A 26 -3.56 27.27 -9.89
N GLY A 27 -4.12 27.35 -11.10
CA GLY A 27 -5.35 28.12 -11.28
C GLY A 27 -6.50 27.61 -10.44
N GLU A 28 -6.59 26.29 -10.27
CA GLU A 28 -7.66 25.70 -9.48
C GLU A 28 -7.42 25.88 -7.98
N VAL A 29 -6.16 25.87 -7.55
CA VAL A 29 -5.85 26.18 -6.15
C VAL A 29 -6.10 27.66 -5.86
N TYR A 30 -5.90 28.54 -6.84
CA TYR A 30 -6.26 29.95 -6.64
C TYR A 30 -7.77 30.13 -6.53
N ARG A 31 -8.52 29.78 -7.58
CA ARG A 31 -9.92 30.20 -7.64
C ARG A 31 -10.88 29.27 -6.89
N GLN A 32 -10.38 28.33 -6.10
CA GLN A 32 -11.22 27.50 -5.24
C GLN A 32 -10.79 27.59 -3.79
N ALA A 33 -10.22 28.71 -3.40
CA ALA A 33 -9.70 28.91 -2.08
C ALA A 33 -10.83 29.25 -1.10
N PRO A 34 -10.70 28.84 0.16
CA PRO A 34 -11.71 29.19 1.16
C PRO A 34 -11.68 30.67 1.47
N PRO A 35 -12.79 31.37 1.25
CA PRO A 35 -12.76 32.83 1.32
C PRO A 35 -12.73 33.33 2.76
N ILE A 36 -12.01 34.42 2.96
CA ILE A 36 -12.08 35.14 4.23
C ILE A 36 -13.33 36.01 4.23
N PRO A 37 -14.21 35.89 5.23
CA PRO A 37 -15.45 36.67 5.21
C PRO A 37 -15.18 38.14 5.44
N GLU A 38 -15.95 38.99 4.75
CA GLU A 38 -15.74 40.43 4.85
C GLU A 38 -16.24 40.96 6.19
N GLU A 39 -17.38 40.46 6.67
CA GLU A 39 -17.95 40.92 7.93
C GLU A 39 -18.50 39.72 8.68
N VAL A 40 -18.10 39.56 9.94
CA VAL A 40 -18.66 38.57 10.84
C VAL A 40 -19.62 39.29 11.79
N ALA A 41 -20.89 38.90 11.76
CA ALA A 41 -21.90 39.54 12.59
C ALA A 41 -22.68 38.46 13.33
N SER A 42 -23.35 38.89 14.39
CA SER A 42 -24.27 38.01 15.10
C SER A 42 -25.69 38.26 14.61
N ALA A 43 -26.59 37.31 14.92
CA ALA A 43 -27.96 37.39 14.46
C ALA A 43 -28.77 38.45 15.21
N ASP A 44 -28.30 38.88 16.37
CA ASP A 44 -29.01 39.93 17.11
C ASP A 44 -28.77 41.32 16.54
N GLY A 45 -27.61 41.57 15.96
CA GLY A 45 -27.37 42.85 15.31
C GLY A 45 -25.97 43.43 15.45
N THR A 46 -25.20 42.95 16.43
CA THR A 46 -23.87 43.49 16.65
C THR A 46 -22.91 43.02 15.56
N ARG A 47 -21.79 43.73 15.44
CA ARG A 47 -20.80 43.48 14.41
C ARG A 47 -19.49 43.11 15.06
N LEU A 48 -19.03 41.89 14.79
CA LEU A 48 -17.73 41.41 15.23
C LEU A 48 -16.69 41.75 14.17
N PHE A 49 -15.52 41.12 14.24
CA PHE A 49 -14.35 41.40 13.43
C PHE A 49 -14.62 41.18 11.94
N GLY A 50 -13.73 41.73 11.12
CA GLY A 50 -13.81 41.57 9.68
C GLY A 50 -12.62 40.84 9.11
N ARG A 51 -12.33 41.02 7.82
CA ARG A 51 -11.21 40.31 7.22
C ARG A 51 -9.88 40.98 7.54
N ASP A 52 -9.87 42.30 7.74
CA ASP A 52 -8.64 43.00 8.09
C ASP A 52 -8.15 42.58 9.47
N ASP A 53 -9.08 42.33 10.39
CA ASP A 53 -8.72 41.85 11.71
C ASP A 53 -8.15 40.43 11.64
N ILE A 54 -8.64 39.63 10.70
CA ILE A 54 -8.12 38.28 10.50
C ILE A 54 -6.71 38.34 9.93
N LEU A 55 -6.44 39.27 9.02
CA LEU A 55 -5.10 39.38 8.47
C LEU A 55 -4.10 39.94 9.49
N ASP A 56 -4.53 40.87 10.33
CA ASP A 56 -3.64 41.33 11.40
C ASP A 56 -3.42 40.24 12.44
N GLY A 57 -4.42 39.38 12.67
CA GLY A 57 -4.20 38.20 13.49
C GLY A 57 -3.23 37.22 12.87
N GLN A 58 -3.22 37.12 11.54
CA GLN A 58 -2.23 36.29 10.85
C GLN A 58 -0.83 36.84 11.02
N THR A 59 -0.69 38.18 10.96
CA THR A 59 0.61 38.79 11.19
C THR A 59 1.06 38.63 12.64
N ALA A 60 0.12 38.69 13.57
CA ALA A 60 0.43 38.43 14.98
C ALA A 60 0.82 36.98 15.21
N TRP A 61 0.24 36.04 14.46
CA TRP A 61 0.67 34.65 14.54
C TRP A 61 2.05 34.46 13.93
N GLN A 62 2.38 35.20 12.88
CA GLN A 62 3.71 35.14 12.30
C GLN A 62 4.77 35.69 13.25
N SER A 63 4.43 36.68 14.06
CA SER A 63 5.45 37.36 14.88
C SER A 63 5.95 36.52 16.05
N ILE A 64 5.26 35.44 16.41
CA ILE A 64 5.62 34.67 17.61
C ILE A 64 6.33 33.38 17.27
N GLY A 65 6.53 33.07 16.00
CA GLY A 65 7.15 31.83 15.62
C GLY A 65 6.49 31.25 14.39
N GLY A 66 5.23 31.59 14.18
CA GLY A 66 4.53 31.10 13.01
C GLY A 66 4.21 29.63 13.11
N MET A 67 4.75 28.84 12.19
CA MET A 67 4.54 27.40 12.19
C MET A 67 5.53 26.67 13.09
N GLN A 68 6.52 27.36 13.66
CA GLN A 68 7.45 26.71 14.55
C GLN A 68 6.95 26.62 15.98
N LEU A 69 5.82 27.24 16.28
CA LEU A 69 5.26 27.11 17.62
C LEU A 69 4.20 26.01 17.65
N GLY A 70 3.16 26.17 16.88
CA GLY A 70 2.10 25.17 16.80
C GLY A 70 1.53 25.16 15.41
N SER A 71 1.31 23.96 14.89
CA SER A 71 0.99 23.80 13.49
C SER A 71 -0.42 24.31 13.17
N ILE A 72 -0.60 24.75 11.93
CA ILE A 72 -1.87 25.24 11.43
C ILE A 72 -2.18 24.46 10.16
N TRP A 73 -3.32 23.77 10.15
CA TRP A 73 -3.68 22.79 9.12
C TRP A 73 -2.62 21.71 8.97
N GLY A 74 -2.11 21.22 10.09
CA GLY A 74 -1.16 20.12 10.11
C GLY A 74 0.30 20.44 9.96
N HIS A 75 0.63 21.40 9.10
CA HIS A 75 2.02 21.73 8.83
C HIS A 75 2.61 22.57 9.94
N GLY A 76 3.70 22.13 10.51
CA GLY A 76 4.39 22.97 11.47
C GLY A 76 5.29 22.15 12.38
N ALA A 77 5.23 22.45 13.67
CA ALA A 77 5.96 21.72 14.69
C ALA A 77 5.01 20.80 15.44
N TYR A 78 5.57 19.80 16.12
CA TYR A 78 4.79 18.67 16.61
C TYR A 78 4.84 18.56 18.13
N GLN A 79 5.06 19.66 18.84
CA GLN A 79 5.02 19.66 20.29
C GLN A 79 3.76 20.32 20.83
N ALA A 80 3.50 21.55 20.45
CA ALA A 80 2.27 22.21 20.82
C ALA A 80 1.14 21.75 19.90
N PRO A 81 -0.08 21.62 20.42
CA PRO A 81 -1.18 21.09 19.61
C PRO A 81 -1.59 22.04 18.51
N ASP A 82 -2.08 21.47 17.41
CA ASP A 82 -2.50 22.27 16.28
C ASP A 82 -3.74 23.06 16.64
N TRP A 83 -3.66 24.38 16.47
CA TRP A 83 -4.70 25.25 17.00
C TRP A 83 -6.00 25.14 16.23
N THR A 84 -5.97 24.67 14.99
CA THR A 84 -7.17 24.53 14.20
C THR A 84 -7.94 23.25 14.50
N ALA A 85 -7.44 22.39 15.36
CA ALA A 85 -8.21 21.28 15.90
C ALA A 85 -8.48 21.41 17.38
N ASP A 86 -7.54 21.99 18.13
CA ASP A 86 -7.78 22.26 19.54
C ASP A 86 -8.85 23.32 19.72
N TRP A 87 -8.81 24.40 18.93
CA TRP A 87 -9.87 25.40 18.94
C TRP A 87 -11.20 24.79 18.53
N LEU A 88 -11.17 23.86 17.57
CA LEU A 88 -12.40 23.22 17.10
C LEU A 88 -13.05 22.40 18.20
N HIS A 89 -12.26 21.59 18.90
CA HIS A 89 -12.83 20.76 19.94
C HIS A 89 -13.29 21.58 21.14
N ARG A 90 -12.56 22.65 21.49
CA ARG A 90 -12.98 23.50 22.59
C ARG A 90 -14.26 24.25 22.25
N GLU A 91 -14.38 24.72 21.01
CA GLU A 91 -15.59 25.43 20.59
C GLU A 91 -16.79 24.49 20.53
N LEU A 92 -16.58 23.24 20.09
CA LEU A 92 -17.69 22.31 20.01
C LEU A 92 -18.16 21.86 21.40
N MET A 93 -17.23 21.67 22.35
CA MET A 93 -17.67 21.36 23.70
C MET A 93 -18.33 22.56 24.38
N ALA A 94 -17.89 23.78 24.06
CA ALA A 94 -18.58 24.96 24.60
C ALA A 94 -19.99 25.08 24.05
N TRP A 95 -20.17 24.79 22.76
CA TRP A 95 -21.51 24.79 22.17
C TRP A 95 -22.38 23.70 22.77
N LEU A 96 -21.80 22.52 23.03
CA LEU A 96 -22.58 21.43 23.62
C LEU A 96 -23.01 21.76 25.04
N ASP A 97 -22.14 22.44 25.79
CA ASP A 97 -22.52 22.82 27.15
C ASP A 97 -23.56 23.94 27.15
N LEU A 98 -23.45 24.90 26.22
CA LEU A 98 -24.45 25.96 26.15
C LEU A 98 -25.76 25.49 25.55
N ALA A 99 -25.78 24.37 24.85
CA ALA A 99 -27.03 23.80 24.37
C ALA A 99 -27.58 22.73 25.28
N ALA A 100 -26.80 22.25 26.24
CA ALA A 100 -27.34 21.36 27.26
C ALA A 100 -27.79 22.11 28.50
N ARG A 101 -27.24 23.31 28.75
CA ARG A 101 -27.59 24.08 29.93
C ARG A 101 -29.05 24.50 29.92
N ASP A 102 -29.59 24.78 28.75
CA ASP A 102 -31.02 25.06 28.60
C ASP A 102 -31.77 23.91 27.93
N ALA A 103 -31.36 22.68 28.20
CA ALA A 103 -32.03 21.51 27.64
C ALA A 103 -32.80 20.73 28.69
N HIS A 104 -32.14 20.17 29.69
CA HIS A 104 -32.87 19.65 30.85
C HIS A 104 -32.42 20.32 32.14
N GLY A 105 -31.22 20.03 32.65
CA GLY A 105 -30.63 20.83 33.69
C GLY A 105 -29.12 20.72 33.79
N ARG A 106 -28.49 19.97 32.90
CA ARG A 106 -27.13 19.50 33.13
C ARG A 106 -26.28 19.80 31.91
N ASP A 107 -25.07 19.24 31.89
CA ASP A 107 -24.13 19.44 30.82
C ASP A 107 -24.04 18.18 29.95
N TYR A 108 -23.14 18.22 28.97
CA TYR A 108 -22.98 17.11 28.04
C TYR A 108 -22.35 15.89 28.71
N GLY A 109 -21.52 16.10 29.72
CA GLY A 109 -20.90 14.98 30.41
C GLY A 109 -21.83 14.24 31.34
N GLN A 110 -22.93 14.87 31.75
CA GLN A 110 -23.80 14.26 32.75
C GLN A 110 -25.18 14.07 32.12
N LEU A 111 -25.19 13.49 30.92
CA LEU A 111 -26.42 13.09 30.26
C LEU A 111 -26.30 11.63 29.87
N ASP A 112 -27.44 10.94 29.85
CA ASP A 112 -27.43 9.55 29.45
C ASP A 112 -27.23 9.41 27.94
N ALA A 113 -26.88 8.19 27.53
CA ALA A 113 -26.38 7.97 26.16
C ALA A 113 -27.40 8.19 25.05
N PRO A 114 -28.69 7.80 25.13
CA PRO A 114 -29.59 8.11 24.01
C PRO A 114 -29.98 9.56 23.86
N ALA A 115 -29.88 10.38 24.91
CA ALA A 115 -30.28 11.78 24.80
C ALA A 115 -29.10 12.72 24.54
N GLN A 116 -27.87 12.28 24.78
CA GLN A 116 -26.72 13.07 24.39
C GLN A 116 -26.36 12.87 22.93
N ALA A 117 -26.96 11.91 22.26
CA ALA A 117 -26.80 11.75 20.82
C ALA A 117 -27.81 12.57 20.04
N ALA A 118 -28.70 13.27 20.73
CA ALA A 118 -29.64 14.19 20.08
C ALA A 118 -29.11 15.62 20.06
N LEU A 119 -27.85 15.81 20.40
CA LEU A 119 -27.19 17.11 20.29
C LEU A 119 -26.06 17.11 19.28
N ARG A 120 -25.40 15.97 19.07
CA ARG A 120 -24.40 15.88 18.02
C ARG A 120 -25.03 15.95 16.65
N GLU A 121 -26.31 15.55 16.53
CA GLU A 121 -26.99 15.66 15.25
C GLU A 121 -27.42 17.11 15.00
N GLN A 122 -27.52 17.92 16.05
CA GLN A 122 -27.71 19.36 15.85
C GLN A 122 -26.39 20.08 15.60
N LEU A 123 -25.29 19.56 16.16
CA LEU A 123 -23.96 20.05 15.77
C LEU A 123 -23.68 19.78 14.30
N LYS A 124 -24.07 18.62 13.79
CA LYS A 124 -23.94 18.32 12.38
C LYS A 124 -24.81 19.21 11.51
N ALA A 125 -25.89 19.76 12.04
CA ALA A 125 -26.80 20.59 11.28
C ALA A 125 -26.45 22.07 11.29
N GLU A 126 -25.89 22.57 12.39
CA GLU A 126 -25.53 23.98 12.47
C GLU A 126 -24.10 24.25 12.02
N TYR A 127 -23.14 23.46 12.49
CA TYR A 127 -21.73 23.75 12.23
C TYR A 127 -21.26 23.32 10.86
N ARG A 128 -21.97 22.40 10.21
CA ARG A 128 -21.68 22.05 8.82
C ARG A 128 -22.53 22.83 7.84
N ALA A 129 -22.86 24.06 8.21
CA ALA A 129 -23.68 24.97 7.42
C ALA A 129 -23.17 26.37 7.74
N ASN A 130 -24.03 27.37 7.49
CA ASN A 130 -23.78 28.83 7.67
C ASN A 130 -22.43 29.26 7.10
N ARG A 131 -22.22 28.92 5.83
CA ARG A 131 -21.06 29.39 5.09
C ARG A 131 -21.31 30.82 4.61
N ALA A 132 -20.49 31.28 3.66
CA ALA A 132 -20.61 32.64 3.16
C ALA A 132 -21.88 32.81 2.32
N ASP A 133 -22.23 34.06 2.07
CA ASP A 133 -23.50 34.41 1.44
C ASP A 133 -23.33 34.69 -0.06
N ALA A 134 -22.45 33.95 -0.73
CA ALA A 134 -22.18 34.03 -2.17
C ALA A 134 -21.73 35.44 -2.56
N ALA A 135 -20.55 35.78 -2.05
CA ALA A 135 -19.87 37.08 -2.24
C ALA A 135 -20.71 38.24 -1.68
N GLY A 136 -21.52 37.98 -0.67
CA GLY A 136 -22.20 39.02 0.06
C GLY A 136 -21.33 39.55 1.17
N GLY A 137 -20.31 38.77 1.53
CA GLY A 137 -19.33 39.18 2.51
C GLY A 137 -19.70 38.96 3.96
N LYS A 138 -20.96 38.65 4.25
CA LYS A 138 -21.42 38.51 5.62
C LYS A 138 -21.37 37.05 6.04
N LEU A 139 -21.30 36.84 7.35
CA LEU A 139 -21.35 35.51 7.95
C LEU A 139 -22.68 35.25 8.65
N THR A 140 -23.05 36.13 9.59
CA THR A 140 -24.30 36.08 10.37
C THR A 140 -24.46 34.73 11.09
N LEU A 141 -23.50 34.43 11.94
CA LEU A 141 -23.53 33.19 12.69
C LEU A 141 -24.52 33.29 13.85
N SER A 142 -24.94 32.12 14.35
CA SER A 142 -25.96 32.03 15.38
C SER A 142 -25.45 32.60 16.70
N PRO A 143 -26.33 33.20 17.52
CA PRO A 143 -25.87 33.83 18.76
C PRO A 143 -25.38 32.84 19.80
N ARG A 144 -25.84 31.59 19.76
CA ARG A 144 -25.25 30.57 20.63
C ARG A 144 -23.81 30.28 20.22
N ARG A 145 -23.54 30.27 18.91
CA ARG A 145 -22.16 30.13 18.45
C ARG A 145 -21.33 31.36 18.78
N ALA A 146 -21.94 32.54 18.78
CA ALA A 146 -21.23 33.75 19.19
C ALA A 146 -20.85 33.69 20.66
N GLN A 147 -21.75 33.19 21.50
CA GLN A 147 -21.43 33.03 22.92
C GLN A 147 -20.36 31.96 23.14
N ALA A 148 -20.39 30.90 22.33
CA ALA A 148 -19.36 29.85 22.48
C ALA A 148 -17.99 30.34 22.04
N VAL A 149 -17.93 31.13 20.97
CA VAL A 149 -16.65 31.69 20.52
C VAL A 149 -16.12 32.71 21.51
N ALA A 150 -17.00 33.57 22.03
CA ALA A 150 -16.57 34.53 23.05
C ALA A 150 -16.20 33.87 24.36
N GLN A 151 -16.73 32.67 24.63
CA GLN A 151 -16.31 31.92 25.82
C GLN A 151 -14.94 31.29 25.63
N THR A 152 -14.72 30.63 24.49
CA THR A 152 -13.42 29.99 24.26
C THR A 152 -12.32 30.97 23.86
N GLU A 153 -12.66 32.24 23.59
CA GLU A 153 -11.64 33.25 23.36
C GLU A 153 -10.79 33.50 24.60
N ALA A 154 -11.40 33.42 25.78
CA ALA A 154 -10.72 33.79 27.01
C ALA A 154 -9.64 32.80 27.40
N TYR A 155 -9.78 31.53 27.01
CA TYR A 155 -8.75 30.55 27.35
C TYR A 155 -7.49 30.77 26.53
N TYR A 156 -7.64 31.03 25.23
CA TYR A 156 -6.46 31.32 24.43
C TYR A 156 -5.93 32.72 24.68
N ASP A 157 -6.75 33.62 25.23
CA ASP A 157 -6.20 34.89 25.69
C ASP A 157 -5.38 34.67 26.95
N GLN A 158 -5.82 33.77 27.82
CA GLN A 158 -5.13 33.47 29.07
C GLN A 158 -3.92 32.57 28.88
N LEU A 159 -3.79 31.90 27.74
CA LEU A 159 -2.68 30.96 27.55
C LEU A 159 -1.39 31.68 27.15
N PHE A 160 -1.49 32.74 26.35
CA PHE A 160 -0.34 33.47 25.85
C PHE A 160 -0.12 34.77 26.60
N SER A 161 -0.32 34.83 27.92
CA SER A 161 -0.41 36.13 28.57
C SER A 161 0.37 36.27 29.87
N ASP A 162 1.10 35.24 30.27
CA ASP A 162 1.84 35.31 31.52
C ASP A 162 0.92 35.04 32.70
N ALA A 163 -0.31 34.63 32.41
CA ALA A 163 -1.25 34.34 33.49
C ALA A 163 -0.77 33.14 34.28
N PRO A 164 -0.82 33.24 35.62
CA PRO A 164 -0.41 32.26 36.62
C PRO A 164 -1.21 30.97 36.65
N ALA A 165 -2.53 31.06 36.48
CA ALA A 165 -3.40 29.91 36.55
C ALA A 165 -3.01 28.83 35.55
N LEU A 166 -2.52 29.22 34.37
CA LEU A 166 -2.19 28.28 33.30
C LEU A 166 -0.71 27.96 33.24
N HIS A 167 -0.04 27.85 34.38
CA HIS A 167 1.27 27.21 34.40
C HIS A 167 1.08 25.70 34.31
N ARG A 168 2.21 24.98 34.12
CA ARG A 168 2.31 23.52 33.89
C ARG A 168 1.39 23.00 32.77
N SER A 169 0.87 23.90 31.94
CA SER A 169 0.32 23.65 30.62
C SER A 169 1.01 24.52 29.58
N ARG A 170 1.61 25.62 29.99
CA ARG A 170 2.59 26.36 29.23
C ARG A 170 3.98 25.76 29.36
N GLU A 171 4.12 24.66 30.09
CA GLU A 171 5.38 23.97 30.23
C GLU A 171 5.43 22.67 29.45
N ASN A 172 4.29 22.02 29.25
CA ASN A 172 4.20 20.86 28.38
C ASN A 172 3.96 21.22 26.93
N TYR A 173 3.88 22.51 26.61
CA TYR A 173 3.78 22.97 25.23
C TYR A 173 5.02 23.71 24.78
N ALA A 174 6.00 23.87 25.68
CA ALA A 174 7.29 24.51 25.41
C ALA A 174 7.15 25.95 24.93
N MET A 175 6.20 26.67 25.50
CA MET A 175 6.09 28.12 25.32
C MET A 175 6.75 28.80 26.51
N LYS A 176 7.43 29.93 26.26
CA LYS A 176 8.38 30.41 27.26
C LYS A 176 7.76 30.92 28.56
N GLU A 177 7.22 32.13 28.60
CA GLU A 177 6.29 32.50 29.67
C GLU A 177 5.25 33.49 29.16
N ASN A 178 5.61 34.28 28.16
CA ASN A 178 4.77 35.39 27.72
C ASN A 178 4.27 35.21 26.30
N THR A 179 5.20 35.15 25.32
CA THR A 179 5.03 34.83 23.90
C THR A 179 4.28 35.92 23.12
N LEU A 180 3.63 36.86 23.82
CA LEU A 180 2.93 38.01 23.26
C LEU A 180 2.70 39.05 24.35
N PRO A 181 3.57 40.05 24.48
CA PRO A 181 3.36 41.06 25.53
C PRO A 181 2.16 41.96 25.28
N ASP A 182 1.90 42.33 24.03
CA ASP A 182 0.77 43.19 23.74
C ASP A 182 -0.54 42.41 23.83
N ALA A 183 -1.64 43.15 23.99
CA ALA A 183 -2.94 42.54 24.21
C ALA A 183 -3.80 42.50 22.95
N ASN A 184 -3.76 43.55 22.14
CA ASN A 184 -4.54 43.55 20.91
C ASN A 184 -4.00 42.56 19.90
N ARG A 185 -2.70 42.25 19.97
CA ARG A 185 -2.11 41.27 19.07
C ARG A 185 -2.69 39.88 19.31
N ARG A 186 -2.80 39.45 20.57
CA ARG A 186 -3.43 38.17 20.82
C ARG A 186 -4.94 38.24 20.69
N ARG A 187 -5.54 39.42 20.89
CA ARG A 187 -6.98 39.56 20.66
C ARG A 187 -7.33 39.45 19.18
N GLN A 188 -6.39 39.74 18.29
CA GLN A 188 -6.61 39.49 16.87
C GLN A 188 -6.14 38.11 16.44
N MET A 189 -5.11 37.57 17.10
CA MET A 189 -4.64 36.22 16.81
C MET A 189 -5.72 35.18 17.11
N THR A 190 -6.52 35.42 18.16
CA THR A 190 -7.62 34.51 18.45
C THR A 190 -8.69 34.56 17.36
N HIS A 191 -8.91 35.72 16.75
CA HIS A 191 -9.84 35.81 15.63
C HIS A 191 -9.30 35.09 14.40
N PHE A 192 -7.98 35.14 14.21
CA PHE A 192 -7.36 34.38 13.13
C PHE A 192 -7.52 32.88 13.35
N PHE A 193 -7.39 32.43 14.60
CA PHE A 193 -7.63 31.02 14.90
C PHE A 193 -9.08 30.64 14.67
N PHE A 194 -10.00 31.56 14.94
CA PHE A 194 -11.41 31.33 14.64
C PHE A 194 -11.62 31.15 13.15
N TRP A 195 -10.93 31.95 12.33
CA TRP A 195 -11.10 31.77 10.88
C TRP A 195 -10.52 30.44 10.41
N THR A 196 -9.32 30.11 10.87
CA THR A 196 -8.66 28.89 10.39
C THR A 196 -9.34 27.62 10.90
N ALA A 197 -10.19 27.71 11.91
CA ALA A 197 -11.04 26.59 12.26
C ALA A 197 -12.50 26.83 11.95
N TRP A 198 -12.84 27.95 11.32
CA TRP A 198 -14.13 28.06 10.67
C TRP A 198 -14.10 27.39 9.32
N ALA A 199 -12.98 27.55 8.59
CA ALA A 199 -12.84 26.88 7.30
C ALA A 199 -12.76 25.37 7.44
N ALA A 200 -12.40 24.86 8.62
CA ALA A 200 -12.34 23.43 8.83
C ALA A 200 -13.69 22.80 9.13
N GLY A 201 -14.74 23.60 9.25
CA GLY A 201 -16.03 23.04 9.61
C GLY A 201 -17.11 23.20 8.57
N THR A 202 -17.09 24.28 7.80
CA THR A 202 -18.18 24.55 6.88
C THR A 202 -18.08 23.70 5.62
N GLU A 203 -19.25 23.35 5.09
CA GLU A 203 -19.39 22.53 3.91
C GLU A 203 -19.15 23.36 2.66
N ARG A 204 -18.54 22.76 1.64
CA ARG A 204 -18.40 23.43 0.36
C ARG A 204 -19.75 23.41 -0.35
N GLU A 205 -19.87 24.16 -1.45
CA GLU A 205 -21.16 24.40 -2.12
C GLU A 205 -21.63 23.12 -2.80
N GLY A 206 -22.57 22.44 -2.17
CA GLY A 206 -23.23 21.29 -2.76
C GLY A 206 -22.55 19.95 -2.52
N THR A 207 -21.26 19.95 -2.17
CA THR A 207 -20.56 18.69 -1.97
C THR A 207 -20.78 18.16 -0.55
N SER A 208 -20.06 17.10 -0.21
CA SER A 208 -20.13 16.52 1.12
C SER A 208 -18.82 16.60 1.89
N VAL A 209 -17.89 17.43 1.45
CA VAL A 209 -16.60 17.62 2.11
C VAL A 209 -16.46 19.09 2.49
N THR A 210 -15.57 19.37 3.42
CA THR A 210 -15.40 20.73 3.91
C THR A 210 -14.50 21.52 2.97
N TYR A 211 -14.11 22.72 3.41
CA TYR A 211 -13.20 23.54 2.61
C TYR A 211 -11.79 22.97 2.64
N THR A 212 -11.38 22.42 3.78
CA THR A 212 -10.06 21.83 3.94
C THR A 212 -10.07 20.32 3.68
N ASN A 213 -11.07 19.84 2.93
CA ASN A 213 -11.20 18.45 2.50
C ASN A 213 -11.36 17.49 3.69
N ASN A 214 -12.27 17.86 4.60
CA ASN A 214 -12.72 17.03 5.73
C ASN A 214 -11.61 16.70 6.71
N TRP A 215 -10.65 17.61 6.92
CA TRP A 215 -9.40 17.18 7.55
C TRP A 215 -9.50 16.83 9.03
N PRO A 216 -9.83 17.75 9.97
CA PRO A 216 -9.58 17.43 11.39
C PRO A 216 -10.54 16.38 11.90
N HIS A 217 -10.04 15.16 12.10
CA HIS A 217 -10.87 13.97 12.27
C HIS A 217 -11.60 14.08 13.59
N GLU A 218 -12.86 14.53 13.52
CA GLU A 218 -13.65 14.86 14.70
C GLU A 218 -14.96 14.10 14.62
N PRO A 219 -15.25 13.21 15.58
CA PRO A 219 -16.51 12.47 15.54
C PRO A 219 -17.73 13.27 15.97
N LEU A 220 -17.59 14.54 16.35
CA LEU A 220 -18.76 15.32 16.74
C LEU A 220 -19.51 15.84 15.53
N ILE A 221 -18.80 16.50 14.61
CA ILE A 221 -19.45 17.09 13.44
C ILE A 221 -19.26 16.23 12.19
N GLY A 222 -18.94 14.96 12.36
CA GLY A 222 -18.88 14.04 11.24
C GLY A 222 -17.74 14.29 10.29
N ASN A 223 -16.52 14.35 10.80
CA ASN A 223 -15.34 14.57 9.97
C ASN A 223 -14.61 13.25 9.78
N HIS A 224 -15.06 12.51 8.76
CA HIS A 224 -14.52 11.20 8.38
C HIS A 224 -14.10 11.28 6.93
N PRO A 225 -13.08 10.51 6.53
CA PRO A 225 -12.62 10.60 5.13
C PRO A 225 -13.71 10.24 4.13
N SER A 226 -13.53 10.71 2.91
CA SER A 226 -14.56 10.65 1.88
C SER A 226 -14.62 9.24 1.30
N SER A 227 -15.30 9.08 0.17
CA SER A 227 -15.21 7.79 -0.51
C SER A 227 -14.16 7.85 -1.61
N GLU A 228 -14.12 8.97 -2.33
CA GLU A 228 -13.13 9.17 -3.37
C GLU A 228 -11.71 9.25 -2.80
N ASN A 229 -11.58 9.63 -1.53
CA ASN A 229 -10.31 9.53 -0.82
C ASN A 229 -9.80 8.08 -0.78
N VAL A 230 -10.66 7.15 -0.36
CA VAL A 230 -10.25 5.76 -0.24
C VAL A 230 -10.05 5.13 -1.62
N MET A 231 -10.87 5.54 -2.59
CA MET A 231 -10.75 5.04 -3.95
C MET A 231 -9.43 5.48 -4.59
N TRP A 232 -9.03 6.74 -4.37
CA TRP A 232 -7.73 7.19 -4.88
C TRP A 232 -6.57 6.59 -4.11
N SER A 233 -6.78 6.20 -2.85
CA SER A 233 -5.75 5.46 -2.13
C SER A 233 -5.46 4.11 -2.77
N ILE A 234 -6.52 3.35 -3.07
CA ILE A 234 -6.32 2.03 -3.67
C ILE A 234 -5.75 2.14 -5.09
N ILE A 235 -6.17 3.17 -5.83
CA ILE A 235 -5.59 3.43 -7.15
C ILE A 235 -4.11 3.77 -7.05
N SER A 236 -3.71 4.50 -5.99
CA SER A 236 -2.30 4.82 -5.78
C SER A 236 -1.47 3.58 -5.50
N VAL A 237 -2.02 2.64 -4.71
CA VAL A 237 -1.30 1.41 -4.39
C VAL A 237 -1.08 0.55 -5.65
N VAL A 238 -2.12 0.41 -6.49
CA VAL A 238 -1.96 -0.43 -7.67
C VAL A 238 -1.06 0.24 -8.70
N VAL A 239 -1.05 1.58 -8.73
CA VAL A 239 -0.13 2.30 -9.61
C VAL A 239 1.32 2.05 -9.20
N LEU A 240 1.59 2.03 -7.89
CA LEU A 240 2.95 1.76 -7.40
C LEU A 240 3.42 0.36 -7.78
N LEU A 241 2.59 -0.66 -7.51
CA LEU A 241 3.06 -2.03 -7.75
C LEU A 241 3.16 -2.34 -9.25
N ALA A 242 2.19 -1.86 -10.05
CA ALA A 242 2.27 -2.06 -11.48
C ALA A 242 3.32 -1.19 -12.13
N GLY A 243 3.83 -0.18 -11.43
CA GLY A 243 4.98 0.53 -11.94
C GLY A 243 6.27 -0.23 -11.70
N ILE A 244 6.44 -0.75 -10.47
CA ILE A 244 7.69 -1.43 -10.12
C ILE A 244 7.89 -2.67 -10.97
N GLY A 245 6.82 -3.46 -11.14
CA GLY A 245 6.96 -4.71 -11.90
C GLY A 245 7.26 -4.48 -13.36
N LEU A 246 6.60 -3.49 -13.97
CA LEU A 246 6.85 -3.19 -15.37
C LEU A 246 8.20 -2.52 -15.59
N LEU A 247 8.70 -1.74 -14.62
CA LEU A 247 10.03 -1.17 -14.75
C LEU A 247 11.11 -2.24 -14.71
N ILE A 248 10.98 -3.22 -13.79
CA ILE A 248 11.96 -4.30 -13.76
C ILE A 248 11.85 -5.20 -15.00
N TRP A 249 10.62 -5.39 -15.50
CA TRP A 249 10.42 -6.17 -16.73
C TRP A 249 11.09 -5.52 -17.93
N ALA A 250 10.81 -4.23 -18.17
CA ALA A 250 11.39 -3.53 -19.30
C ALA A 250 12.88 -3.25 -19.11
N TRP A 251 13.38 -3.27 -17.87
CA TRP A 251 14.83 -3.22 -17.67
C TRP A 251 15.47 -4.53 -18.06
N ALA A 252 14.86 -5.65 -17.69
CA ALA A 252 15.46 -6.95 -17.96
C ALA A 252 15.37 -7.35 -19.42
N PHE A 253 14.39 -6.83 -20.16
CA PHE A 253 14.26 -7.24 -21.55
C PHE A 253 14.92 -6.30 -22.55
N LEU A 254 14.92 -4.99 -22.29
CA LEU A 254 15.47 -4.02 -23.22
C LEU A 254 16.89 -3.61 -22.78
N ARG A 255 17.85 -4.50 -23.04
CA ARG A 255 19.24 -4.19 -22.78
C ARG A 255 20.09 -4.81 -23.89
N GLY A 256 21.27 -4.25 -24.09
CA GLY A 256 22.18 -4.72 -25.12
C GLY A 256 23.25 -3.71 -25.49
N PRO A 262 36.96 -0.77 -21.71
CA PRO A 262 37.33 0.49 -21.05
C PRO A 262 38.55 0.37 -20.15
N PRO A 263 39.75 0.46 -20.72
CA PRO A 263 40.96 0.32 -19.92
C PRO A 263 41.19 1.54 -19.05
N ALA A 264 41.45 1.29 -17.77
CA ALA A 264 41.67 2.39 -16.84
C ALA A 264 43.09 2.92 -16.98
N PRO A 265 43.28 4.24 -16.89
CA PRO A 265 44.64 4.80 -16.95
C PRO A 265 45.39 4.52 -15.66
N ALA A 266 46.72 4.65 -15.75
CA ALA A 266 47.60 4.35 -14.63
C ALA A 266 47.83 5.53 -13.72
N ARG A 267 47.29 6.70 -14.05
CA ARG A 267 47.46 7.89 -13.22
C ARG A 267 46.11 8.59 -13.10
N ASP A 268 45.91 9.25 -11.96
CA ASP A 268 44.69 9.99 -11.71
C ASP A 268 44.72 11.23 -12.60
N PRO A 269 43.73 11.45 -13.47
CA PRO A 269 43.81 12.57 -14.40
C PRO A 269 43.51 13.93 -13.79
N LEU A 270 43.18 14.01 -12.51
CA LEU A 270 42.95 15.31 -11.88
C LEU A 270 44.21 15.91 -11.27
N THR A 271 45.18 15.08 -10.88
CA THR A 271 46.44 15.60 -10.36
C THR A 271 47.38 16.07 -11.45
N THR A 272 47.03 15.85 -12.72
CA THR A 272 47.85 16.33 -13.82
C THR A 272 47.58 17.79 -14.18
N PHE A 273 46.54 18.39 -13.60
CA PHE A 273 46.21 19.78 -13.93
C PHE A 273 46.97 20.76 -13.03
N ALA A 274 46.82 20.58 -11.71
CA ALA A 274 47.50 21.36 -10.67
C ALA A 274 47.19 22.86 -10.80
N LEU A 275 45.93 23.20 -10.57
CA LEU A 275 45.44 24.57 -10.65
C LEU A 275 45.47 25.16 -9.24
N THR A 276 46.44 26.05 -9.00
CA THR A 276 46.64 26.68 -7.70
C THR A 276 45.77 27.91 -7.33
N PRO A 277 45.44 28.91 -8.23
CA PRO A 277 44.93 30.17 -7.66
C PRO A 277 43.47 30.17 -7.22
N SER A 278 42.58 29.45 -7.93
CA SER A 278 41.17 29.51 -7.57
C SER A 278 40.75 28.38 -6.64
N GLN A 279 41.16 27.15 -6.93
CA GLN A 279 40.70 26.00 -6.17
C GLN A 279 41.33 25.91 -4.79
N ARG A 280 42.37 26.69 -4.49
CA ARG A 280 42.89 26.76 -3.13
C ARG A 280 42.06 27.66 -2.23
N ALA A 281 41.09 28.38 -2.78
CA ALA A 281 40.24 29.26 -2.00
C ALA A 281 38.94 28.59 -1.59
N LEU A 282 38.91 27.27 -1.49
CA LEU A 282 37.72 26.56 -1.05
C LEU A 282 37.85 26.01 0.36
N GLY A 283 38.97 26.27 1.04
CA GLY A 283 39.09 25.92 2.45
C GLY A 283 38.11 26.64 3.33
N LYS A 284 37.74 27.86 2.97
CA LYS A 284 36.70 28.59 3.71
C LYS A 284 35.35 27.89 3.59
N TYR A 285 35.02 27.40 2.40
CA TYR A 285 33.75 26.70 2.22
C TYR A 285 33.76 25.35 2.92
N LEU A 286 34.88 24.63 2.84
CA LEU A 286 34.97 23.35 3.53
C LEU A 286 35.07 23.50 5.03
N PHE A 287 35.41 24.68 5.54
CA PHE A 287 35.28 24.94 6.96
C PHE A 287 33.85 25.33 7.34
N LEU A 288 33.18 26.09 6.46
CA LEU A 288 31.82 26.54 6.74
C LEU A 288 30.84 25.37 6.78
N VAL A 289 31.07 24.36 5.93
CA VAL A 289 30.22 23.17 5.90
C VAL A 289 30.27 22.44 7.24
N VAL A 290 31.48 22.17 7.74
CA VAL A 290 31.58 21.40 8.97
C VAL A 290 31.24 22.25 10.19
N ALA A 291 31.46 23.56 10.12
CA ALA A 291 31.08 24.42 11.25
C ALA A 291 29.58 24.49 11.39
N LEU A 292 28.85 24.68 10.28
CA LEU A 292 27.41 24.68 10.35
C LEU A 292 26.85 23.30 10.66
N PHE A 293 27.56 22.23 10.27
CA PHE A 293 27.10 20.89 10.60
C PHE A 293 27.21 20.60 12.09
N GLY A 294 28.34 20.95 12.70
CA GLY A 294 28.49 20.78 14.13
C GLY A 294 27.53 21.65 14.93
N PHE A 295 27.36 22.91 14.49
CA PHE A 295 26.40 23.80 15.15
C PHE A 295 24.98 23.31 15.01
N GLN A 296 24.64 22.67 13.89
CA GLN A 296 23.29 22.18 13.67
C GLN A 296 23.00 20.92 14.47
N VAL A 297 23.99 20.03 14.62
CA VAL A 297 23.78 18.87 15.47
C VAL A 297 23.69 19.29 16.94
N LEU A 298 24.46 20.31 17.35
CA LEU A 298 24.32 20.82 18.72
C LEU A 298 22.98 21.47 18.97
N LEU A 299 22.46 22.24 18.00
CA LEU A 299 21.10 22.78 18.13
C LEU A 299 20.05 21.67 18.16
N GLY A 300 20.29 20.58 17.43
CA GLY A 300 19.36 19.47 17.48
C GLY A 300 19.34 18.80 18.84
N GLY A 301 20.52 18.63 19.44
CA GLY A 301 20.58 18.12 20.79
C GLY A 301 20.06 19.08 21.85
N PHE A 302 20.02 20.37 21.53
CA PHE A 302 19.48 21.37 22.43
C PHE A 302 17.97 21.51 22.32
N THR A 303 17.40 21.27 21.13
CA THR A 303 15.95 21.39 20.95
C THR A 303 15.19 20.13 21.32
N ALA A 304 15.87 18.99 21.47
CA ALA A 304 15.22 17.78 21.94
C ALA A 304 15.18 17.70 23.45
N HIS A 305 15.97 18.53 24.14
CA HIS A 305 15.90 18.60 25.58
C HIS A 305 14.63 19.29 26.04
N TYR A 306 14.13 20.26 25.26
CA TYR A 306 12.89 20.95 25.60
C TYR A 306 11.67 20.06 25.44
N THR A 307 11.79 18.96 24.70
CA THR A 307 10.70 17.99 24.64
C THR A 307 10.60 17.21 25.95
N VAL A 308 11.73 16.66 26.41
CA VAL A 308 11.72 15.77 27.57
C VAL A 308 11.46 16.55 28.85
N GLU A 309 12.35 17.47 29.18
CA GLU A 309 12.14 18.35 30.31
C GLU A 309 11.21 19.49 29.91
N GLY A 310 10.97 20.39 30.85
CA GLY A 310 10.17 21.56 30.56
C GLY A 310 11.08 22.67 30.11
N GLN A 311 11.20 23.72 30.91
CA GLN A 311 12.18 24.78 30.70
C GLN A 311 12.95 24.96 32.00
N LYS A 312 13.92 24.07 32.23
CA LYS A 312 14.74 24.12 33.43
C LYS A 312 16.22 24.22 33.11
N PHE A 313 16.73 23.29 32.28
CA PHE A 313 18.14 23.21 31.87
C PHE A 313 19.10 23.13 33.05
N TYR A 314 18.72 22.33 34.05
CA TYR A 314 19.55 21.98 35.20
C TYR A 314 20.00 23.21 36.00
N GLY A 315 19.01 23.92 36.54
CA GLY A 315 19.29 25.13 37.30
C GLY A 315 18.58 26.33 36.73
N ILE A 316 19.36 27.32 36.24
CA ILE A 316 18.75 28.49 35.65
C ILE A 316 18.22 28.15 34.27
N ASP A 317 17.11 28.77 33.89
CA ASP A 317 16.49 28.48 32.61
C ASP A 317 16.91 29.49 31.56
N LEU A 318 17.32 28.99 30.40
CA LEU A 318 17.56 29.84 29.24
C LEU A 318 16.31 29.91 28.38
N SER A 319 15.18 30.23 29.01
CA SER A 319 13.89 30.13 28.35
C SER A 319 13.30 31.45 27.94
N GLN A 320 13.64 32.54 28.62
CA GLN A 320 13.18 33.85 28.19
C GLN A 320 14.09 34.47 27.13
N TRP A 321 15.26 33.88 26.88
CA TRP A 321 16.13 34.32 25.80
C TRP A 321 16.17 33.34 24.65
N PHE A 322 16.29 32.03 24.93
CA PHE A 322 16.42 31.00 23.91
C PHE A 322 15.27 30.00 24.05
N PRO A 323 14.07 30.35 23.59
CA PRO A 323 12.94 29.42 23.74
C PRO A 323 12.98 28.30 22.72
N TYR A 324 11.92 27.49 22.67
CA TYR A 324 11.86 26.35 21.78
C TYR A 324 11.75 26.76 20.32
N SER A 325 11.05 27.86 20.04
CA SER A 325 10.83 28.30 18.66
C SER A 325 12.13 28.77 18.02
N LEU A 326 12.96 29.47 18.79
CA LEU A 326 14.25 29.97 18.28
C LEU A 326 15.19 28.83 17.93
N VAL A 327 15.30 27.84 18.82
CA VAL A 327 16.25 26.77 18.56
C VAL A 327 15.73 25.83 17.48
N ARG A 328 14.41 25.70 17.35
CA ARG A 328 13.88 24.88 16.27
C ARG A 328 14.08 25.57 14.92
N THR A 329 13.87 26.89 14.86
CA THR A 329 14.09 27.65 13.64
C THR A 329 15.54 27.58 13.20
N TRP A 330 16.46 27.71 14.15
CA TRP A 330 17.87 27.62 13.80
C TRP A 330 18.26 26.20 13.38
N HIS A 331 17.65 25.19 14.01
CA HIS A 331 17.92 23.80 13.69
C HIS A 331 17.50 23.42 12.28
N ILE A 332 16.43 24.04 11.79
CA ILE A 332 16.08 23.79 10.39
C ILE A 332 16.94 24.61 9.44
N GLN A 333 17.14 25.91 9.75
CA GLN A 333 17.73 26.80 8.75
C GLN A 333 19.23 26.57 8.56
N SER A 334 19.97 26.32 9.64
CA SER A 334 21.39 26.03 9.44
C SER A 334 21.60 24.69 8.77
N ALA A 335 20.65 23.77 8.94
CA ALA A 335 20.69 22.51 8.21
C ALA A 335 20.57 22.71 6.71
N LEU A 336 19.56 23.50 6.29
CA LEU A 336 19.41 23.80 4.87
C LEU A 336 20.60 24.59 4.33
N PHE A 337 21.19 25.45 5.16
CA PHE A 337 22.34 26.25 4.71
C PHE A 337 23.56 25.38 4.45
N TRP A 338 23.86 24.42 5.34
CA TRP A 338 25.06 23.62 5.09
C TRP A 338 24.84 22.60 3.99
N ILE A 339 23.63 22.06 3.86
CA ILE A 339 23.32 21.19 2.71
C ILE A 339 23.44 21.95 1.40
N ALA A 340 23.09 23.24 1.38
CA ALA A 340 23.25 24.02 0.17
C ALA A 340 24.72 24.32 -0.12
N THR A 341 25.48 24.73 0.90
CA THR A 341 26.84 25.18 0.60
C THR A 341 27.80 24.03 0.32
N GLY A 342 27.44 22.80 0.69
CA GLY A 342 28.22 21.65 0.22
C GLY A 342 28.21 21.51 -1.29
N PHE A 343 27.00 21.52 -1.89
CA PHE A 343 26.87 21.50 -3.34
C PHE A 343 27.46 22.75 -3.98
N LEU A 344 27.39 23.89 -3.28
CA LEU A 344 27.95 25.13 -3.80
C LEU A 344 29.46 25.03 -3.94
N ALA A 345 30.13 24.50 -2.91
CA ALA A 345 31.58 24.30 -2.96
C ALA A 345 31.97 23.27 -4.00
N ALA A 346 31.16 22.21 -4.16
CA ALA A 346 31.46 21.19 -5.16
C ALA A 346 31.35 21.75 -6.57
N GLY A 347 30.32 22.55 -6.84
CA GLY A 347 30.18 23.16 -8.15
C GLY A 347 31.27 24.18 -8.44
N LEU A 348 31.66 24.97 -7.43
CA LEU A 348 32.74 25.92 -7.66
C LEU A 348 34.10 25.23 -7.80
N PHE A 349 34.27 24.03 -7.24
CA PHE A 349 35.45 23.25 -7.58
C PHE A 349 35.38 22.75 -9.01
N LEU A 350 34.20 22.33 -9.45
CA LEU A 350 34.07 21.78 -10.80
C LEU A 350 34.07 22.84 -11.89
N ALA A 351 33.99 24.12 -11.52
CA ALA A 351 33.94 25.19 -12.53
C ALA A 351 35.18 25.28 -13.41
N PRO A 352 36.40 25.52 -12.90
CA PRO A 352 37.51 25.77 -13.82
C PRO A 352 38.15 24.52 -14.40
N LEU A 353 37.70 23.34 -14.01
CA LEU A 353 38.30 22.09 -14.46
C LEU A 353 37.78 21.66 -15.82
N ILE A 354 36.61 22.18 -16.23
CA ILE A 354 36.01 21.74 -17.48
C ILE A 354 36.72 22.39 -18.67
N ASN A 355 36.97 23.69 -18.60
CA ASN A 355 37.62 24.41 -19.71
C ASN A 355 39.14 24.31 -19.69
N GLY A 356 39.64 23.08 -19.64
CA GLY A 356 41.08 22.87 -19.52
C GLY A 356 41.51 23.09 -18.09
N GLY A 357 42.60 23.83 -17.91
CA GLY A 357 43.11 24.07 -16.58
C GLY A 357 43.37 25.54 -16.30
N ARG A 358 42.58 26.43 -16.88
CA ARG A 358 42.74 27.85 -16.68
C ARG A 358 41.45 28.46 -16.16
N ASP A 359 41.58 29.58 -15.48
CA ASP A 359 40.53 30.31 -14.81
C ASP A 359 40.01 31.44 -15.69
N PRO A 360 38.75 31.83 -15.54
CA PRO A 360 38.26 33.05 -16.20
C PRO A 360 38.82 34.29 -15.52
N LYS A 361 38.56 35.43 -16.15
CA LYS A 361 39.02 36.70 -15.64
C LYS A 361 38.21 37.09 -14.40
N TYR A 362 38.92 37.48 -13.34
CA TYR A 362 38.36 37.82 -12.03
C TYR A 362 37.53 36.68 -11.45
N GLN A 363 38.13 35.48 -11.45
CA GLN A 363 37.46 34.32 -10.88
C GLN A 363 37.66 34.23 -9.38
N LYS A 364 38.85 34.59 -8.89
CA LYS A 364 39.13 34.51 -7.46
C LYS A 364 38.36 35.57 -6.69
N ALA A 365 38.05 36.70 -7.33
CA ALA A 365 37.36 37.79 -6.63
C ALA A 365 35.92 37.41 -6.31
N GLY A 366 35.23 36.75 -7.25
CA GLY A 366 33.86 36.33 -7.00
C GLY A 366 33.77 35.26 -5.93
N VAL A 367 34.73 34.34 -5.92
CA VAL A 367 34.80 33.32 -4.86
C VAL A 367 35.10 33.97 -3.52
N ASP A 368 35.99 34.95 -3.51
CA ASP A 368 36.37 35.61 -2.27
C ASP A 368 35.30 36.56 -1.75
N ILE A 369 34.34 36.98 -2.57
CA ILE A 369 33.23 37.77 -2.04
C ILE A 369 31.97 36.94 -1.76
N LEU A 370 31.80 35.80 -2.43
CA LEU A 370 30.61 34.98 -2.23
C LEU A 370 30.58 34.37 -0.84
N PHE A 371 31.75 34.02 -0.31
CA PHE A 371 31.84 33.43 1.02
C PHE A 371 31.43 34.42 2.10
N TRP A 372 31.89 35.67 1.98
CA TRP A 372 31.51 36.67 2.97
C TRP A 372 30.06 37.09 2.81
N ALA A 373 29.52 37.03 1.57
CA ALA A 373 28.10 37.27 1.38
C ALA A 373 27.25 36.18 2.04
N LEU A 374 27.66 34.92 1.90
CA LEU A 374 26.93 33.83 2.55
C LEU A 374 26.99 33.93 4.07
N VAL A 375 28.15 34.27 4.62
CA VAL A 375 28.23 34.29 6.07
C VAL A 375 27.50 35.52 6.63
N LEU A 376 27.45 36.59 5.83
CA LEU A 376 26.69 37.79 6.20
C LEU A 376 25.18 37.48 6.24
N VAL A 377 24.70 36.74 5.24
CA VAL A 377 23.30 36.30 5.18
C VAL A 377 22.97 35.40 6.37
N VAL A 378 23.89 34.51 6.75
CA VAL A 378 23.66 33.60 7.87
C VAL A 378 23.52 34.37 9.18
N VAL A 379 24.48 35.27 9.46
CA VAL A 379 24.42 35.96 10.75
C VAL A 379 23.29 36.99 10.79
N GLY A 380 22.94 37.58 9.64
CA GLY A 380 21.82 38.52 9.63
C GLY A 380 20.48 37.83 9.79
N SER A 381 20.34 36.63 9.21
CA SER A 381 19.11 35.86 9.41
C SER A 381 18.97 35.41 10.86
N PHE A 382 20.07 35.00 11.49
CA PHE A 382 19.96 34.53 12.87
C PHE A 382 19.72 35.70 13.82
N ALA A 383 20.30 36.86 13.53
CA ALA A 383 20.00 38.06 14.32
C ALA A 383 18.56 38.49 14.14
N GLY A 384 18.02 38.35 12.93
CA GLY A 384 16.62 38.68 12.71
C GLY A 384 15.67 37.76 13.44
N ASN A 385 15.98 36.46 13.48
CA ASN A 385 15.17 35.52 14.26
C ASN A 385 15.23 35.85 15.74
N TYR A 386 16.41 36.19 16.26
CA TYR A 386 16.53 36.48 17.69
C TYR A 386 15.85 37.79 18.05
N LEU A 387 15.89 38.78 17.17
CA LEU A 387 15.25 40.05 17.46
C LEU A 387 13.78 40.08 17.07
N ALA A 388 13.27 39.03 16.43
CA ALA A 388 11.84 38.97 16.12
C ALA A 388 11.05 38.08 17.05
N ILE A 389 11.62 36.95 17.50
CA ILE A 389 10.85 36.09 18.39
C ILE A 389 10.77 36.68 19.80
N ALA A 390 11.77 37.45 20.21
CA ALA A 390 11.75 38.07 21.53
C ALA A 390 10.79 39.27 21.63
N GLN A 391 10.15 39.66 20.52
CA GLN A 391 9.21 40.78 20.44
C GLN A 391 9.81 42.10 20.93
N ILE A 392 10.93 42.47 20.30
CA ILE A 392 11.53 43.78 20.47
C ILE A 392 11.37 44.62 19.20
N MET A 393 11.49 43.97 18.05
CA MET A 393 11.40 44.65 16.77
C MET A 393 9.94 45.00 16.47
N PRO A 394 9.68 46.20 15.92
CA PRO A 394 8.29 46.65 15.79
C PRO A 394 7.51 45.84 14.79
N PRO A 395 6.19 45.68 14.98
CA PRO A 395 5.41 44.77 14.13
C PRO A 395 5.17 45.27 12.72
N ASP A 396 5.44 46.54 12.44
CA ASP A 396 5.35 47.03 11.07
C ASP A 396 6.46 46.42 10.23
N LEU A 397 7.68 46.43 10.78
CA LEU A 397 8.85 45.90 10.09
C LEU A 397 9.15 44.51 10.65
N ASN A 398 8.43 43.52 10.13
CA ASN A 398 8.58 42.14 10.57
C ASN A 398 8.91 41.18 9.44
N PHE A 399 8.19 41.28 8.33
CA PHE A 399 8.34 40.32 7.24
C PHE A 399 9.65 40.52 6.48
N TRP A 400 10.16 41.74 6.45
CA TRP A 400 11.32 42.03 5.63
C TRP A 400 12.60 41.53 6.28
N LEU A 401 12.91 42.00 7.47
CA LEU A 401 13.93 41.40 8.32
C LEU A 401 13.28 41.00 9.64
N GLY A 402 13.69 39.86 10.17
CA GLY A 402 13.03 39.32 11.34
C GLY A 402 12.65 37.87 11.21
N HIS A 403 11.35 37.58 11.24
CA HIS A 403 10.84 36.22 11.16
C HIS A 403 9.64 36.19 10.23
N GLN A 404 9.68 35.32 9.23
CA GLN A 404 8.56 35.21 8.30
C GLN A 404 7.38 34.51 8.96
N GLY A 405 7.60 33.30 9.43
CA GLY A 405 6.55 32.55 10.09
C GLY A 405 6.39 31.14 9.55
N TYR A 406 6.57 30.98 8.25
CA TYR A 406 6.39 29.70 7.60
C TYR A 406 7.68 28.91 7.67
N GLU A 407 7.58 27.63 8.01
CA GLU A 407 8.80 26.85 8.19
C GLU A 407 9.43 26.53 6.85
N TYR A 408 10.77 26.38 6.87
CA TYR A 408 11.73 26.21 5.77
C TYR A 408 11.96 27.48 4.98
N VAL A 409 11.21 28.54 5.26
CA VAL A 409 11.47 29.86 4.69
C VAL A 409 11.50 30.89 5.80
N ASP A 410 11.94 30.48 7.00
CA ASP A 410 11.83 31.33 8.18
C ASP A 410 12.76 32.53 8.17
N LEU A 411 13.72 32.59 7.26
CA LEU A 411 14.54 33.78 7.13
C LEU A 411 13.71 34.91 6.52
N GLY A 412 13.99 36.14 6.94
CA GLY A 412 13.23 37.28 6.50
C GLY A 412 13.40 37.58 5.02
N ARG A 413 12.58 38.52 4.53
CA ARG A 413 12.49 38.75 3.08
C ARG A 413 13.75 39.39 2.52
N LEU A 414 14.36 40.33 3.27
CA LEU A 414 15.61 40.93 2.84
C LEU A 414 16.74 39.90 2.82
N TRP A 415 16.82 39.06 3.85
CA TRP A 415 17.80 37.99 3.84
C TRP A 415 17.48 36.93 2.78
N GLN A 416 16.21 36.77 2.43
CA GLN A 416 15.86 35.85 1.36
C GLN A 416 16.34 36.38 0.01
N ILE A 417 16.22 37.70 -0.21
CA ILE A 417 16.77 38.32 -1.42
C ILE A 417 18.30 38.21 -1.40
N GLY A 418 18.90 38.28 -0.21
CA GLY A 418 20.34 38.08 -0.11
C GLY A 418 20.78 36.68 -0.49
N LYS A 419 20.03 35.66 -0.05
CA LYS A 419 20.37 34.27 -0.41
C LYS A 419 20.14 34.02 -1.90
N PHE A 420 19.07 34.60 -2.46
CA PHE A 420 18.82 34.45 -3.89
C PHE A 420 19.89 35.17 -4.71
N ALA A 421 20.38 36.31 -4.22
CA ALA A 421 21.45 37.02 -4.92
C ALA A 421 22.76 36.26 -4.84
N GLY A 422 23.03 35.61 -3.71
CA GLY A 422 24.22 34.79 -3.60
C GLY A 422 24.19 33.58 -4.52
N ILE A 423 23.02 32.93 -4.63
CA ILE A 423 22.91 31.79 -5.54
C ILE A 423 22.96 32.26 -7.00
N CYS A 424 22.45 33.46 -7.30
CA CYS A 424 22.60 33.99 -8.65
C CYS A 424 24.04 34.36 -8.96
N PHE A 425 24.80 34.81 -7.97
CA PHE A 425 26.23 35.06 -8.18
C PHE A 425 26.99 33.76 -8.41
N TRP A 426 26.59 32.70 -7.71
CA TRP A 426 27.16 31.38 -7.98
C TRP A 426 26.79 30.90 -9.37
N LEU A 427 25.58 31.24 -9.83
CA LEU A 427 25.14 30.89 -11.17
C LEU A 427 25.98 31.59 -12.24
N VAL A 428 26.24 32.89 -12.07
CA VAL A 428 27.02 33.59 -13.08
C VAL A 428 28.50 33.21 -12.97
N LEU A 429 28.98 32.80 -11.80
CA LEU A 429 30.34 32.28 -11.70
C LEU A 429 30.47 30.92 -12.34
N MET A 430 29.40 30.13 -12.38
CA MET A 430 29.42 28.89 -13.14
C MET A 430 29.41 29.17 -14.64
N LEU A 431 28.52 30.06 -15.07
CA LEU A 431 28.36 30.29 -16.51
C LEU A 431 29.50 31.09 -17.11
N ARG A 432 30.25 31.87 -16.33
CA ARG A 432 31.45 32.49 -16.88
C ARG A 432 32.60 31.50 -17.03
N GLY A 433 32.48 30.31 -16.44
CA GLY A 433 33.52 29.31 -16.58
C GLY A 433 33.12 28.12 -17.42
N ILE A 434 31.85 28.00 -17.79
CA ILE A 434 31.44 26.81 -18.54
C ILE A 434 31.18 27.12 -20.01
N VAL A 435 30.79 28.35 -20.34
CA VAL A 435 30.58 28.71 -21.74
C VAL A 435 31.82 28.76 -22.65
N PRO A 436 33.07 28.93 -22.21
CA PRO A 436 34.17 28.68 -23.14
C PRO A 436 34.55 27.22 -23.32
N ALA A 437 33.75 26.28 -22.80
CA ALA A 437 34.02 24.87 -22.95
C ALA A 437 33.08 24.15 -23.91
N LEU A 438 31.85 24.63 -24.06
CA LEU A 438 30.93 24.03 -25.01
C LEU A 438 30.70 24.88 -26.25
N ARG A 439 31.21 26.11 -26.29
CA ARG A 439 31.15 26.92 -27.49
C ARG A 439 32.35 26.72 -28.41
N THR A 440 33.25 25.80 -28.04
CA THR A 440 34.34 25.40 -28.91
C THR A 440 33.84 24.37 -29.93
N PRO A 441 34.43 24.34 -31.14
CA PRO A 441 33.95 23.39 -32.15
C PRO A 441 34.32 21.95 -31.85
N GLY A 442 33.54 21.32 -30.96
CA GLY A 442 33.71 19.93 -30.63
C GLY A 442 32.43 19.15 -30.87
N GLY A 443 32.49 17.85 -30.58
CA GLY A 443 31.34 16.98 -30.78
C GLY A 443 30.97 16.16 -29.56
N ASP A 444 31.33 16.65 -28.37
CA ASP A 444 31.09 15.92 -27.13
C ASP A 444 30.35 16.78 -26.11
N LYS A 445 29.50 17.70 -26.56
CA LYS A 445 28.75 18.55 -25.64
C LYS A 445 27.38 17.95 -25.30
N ASN A 446 27.41 16.67 -24.94
CA ASN A 446 26.19 15.95 -24.59
C ASN A 446 25.91 16.02 -23.10
N LEU A 447 26.92 15.77 -22.26
CA LEU A 447 26.73 15.85 -20.82
C LEU A 447 26.73 17.29 -20.32
N LEU A 448 27.49 18.17 -20.98
CA LEU A 448 27.62 19.54 -20.51
C LEU A 448 26.34 20.34 -20.71
N ALA A 449 25.54 20.01 -21.73
CA ALA A 449 24.26 20.68 -21.90
C ALA A 449 23.29 20.31 -20.79
N LEU A 450 23.25 19.02 -20.42
CA LEU A 450 22.45 18.58 -19.29
C LEU A 450 22.92 19.21 -17.98
N LEU A 451 24.24 19.32 -17.80
CA LEU A 451 24.77 19.95 -16.60
C LEU A 451 24.46 21.44 -16.57
N THR A 452 24.48 22.11 -17.73
CA THR A 452 24.16 23.54 -17.78
C THR A 452 22.68 23.77 -17.49
N ALA A 453 21.82 22.89 -18.00
CA ALA A 453 20.40 22.98 -17.68
C ALA A 453 20.13 22.68 -16.21
N SER A 454 20.91 21.77 -15.61
CA SER A 454 20.75 21.50 -14.18
C SER A 454 21.21 22.67 -13.33
N VAL A 455 22.29 23.35 -13.74
CA VAL A 455 22.73 24.54 -13.02
C VAL A 455 21.71 25.67 -13.16
N GLY A 456 21.15 25.84 -14.35
CA GLY A 456 20.10 26.82 -14.54
C GLY A 456 18.82 26.50 -13.79
N ALA A 457 18.56 25.21 -13.54
CA ALA A 457 17.42 24.83 -12.73
C ALA A 457 17.68 25.05 -11.24
N ILE A 458 18.87 24.66 -10.76
CA ILE A 458 19.17 24.74 -9.34
C ILE A 458 19.37 26.19 -8.90
N GLY A 459 19.71 27.09 -9.83
CA GLY A 459 19.96 28.46 -9.43
C GLY A 459 18.81 29.42 -9.59
N LEU A 460 17.71 29.00 -10.21
CA LEU A 460 16.63 29.93 -10.52
C LEU A 460 15.36 29.66 -9.75
N PHE A 461 15.06 28.41 -9.40
CA PHE A 461 13.80 28.09 -8.73
C PHE A 461 13.84 28.28 -7.22
N TYR A 462 14.79 29.08 -6.71
CA TYR A 462 14.56 29.71 -5.44
C TYR A 462 13.60 30.89 -5.59
N GLY A 463 13.49 31.44 -6.79
CA GLY A 463 12.66 32.60 -7.07
C GLY A 463 11.17 32.34 -7.04
N ALA A 464 10.75 31.10 -6.88
CA ALA A 464 9.35 30.79 -6.62
C ALA A 464 9.00 30.94 -5.15
N GLY A 465 9.96 31.29 -4.30
CA GLY A 465 9.71 31.69 -2.92
C GLY A 465 9.26 33.11 -2.76
N PHE A 466 9.10 33.82 -3.86
CA PHE A 466 8.39 35.09 -3.92
C PHE A 466 6.94 34.78 -4.28
N PHE A 467 6.19 35.80 -4.74
CA PHE A 467 4.76 35.79 -5.09
C PHE A 467 3.85 35.64 -3.89
N TYR A 468 4.37 35.69 -2.67
CA TYR A 468 3.53 35.75 -1.49
C TYR A 468 4.17 36.71 -0.49
N GLY A 469 3.37 37.66 0.00
CA GLY A 469 3.90 38.70 0.84
C GLY A 469 3.50 38.57 2.30
N GLU A 470 3.10 39.69 2.88
CA GLU A 470 2.74 39.68 4.30
C GLU A 470 1.33 39.18 4.51
N ARG A 471 0.40 39.54 3.61
CA ARG A 471 -1.02 39.45 3.91
C ARG A 471 -1.82 38.71 2.85
N THR A 472 -1.19 37.87 2.02
CA THR A 472 -2.01 37.13 1.07
C THR A 472 -2.63 35.93 1.75
N HIS A 473 -3.53 35.26 1.05
CA HIS A 473 -4.31 34.18 1.62
C HIS A 473 -3.43 32.97 1.90
N LEU A 474 -3.75 32.25 2.98
CA LEU A 474 -2.87 31.19 3.49
C LEU A 474 -2.80 29.99 2.55
N THR A 475 -3.80 29.79 1.69
CA THR A 475 -3.68 28.76 0.67
C THR A 475 -2.67 29.18 -0.40
N VAL A 476 -2.58 30.48 -0.70
CA VAL A 476 -1.55 30.96 -1.61
C VAL A 476 -0.17 30.88 -0.96
N MET A 477 -0.08 31.11 0.35
CA MET A 477 1.18 30.96 1.06
C MET A 477 1.61 29.52 1.21
N GLU A 478 0.72 28.55 0.99
CA GLU A 478 1.06 27.13 1.05
C GLU A 478 1.11 26.50 -0.33
N TYR A 479 1.08 27.29 -1.38
CA TYR A 479 1.28 26.79 -2.73
C TYR A 479 2.67 27.15 -3.25
N TRP A 480 3.08 28.40 -3.12
CA TRP A 480 4.41 28.79 -3.57
C TRP A 480 5.49 28.41 -2.59
N ARG A 481 5.13 27.99 -1.38
CA ARG A 481 6.15 27.61 -0.40
C ARG A 481 6.76 26.27 -0.74
N TRP A 482 5.93 25.32 -1.18
CA TRP A 482 6.40 23.97 -1.51
C TRP A 482 7.03 23.90 -2.90
N TRP A 483 7.08 25.00 -3.64
CA TRP A 483 7.83 25.03 -4.89
C TRP A 483 9.32 25.08 -4.67
N ILE A 484 9.80 25.41 -3.47
CA ILE A 484 11.23 25.40 -3.19
C ILE A 484 11.61 24.36 -2.16
N VAL A 485 10.66 23.58 -1.67
CA VAL A 485 10.94 22.49 -0.76
C VAL A 485 10.78 21.13 -1.44
N HIS A 486 9.80 21.01 -2.34
CA HIS A 486 9.58 19.74 -3.02
C HIS A 486 9.98 19.82 -4.49
N LEU A 487 10.57 20.93 -4.92
CA LEU A 487 11.05 21.07 -6.29
C LEU A 487 12.46 21.61 -6.40
N TRP A 488 12.98 22.30 -5.38
CA TRP A 488 14.35 22.78 -5.39
C TRP A 488 15.26 21.95 -4.50
N VAL A 489 14.73 21.38 -3.42
CA VAL A 489 15.49 20.47 -2.57
C VAL A 489 15.27 19.03 -3.00
N GLU A 490 14.02 18.61 -3.19
CA GLU A 490 13.76 17.21 -3.50
C GLU A 490 14.08 16.88 -4.95
N GLY A 491 13.66 17.73 -5.88
CA GLY A 491 13.83 17.41 -7.29
C GLY A 491 15.17 17.79 -7.88
N PHE A 492 15.53 19.07 -7.80
CA PHE A 492 16.66 19.59 -8.57
C PHE A 492 17.98 19.58 -7.81
N PHE A 493 17.99 19.16 -6.55
CA PHE A 493 19.25 18.75 -5.95
C PHE A 493 19.61 17.32 -6.33
N GLU A 494 18.62 16.53 -6.76
CA GLU A 494 18.84 15.15 -7.17
C GLU A 494 19.12 15.02 -8.66
N VAL A 495 19.04 16.14 -9.40
CA VAL A 495 19.53 16.16 -10.77
C VAL A 495 20.99 16.60 -10.81
N PHE A 496 21.32 17.65 -10.06
CA PHE A 496 22.69 18.16 -10.00
C PHE A 496 23.64 17.19 -9.32
N ALA A 497 23.13 16.25 -8.53
CA ALA A 497 24.00 15.30 -7.87
C ALA A 497 24.26 14.04 -8.69
N THR A 498 23.51 13.82 -9.76
CA THR A 498 23.74 12.67 -10.63
C THR A 498 24.65 13.01 -11.80
N THR A 499 24.47 14.19 -12.40
CA THR A 499 25.30 14.58 -13.52
C THR A 499 26.72 14.92 -13.08
N ALA A 500 26.86 15.55 -11.91
CA ALA A 500 28.20 15.84 -11.42
C ALA A 500 28.94 14.58 -10.99
N LEU A 501 28.20 13.59 -10.47
CA LEU A 501 28.81 12.33 -10.11
C LEU A 501 29.27 11.55 -11.34
N ALA A 502 28.43 11.49 -12.37
CA ALA A 502 28.83 10.83 -13.60
C ALA A 502 29.92 11.61 -14.31
N PHE A 503 29.96 12.93 -14.15
CA PHE A 503 31.02 13.73 -14.74
C PHE A 503 32.36 13.48 -14.06
N ILE A 504 32.34 13.31 -12.73
CA ILE A 504 33.57 13.00 -12.00
C ILE A 504 34.04 11.58 -12.35
N PHE A 505 33.13 10.62 -12.41
CA PHE A 505 33.52 9.26 -12.77
C PHE A 505 33.89 9.14 -14.25
N SER A 506 33.47 10.08 -15.08
CA SER A 506 33.87 10.10 -16.49
C SER A 506 35.22 10.77 -16.69
N THR A 507 35.49 11.84 -15.96
CA THR A 507 36.78 12.53 -16.10
C THR A 507 37.91 11.69 -15.53
N LEU A 508 37.64 10.94 -14.46
CA LEU A 508 38.65 10.07 -13.85
C LEU A 508 39.02 8.90 -14.75
N GLY A 509 38.17 8.56 -15.71
CA GLY A 509 38.50 7.52 -16.67
C GLY A 509 38.09 6.13 -16.21
N LEU A 510 36.86 6.00 -15.72
CA LEU A 510 36.35 4.73 -15.23
C LEU A 510 35.09 4.28 -15.97
N VAL A 511 34.24 5.21 -16.36
CA VAL A 511 33.12 4.91 -17.25
C VAL A 511 33.46 5.50 -18.62
N SER A 512 32.89 4.90 -19.67
CA SER A 512 33.35 5.13 -21.03
C SER A 512 32.63 6.29 -21.72
N ARG A 513 31.95 7.16 -20.97
CA ARG A 513 31.25 8.37 -21.40
C ARG A 513 30.05 8.10 -22.29
N ARG A 514 29.75 6.85 -22.62
CA ARG A 514 28.55 6.48 -23.34
C ARG A 514 27.48 5.93 -22.42
N MET A 515 27.85 5.06 -21.49
CA MET A 515 26.96 4.62 -20.42
C MET A 515 27.00 5.56 -19.23
N ALA A 516 27.68 6.70 -19.35
CA ALA A 516 27.64 7.75 -18.35
C ALA A 516 26.69 8.87 -18.74
N THR A 517 26.19 8.87 -19.97
CA THR A 517 25.21 9.86 -20.41
C THR A 517 23.81 9.28 -20.47
N THR A 518 23.64 8.09 -21.06
CA THR A 518 22.31 7.47 -21.12
C THR A 518 21.82 7.09 -19.74
N ALA A 519 22.72 6.68 -18.84
CA ALA A 519 22.33 6.44 -17.46
C ALA A 519 22.13 7.73 -16.68
N SER A 520 22.46 8.89 -17.26
CA SER A 520 22.21 10.17 -16.62
C SER A 520 21.09 10.93 -17.30
N LEU A 521 20.38 10.31 -18.24
CA LEU A 521 19.08 10.80 -18.67
C LEU A 521 17.96 9.81 -18.38
N ALA A 522 18.26 8.51 -18.33
CA ALA A 522 17.29 7.57 -17.80
C ALA A 522 17.08 7.76 -16.30
N SER A 523 18.11 8.21 -15.58
CA SER A 523 17.99 8.55 -14.18
C SER A 523 17.88 10.05 -13.97
N ALA A 524 17.51 10.80 -15.00
CA ALA A 524 17.08 12.18 -14.83
C ALA A 524 15.69 12.44 -15.37
N SER A 525 15.16 11.56 -16.21
CA SER A 525 13.77 11.66 -16.63
C SER A 525 12.84 10.84 -15.76
N LEU A 526 13.36 9.82 -15.07
CA LEU A 526 12.52 9.02 -14.18
C LEU A 526 12.20 9.78 -12.91
N PHE A 527 13.17 10.49 -12.36
CA PHE A 527 12.95 11.26 -11.13
C PHE A 527 12.07 12.47 -11.36
N MET A 528 11.91 12.91 -12.61
CA MET A 528 11.12 14.08 -12.95
C MET A 528 9.75 13.72 -13.51
N LEU A 529 9.41 12.44 -13.59
CA LEU A 529 8.06 12.09 -14.01
C LEU A 529 7.08 12.27 -12.88
N GLY A 530 7.46 11.89 -11.67
CA GLY A 530 6.60 12.07 -10.52
C GLY A 530 7.13 13.10 -9.55
N GLY A 531 7.93 14.04 -10.03
CA GLY A 531 8.51 15.01 -9.14
C GLY A 531 7.94 16.41 -9.30
N ILE A 532 7.66 16.83 -10.51
CA ILE A 532 7.05 18.14 -10.75
C ILE A 532 5.54 18.11 -10.50
N PRO A 533 4.76 17.12 -10.92
CA PRO A 533 3.40 17.00 -10.38
C PRO A 533 3.31 16.25 -9.06
N GLY A 534 4.43 15.92 -8.45
CA GLY A 534 4.46 15.36 -7.13
C GLY A 534 4.51 16.39 -6.02
N THR A 535 4.45 17.68 -6.36
CA THR A 535 4.38 18.73 -5.35
C THR A 535 3.08 18.64 -4.57
N PHE A 536 2.03 18.14 -5.19
CA PHE A 536 0.68 18.23 -4.67
C PHE A 536 0.41 17.35 -3.46
N HIS A 537 1.34 16.50 -3.01
CA HIS A 537 1.07 15.74 -1.80
C HIS A 537 1.53 16.47 -0.55
N HIS A 538 1.76 17.78 -0.65
CA HIS A 538 1.82 18.66 0.50
C HIS A 538 0.59 19.55 0.59
N LEU A 539 -0.36 19.40 -0.32
CA LEU A 539 -1.53 20.26 -0.46
C LEU A 539 -2.80 19.45 -0.54
N TYR A 540 -2.89 18.34 0.21
CA TYR A 540 -4.13 17.59 0.21
C TYR A 540 -5.18 18.34 1.00
N PHE A 541 -4.95 18.46 2.30
CA PHE A 541 -5.90 19.09 3.22
C PHE A 541 -5.44 20.50 3.57
N ALA A 542 -5.39 21.37 2.56
CA ALA A 542 -5.25 22.80 2.80
C ALA A 542 -5.95 23.52 1.65
N GLY A 543 -7.24 23.77 1.81
CA GLY A 543 -8.00 24.62 0.90
C GLY A 543 -8.04 24.18 -0.55
N THR A 544 -7.98 22.88 -0.80
CA THR A 544 -7.94 22.37 -2.16
C THR A 544 -9.16 21.50 -2.43
N THR A 545 -9.34 21.18 -3.72
CA THR A 545 -10.39 20.29 -4.16
C THR A 545 -9.84 18.88 -4.35
N THR A 546 -10.73 17.98 -4.76
CA THR A 546 -10.34 16.59 -4.89
C THR A 546 -9.46 16.26 -6.12
N PRO A 547 -9.53 16.94 -7.27
CA PRO A 547 -8.48 16.76 -8.29
C PRO A 547 -7.05 17.00 -7.82
N VAL A 548 -6.82 17.80 -6.78
CA VAL A 548 -5.46 18.04 -6.31
C VAL A 548 -4.88 16.80 -5.65
N MET A 549 -5.66 16.12 -4.80
CA MET A 549 -5.17 14.84 -4.30
C MET A 549 -5.22 13.75 -5.35
N ALA A 550 -6.08 13.90 -6.36
CA ALA A 550 -6.11 12.94 -7.47
C ALA A 550 -4.82 12.99 -8.28
N VAL A 551 -4.26 14.19 -8.46
CA VAL A 551 -2.95 14.29 -9.08
C VAL A 551 -1.86 13.84 -8.12
N GLY A 552 -1.86 14.39 -6.90
CA GLY A 552 -0.78 14.19 -5.97
C GLY A 552 -0.74 12.87 -5.25
N ALA A 553 -1.63 11.93 -5.53
CA ALA A 553 -1.41 10.56 -5.11
C ALA A 553 -0.92 9.68 -6.24
N SER A 554 -1.64 9.70 -7.36
CA SER A 554 -1.33 8.81 -8.48
C SER A 554 -0.03 9.22 -9.17
N PHE A 555 0.12 10.50 -9.52
CA PHE A 555 1.37 10.93 -10.13
C PHE A 555 2.48 11.17 -9.12
N SER A 556 2.26 10.87 -7.85
CA SER A 556 3.33 10.89 -6.87
C SER A 556 3.81 9.51 -6.47
N ALA A 557 3.03 8.46 -6.75
CA ALA A 557 3.55 7.12 -6.52
C ALA A 557 4.67 6.75 -7.49
N LEU A 558 4.81 7.46 -8.61
CA LEU A 558 5.83 7.18 -9.60
C LEU A 558 7.16 7.86 -9.32
N GLU A 559 7.31 8.53 -8.18
CA GLU A 559 8.62 8.89 -7.68
C GLU A 559 9.04 8.01 -6.51
N VAL A 560 8.33 6.90 -6.31
CA VAL A 560 8.71 5.86 -5.36
C VAL A 560 9.13 4.65 -6.19
N VAL A 561 8.71 4.62 -7.46
CA VAL A 561 9.09 3.51 -8.35
C VAL A 561 10.58 3.42 -8.67
N PRO A 562 11.27 4.47 -9.10
CA PRO A 562 12.70 4.30 -9.37
C PRO A 562 13.60 4.40 -8.15
N LEU A 563 13.03 4.44 -6.94
CA LEU A 563 13.81 4.51 -5.72
C LEU A 563 13.94 3.19 -5.00
N ILE A 564 12.97 2.28 -5.14
CA ILE A 564 13.09 0.99 -4.50
C ILE A 564 14.13 0.13 -5.21
N VAL A 565 14.21 0.23 -6.53
CA VAL A 565 15.18 -0.53 -7.31
C VAL A 565 16.51 0.24 -7.31
N LEU A 566 17.30 -0.01 -6.27
CA LEU A 566 18.62 0.60 -6.12
C LEU A 566 19.65 -0.46 -5.78
N GLY A 567 19.62 -1.56 -6.52
CA GLY A 567 20.71 -2.51 -6.51
C GLY A 567 21.70 -2.08 -7.56
N HIS A 568 21.20 -1.83 -8.77
CA HIS A 568 21.95 -1.01 -9.70
C HIS A 568 21.95 0.43 -9.22
N GLU A 569 22.97 1.18 -9.65
CA GLU A 569 23.37 2.50 -9.13
C GLU A 569 23.72 2.48 -7.65
N ALA A 570 23.99 1.29 -7.10
CA ALA A 570 24.65 1.15 -5.81
C ALA A 570 25.67 0.04 -5.83
N TRP A 571 25.80 -0.68 -6.93
CA TRP A 571 26.87 -1.64 -7.13
C TRP A 571 27.82 -1.21 -8.24
N GLU A 572 27.30 -0.61 -9.31
CA GLU A 572 28.14 -0.05 -10.36
C GLU A 572 28.68 1.33 -10.01
N ASN A 573 28.40 1.83 -8.81
CA ASN A 573 29.13 2.95 -8.23
C ASN A 573 30.03 2.51 -7.09
N TRP A 574 29.98 1.23 -6.73
CA TRP A 574 30.88 0.66 -5.72
C TRP A 574 31.90 -0.30 -6.32
N ARG A 575 31.58 -0.96 -7.42
CA ARG A 575 32.53 -1.81 -8.11
C ARG A 575 33.51 -1.02 -8.97
N LEU A 576 33.43 0.31 -8.95
CA LEU A 576 34.46 1.15 -9.54
C LEU A 576 35.70 1.25 -8.67
N LYS A 577 35.65 0.72 -7.45
CA LYS A 577 36.80 0.75 -6.55
C LYS A 577 37.90 -0.18 -7.03
N THR A 578 37.57 -1.34 -7.56
CA THR A 578 38.55 -2.32 -7.98
C THR A 578 39.16 -2.03 -9.34
N ARG A 579 38.66 -1.01 -10.05
CA ARG A 579 39.10 -0.77 -11.43
C ARG A 579 40.47 -0.11 -11.53
N ALA A 580 41.05 0.31 -10.42
CA ALA A 580 42.36 0.95 -10.43
C ALA A 580 43.02 0.75 -9.09
N PRO A 581 44.35 0.70 -9.03
CA PRO A 581 45.03 0.59 -7.72
C PRO A 581 44.93 1.87 -6.92
N TRP A 582 44.84 3.02 -7.57
CA TRP A 582 44.80 4.32 -6.89
C TRP A 582 43.38 4.76 -6.57
N MET A 583 42.44 3.82 -6.43
CA MET A 583 41.09 4.12 -5.97
C MET A 583 40.90 3.70 -4.52
N GLU A 584 42.00 3.51 -3.79
CA GLU A 584 41.95 3.42 -2.35
C GLU A 584 42.03 4.79 -1.71
N ASN A 585 42.53 5.79 -2.43
CA ASN A 585 42.57 7.16 -1.94
C ASN A 585 41.19 7.80 -1.89
N LEU A 586 40.23 7.28 -2.64
CA LEU A 586 38.85 7.77 -2.62
C LEU A 586 37.90 6.69 -2.11
N LYS A 587 38.31 6.01 -1.04
CA LYS A 587 37.51 4.90 -0.52
C LYS A 587 36.28 5.41 0.22
N TRP A 588 36.43 6.48 0.98
CA TRP A 588 35.34 6.96 1.82
C TRP A 588 34.25 7.75 1.09
N PRO A 589 34.53 8.57 0.06
CA PRO A 589 33.43 8.99 -0.81
C PRO A 589 32.72 7.85 -1.51
N LEU A 590 33.42 6.77 -1.86
CA LEU A 590 32.75 5.61 -2.45
C LEU A 590 32.08 4.73 -1.42
N MET A 591 32.01 5.15 -0.16
CA MET A 591 31.08 4.59 0.81
C MET A 591 29.97 5.56 1.17
N CYS A 592 30.26 6.86 1.09
CA CYS A 592 29.19 7.85 1.26
C CYS A 592 28.19 7.78 0.11
N PHE A 593 28.66 7.58 -1.12
CA PHE A 593 27.77 7.42 -2.27
C PHE A 593 27.14 6.04 -2.38
N VAL A 594 27.33 5.20 -1.36
CA VAL A 594 26.56 3.97 -1.21
C VAL A 594 25.55 4.10 -0.09
N ALA A 595 25.92 4.80 0.99
CA ALA A 595 24.94 5.10 2.03
C ALA A 595 23.89 6.08 1.55
N VAL A 596 24.20 6.91 0.55
CA VAL A 596 23.18 7.71 -0.12
C VAL A 596 22.11 6.82 -0.75
N ALA A 597 22.53 5.75 -1.42
CA ALA A 597 21.56 4.86 -2.05
C ALA A 597 20.74 4.10 -1.02
N PHE A 598 21.38 3.63 0.05
CA PHE A 598 20.64 2.89 1.07
C PHE A 598 19.61 3.77 1.77
N TRP A 599 19.98 4.98 2.15
CA TRP A 599 18.96 5.82 2.77
C TRP A 599 18.01 6.43 1.76
N ASN A 600 18.35 6.44 0.46
CA ASN A 600 17.39 6.88 -0.54
C ASN A 600 16.34 5.83 -0.81
N MET A 601 16.63 4.56 -0.56
CA MET A 601 15.54 3.60 -0.61
C MET A 601 14.82 3.43 0.72
N LEU A 602 15.48 3.72 1.86
CA LEU A 602 14.83 3.49 3.16
C LEU A 602 14.24 4.75 3.80
N GLY A 603 14.43 5.93 3.24
CA GLY A 603 13.82 7.10 3.82
C GLY A 603 12.87 7.76 2.87
N ALA A 604 13.11 7.61 1.58
CA ALA A 604 12.20 8.16 0.59
C ALA A 604 11.22 7.13 0.07
N GLY A 605 11.65 5.88 -0.11
CA GLY A 605 10.73 4.85 -0.52
C GLY A 605 9.89 4.30 0.61
N VAL A 606 10.57 3.66 1.58
CA VAL A 606 9.88 2.83 2.56
C VAL A 606 9.09 3.69 3.55
N PHE A 607 9.76 4.61 4.23
CA PHE A 607 9.07 5.49 5.17
C PHE A 607 8.39 6.65 4.47
N GLY A 608 8.53 6.78 3.17
CA GLY A 608 7.93 7.88 2.46
C GLY A 608 6.62 7.50 1.82
N PHE A 609 6.47 6.23 1.46
CA PHE A 609 5.18 5.77 0.96
C PHE A 609 4.25 5.35 2.07
N MET A 610 4.77 5.12 3.28
CA MET A 610 3.93 4.81 4.44
C MET A 610 2.96 5.93 4.75
N ILE A 611 3.34 7.18 4.48
CA ILE A 611 2.52 8.36 4.72
C ILE A 611 1.95 8.95 3.44
N ASN A 612 2.17 8.34 2.30
CA ASN A 612 1.72 8.94 1.04
C ASN A 612 0.23 8.81 0.69
N PRO A 613 -0.45 7.65 0.78
CA PRO A 613 -1.81 7.58 0.25
C PRO A 613 -2.78 8.35 1.12
N PRO A 614 -3.76 9.04 0.52
CA PRO A 614 -4.54 10.05 1.24
C PRO A 614 -5.45 9.53 2.34
N VAL A 615 -5.65 8.23 2.49
CA VAL A 615 -6.37 7.75 3.67
C VAL A 615 -5.39 7.63 4.85
N SER A 616 -4.10 7.45 4.58
CA SER A 616 -3.12 7.30 5.63
C SER A 616 -2.26 8.53 5.81
N LEU A 617 -2.49 9.58 5.04
CA LEU A 617 -1.99 10.90 5.41
C LEU A 617 -3.01 11.67 6.23
N TYR A 618 -4.27 11.25 6.15
CA TYR A 618 -5.35 11.86 6.91
C TYR A 618 -5.13 11.73 8.41
N TYR A 619 -4.86 10.52 8.88
CA TYR A 619 -4.67 10.28 10.30
C TYR A 619 -3.24 10.55 10.77
N ILE A 620 -2.31 10.78 9.86
CA ILE A 620 -0.90 10.92 10.19
C ILE A 620 -0.42 12.36 10.18
N GLN A 621 -1.06 13.24 9.40
CA GLN A 621 -0.56 14.61 9.20
C GLN A 621 -0.54 15.43 10.47
N GLY A 622 0.66 15.65 10.99
CA GLY A 622 0.85 16.35 12.24
C GLY A 622 1.12 15.40 13.39
N LEU A 623 1.93 14.38 13.16
CA LEU A 623 2.27 13.41 14.19
C LEU A 623 3.77 13.27 14.33
N ASN A 624 4.24 12.25 15.04
CA ASN A 624 5.66 11.93 15.11
C ASN A 624 6.04 10.81 14.16
N THR A 625 5.41 10.73 13.00
CA THR A 625 5.87 9.87 11.93
C THR A 625 6.49 10.68 10.78
N THR A 626 6.14 11.95 10.68
CA THR A 626 6.74 12.86 9.71
C THR A 626 8.20 13.24 10.01
N PRO A 627 8.65 13.46 11.26
CA PRO A 627 10.10 13.66 11.45
C PRO A 627 10.95 12.42 11.23
N VAL A 628 10.36 11.21 11.25
CA VAL A 628 11.09 10.00 10.83
C VAL A 628 11.49 10.11 9.38
N HIS A 629 10.52 10.38 8.51
CA HIS A 629 10.78 10.56 7.08
C HIS A 629 11.66 11.79 6.82
N ALA A 630 11.52 12.84 7.62
CA ALA A 630 12.30 14.06 7.38
C ALA A 630 13.76 13.87 7.76
N HIS A 631 14.03 13.32 8.95
CA HIS A 631 15.40 13.05 9.37
C HIS A 631 16.05 11.96 8.52
N ALA A 632 15.27 10.99 8.03
CA ALA A 632 15.88 9.94 7.24
C ALA A 632 16.15 10.38 5.80
N ALA A 633 15.25 11.12 5.18
CA ALA A 633 15.44 11.50 3.80
C ALA A 633 16.20 12.81 3.63
N LEU A 634 16.43 13.57 4.70
CA LEU A 634 17.16 14.83 4.56
C LEU A 634 18.62 14.71 4.93
N PHE A 635 18.96 13.95 5.98
CA PHE A 635 20.35 13.64 6.21
C PHE A 635 20.82 12.40 5.46
N GLY A 636 19.91 11.51 5.07
CA GLY A 636 20.35 10.32 4.39
C GLY A 636 20.68 10.54 2.93
N VAL A 637 19.98 11.43 2.26
CA VAL A 637 20.12 11.57 0.81
C VAL A 637 20.94 12.81 0.47
N TYR A 638 20.54 13.97 0.97
CA TYR A 638 21.30 15.18 0.77
C TYR A 638 22.17 15.55 1.95
N GLY A 639 22.50 14.59 2.80
CA GLY A 639 23.36 14.86 3.93
C GLY A 639 24.66 14.08 3.85
N PHE A 640 24.62 12.90 3.26
CA PHE A 640 25.86 12.23 2.89
C PHE A 640 26.40 12.68 1.55
N LEU A 641 25.63 13.49 0.81
CA LEU A 641 26.15 14.02 -0.44
C LEU A 641 27.07 15.21 -0.19
N ALA A 642 26.72 16.06 0.77
CA ALA A 642 27.62 17.13 1.16
C ALA A 642 28.72 16.68 2.09
N LEU A 643 28.73 15.41 2.49
CA LEU A 643 29.88 14.80 3.13
C LEU A 643 30.62 13.85 2.19
N GLY A 644 30.13 13.67 0.97
CA GLY A 644 30.87 12.99 -0.05
C GLY A 644 31.63 14.02 -0.86
N PHE A 645 30.95 15.12 -1.18
CA PHE A 645 31.57 16.24 -1.87
C PHE A 645 32.42 17.11 -0.96
N THR A 646 32.55 16.76 0.32
CA THR A 646 33.50 17.41 1.20
C THR A 646 34.79 16.60 1.30
N LEU A 647 34.66 15.29 1.48
CA LEU A 647 35.84 14.43 1.54
C LEU A 647 36.35 14.02 0.17
N LEU A 648 35.68 14.39 -0.91
CA LEU A 648 36.30 14.33 -2.22
C LEU A 648 37.06 15.61 -2.53
N VAL A 649 36.50 16.76 -2.13
CA VAL A 649 37.15 18.03 -2.38
C VAL A 649 38.28 18.25 -1.36
N LEU A 650 38.34 17.47 -0.30
CA LEU A 650 39.53 17.45 0.54
C LEU A 650 40.73 16.88 -0.21
N ARG A 651 40.48 15.90 -1.07
CA ARG A 651 41.49 15.55 -2.06
C ARG A 651 41.52 16.61 -3.16
N TYR A 652 42.65 16.65 -3.87
CA TYR A 652 42.98 17.55 -4.99
C TYR A 652 43.20 19.01 -4.59
N ILE A 653 42.99 19.36 -3.32
CA ILE A 653 43.49 20.62 -2.80
C ILE A 653 44.43 20.45 -1.63
N ARG A 654 44.39 19.31 -0.93
CA ARG A 654 45.39 18.96 0.07
C ARG A 654 45.84 17.53 -0.21
N PRO A 655 46.53 17.28 -1.36
CA PRO A 655 46.81 15.91 -1.79
C PRO A 655 48.08 15.33 -1.17
N GLN A 656 48.24 15.53 0.14
CA GLN A 656 49.37 15.00 0.88
C GLN A 656 48.98 14.36 2.20
N TYR A 657 47.76 14.59 2.68
CA TYR A 657 47.32 14.08 3.97
C TYR A 657 46.40 12.90 3.77
N ALA A 658 46.66 11.82 4.51
CA ALA A 658 45.83 10.64 4.44
C ALA A 658 44.48 10.90 5.12
N LEU A 659 43.52 10.02 4.86
CA LEU A 659 42.21 10.14 5.47
C LEU A 659 42.14 9.52 6.85
N SER A 660 43.23 8.86 7.29
CA SER A 660 43.43 8.24 8.61
C SER A 660 42.31 7.28 8.98
N PRO A 661 42.28 6.07 8.41
CA PRO A 661 41.27 5.09 8.79
C PRO A 661 41.42 4.66 10.25
N GLY A 662 40.32 4.21 10.82
CA GLY A 662 40.25 3.98 12.25
C GLY A 662 39.48 5.10 12.90
N LEU A 663 39.58 6.29 12.32
CA LEU A 663 38.73 7.42 12.68
C LEU A 663 37.56 7.54 11.71
N MET A 664 37.83 7.38 10.40
CA MET A 664 36.79 7.36 9.39
C MET A 664 35.82 6.21 9.55
N LYS A 665 36.25 5.06 10.06
CA LYS A 665 35.33 3.99 10.36
C LYS A 665 34.36 4.40 11.46
N LEU A 666 34.88 5.10 12.48
CA LEU A 666 34.01 5.63 13.52
C LEU A 666 33.13 6.76 12.99
N ALA A 667 33.70 7.64 12.16
CA ALA A 667 32.94 8.77 11.63
C ALA A 667 31.94 8.38 10.56
N PHE A 668 31.98 7.14 10.08
CA PHE A 668 30.96 6.63 9.16
C PHE A 668 29.93 5.80 9.92
N TRP A 669 30.39 4.80 10.68
CA TRP A 669 29.49 3.91 11.39
C TRP A 669 29.00 4.49 12.70
N GLY A 670 29.28 5.75 12.99
CA GLY A 670 28.58 6.44 14.04
C GLY A 670 27.38 7.15 13.47
N LEU A 671 27.57 7.81 12.32
CA LEU A 671 26.48 8.50 11.64
C LEU A 671 25.40 7.52 11.21
N ASN A 672 25.80 6.42 10.55
CA ASN A 672 24.83 5.44 10.07
C ASN A 672 24.06 4.79 11.21
N LEU A 673 24.78 4.31 12.23
CA LEU A 673 24.13 3.59 13.33
C LEU A 673 23.32 4.54 14.22
N GLY A 674 23.75 5.80 14.36
CA GLY A 674 22.97 6.74 15.14
C GLY A 674 21.67 7.13 14.45
N LEU A 675 21.74 7.37 13.13
CA LEU A 675 20.54 7.71 12.39
C LEU A 675 19.60 6.53 12.27
N ALA A 676 20.12 5.31 12.25
CA ALA A 676 19.25 4.15 12.17
C ALA A 676 18.86 3.60 13.54
N LEU A 677 19.37 4.16 14.63
CA LEU A 677 18.97 3.69 15.95
C LEU A 677 18.13 4.69 16.72
N MET A 678 18.25 5.99 16.45
CA MET A 678 17.32 6.92 17.08
C MET A 678 16.01 7.05 16.32
N ILE A 679 15.91 6.48 15.13
CA ILE A 679 14.65 6.46 14.38
C ILE A 679 13.81 5.25 14.80
N PHE A 680 14.42 4.09 14.94
CA PHE A 680 13.71 2.85 15.20
C PHE A 680 13.47 2.57 16.68
N THR A 681 13.77 3.52 17.56
CA THR A 681 13.61 3.30 19.00
C THR A 681 12.76 4.36 19.67
N SER A 682 12.88 5.60 19.21
CA SER A 682 12.31 6.73 19.93
C SER A 682 11.41 7.62 19.08
N LEU A 683 11.42 7.48 17.76
CA LEU A 683 10.50 8.25 16.93
C LEU A 683 9.50 7.39 16.18
N LEU A 684 9.78 6.12 15.96
CA LEU A 684 8.81 5.27 15.28
C LEU A 684 7.69 4.73 16.19
N PRO A 685 7.95 4.16 17.39
CA PRO A 685 6.81 3.68 18.19
C PRO A 685 5.99 4.81 18.78
N ILE A 686 6.58 5.99 19.00
CA ILE A 686 5.79 7.17 19.38
C ILE A 686 4.83 7.53 18.25
N GLY A 687 5.30 7.44 17.01
CA GLY A 687 4.42 7.65 15.88
C GLY A 687 3.33 6.61 15.76
N LEU A 688 3.61 5.37 16.15
CA LEU A 688 2.55 4.36 16.07
C LEU A 688 1.51 4.52 17.18
N ILE A 689 1.93 4.89 18.39
CA ILE A 689 0.97 5.14 19.47
C ILE A 689 0.11 6.36 19.15
N GLN A 690 0.71 7.40 18.57
CA GLN A 690 -0.08 8.56 18.15
C GLN A 690 -1.01 8.23 16.99
N PHE A 691 -0.61 7.33 16.10
CA PHE A 691 -1.48 6.87 15.02
C PHE A 691 -2.68 6.11 15.58
N HIS A 692 -2.46 5.24 16.57
CA HIS A 692 -3.55 4.47 17.16
C HIS A 692 -4.54 5.38 17.89
N ALA A 693 -4.05 6.33 18.67
CA ALA A 693 -4.96 7.24 19.36
C ALA A 693 -5.59 8.24 18.39
N SER A 694 -4.93 8.55 17.28
CA SER A 694 -5.49 9.48 16.31
C SER A 694 -6.59 8.84 15.49
N VAL A 695 -6.51 7.55 15.24
CA VAL A 695 -7.58 6.88 14.50
C VAL A 695 -8.68 6.37 15.42
N SER A 696 -8.41 6.24 16.73
CA SER A 696 -9.47 5.83 17.64
C SER A 696 -10.39 6.98 18.03
N GLU A 697 -9.84 8.00 18.68
CA GLU A 697 -10.65 9.00 19.36
C GLU A 697 -10.84 10.27 18.53
N GLY A 698 -9.75 10.94 18.16
CA GLY A 698 -9.87 12.14 17.36
C GLY A 698 -8.52 12.61 16.94
N MET A 699 -8.46 13.84 16.42
CA MET A 699 -7.17 14.47 16.16
C MET A 699 -6.72 15.30 17.35
N TRP A 700 -7.66 15.90 18.08
CA TRP A 700 -7.32 16.65 19.28
C TRP A 700 -6.76 15.75 20.37
N TYR A 701 -7.13 14.47 20.37
CA TYR A 701 -6.66 13.57 21.40
C TYR A 701 -5.21 13.15 21.20
N ALA A 702 -4.70 13.19 19.98
CA ALA A 702 -3.35 12.71 19.73
C ALA A 702 -2.30 13.76 19.99
N ARG A 703 -2.68 15.02 20.18
CA ARG A 703 -1.75 16.08 20.53
C ARG A 703 -2.02 16.70 21.88
N SER A 704 -3.07 16.28 22.58
CA SER A 704 -3.45 16.90 23.84
C SER A 704 -2.45 16.55 24.94
N GLU A 705 -2.32 17.46 25.91
CA GLU A 705 -1.37 17.25 27.00
C GLU A 705 -1.89 16.27 28.03
N ALA A 706 -3.15 15.86 27.94
CA ALA A 706 -3.63 14.74 28.74
C ALA A 706 -3.15 13.40 28.18
N PHE A 707 -2.61 13.39 26.97
CA PHE A 707 -2.20 12.16 26.31
C PHE A 707 -0.69 12.04 26.17
N MET A 708 0.02 13.14 25.95
CA MET A 708 1.46 13.08 25.71
C MET A 708 2.28 12.93 26.99
N GLN A 709 1.65 12.65 28.13
CA GLN A 709 2.32 12.25 29.36
C GLN A 709 1.72 10.96 29.88
N GLN A 710 1.55 9.98 28.99
CA GLN A 710 0.82 8.75 29.29
C GLN A 710 1.66 7.71 30.03
N ASP A 711 2.87 8.07 30.46
CA ASP A 711 3.86 7.30 31.21
C ASP A 711 4.52 6.21 30.35
N ILE A 712 4.09 6.04 29.11
CA ILE A 712 4.76 5.13 28.17
C ILE A 712 5.34 5.99 27.06
N LEU A 713 4.72 7.14 26.80
CA LEU A 713 5.32 8.10 25.88
C LEU A 713 6.38 8.95 26.55
N LYS A 714 6.54 8.85 27.88
CA LYS A 714 7.60 9.54 28.58
C LYS A 714 8.89 8.75 28.61
N THR A 715 8.79 7.43 28.74
CA THR A 715 9.96 6.56 28.68
C THR A 715 10.38 6.25 27.25
N LEU A 716 9.59 6.66 26.26
CA LEU A 716 9.90 6.42 24.86
C LEU A 716 10.48 7.65 24.17
N ARG A 717 10.53 8.79 24.86
CA ARG A 717 11.30 9.93 24.42
C ARG A 717 12.45 10.27 25.36
N TRP A 718 12.48 9.67 26.55
CA TRP A 718 13.66 9.76 27.39
C TRP A 718 14.75 8.80 26.95
N GLY A 719 14.44 7.95 25.97
CA GLY A 719 15.41 7.08 25.33
C GLY A 719 15.84 7.61 23.97
N ARG A 720 15.61 8.91 23.72
CA ARG A 720 16.18 9.55 22.55
C ARG A 720 17.69 9.69 22.68
N THR A 721 18.20 9.78 23.92
CA THR A 721 19.59 10.14 24.14
C THR A 721 20.55 9.02 23.75
N PHE A 722 20.11 7.75 23.86
CA PHE A 722 20.97 6.63 23.50
C PHE A 722 21.21 6.54 22.00
N GLY A 723 20.40 7.21 21.19
CA GLY A 723 20.69 7.36 19.79
C GLY A 723 21.26 8.72 19.51
N ASP A 724 21.08 9.65 20.45
CA ASP A 724 21.56 11.00 20.23
C ASP A 724 23.07 11.08 20.38
N VAL A 725 23.63 10.38 21.38
CA VAL A 725 25.07 10.49 21.62
C VAL A 725 25.89 9.75 20.56
N VAL A 726 25.32 8.77 19.86
CA VAL A 726 26.04 8.10 18.78
C VAL A 726 26.17 9.03 17.59
N PHE A 727 25.08 9.70 17.23
CA PHE A 727 25.10 10.71 16.20
C PHE A 727 26.02 11.87 16.59
N LEU A 728 26.02 12.22 17.87
CA LEU A 728 26.89 13.29 18.36
C LEU A 728 28.35 12.95 18.16
N LEU A 729 28.78 11.75 18.59
CA LEU A 729 30.17 11.38 18.47
C LEU A 729 30.57 11.16 17.00
N GLY A 730 29.65 10.70 16.15
CA GLY A 730 29.96 10.60 14.74
C GLY A 730 30.17 11.95 14.09
N ALA A 731 29.33 12.93 14.44
CA ALA A 731 29.49 14.28 13.93
C ALA A 731 30.79 14.91 14.42
N LEU A 732 31.13 14.71 15.70
CA LEU A 732 32.39 15.24 16.23
C LEU A 732 33.59 14.62 15.56
N ALA A 733 33.55 13.31 15.29
CA ALA A 733 34.66 12.65 14.61
C ALA A 733 34.84 13.17 13.19
N MET A 734 33.73 13.40 12.48
CA MET A 734 33.82 13.94 11.13
C MET A 734 34.38 15.36 11.12
N VAL A 735 33.94 16.20 12.06
CA VAL A 735 34.41 17.59 12.01
C VAL A 735 35.86 17.68 12.50
N VAL A 736 36.29 16.82 13.44
CA VAL A 736 37.67 16.92 13.88
C VAL A 736 38.59 16.36 12.80
N GLN A 737 38.08 15.42 11.99
CA GLN A 737 38.85 14.97 10.83
C GLN A 737 39.02 16.08 9.81
N VAL A 738 37.96 16.85 9.55
CA VAL A 738 38.06 17.90 8.53
C VAL A 738 38.95 19.05 9.02
N ILE A 739 38.85 19.42 10.30
CA ILE A 739 39.72 20.45 10.87
C ILE A 739 41.18 20.00 10.89
N LEU A 740 41.43 18.72 11.22
CA LEU A 740 42.79 18.21 11.17
C LEU A 740 43.32 18.13 9.75
N GLY A 741 42.43 17.89 8.78
CA GLY A 741 42.84 17.84 7.38
C GLY A 741 43.07 19.19 6.75
N LEU A 742 42.49 20.24 7.31
CA LEU A 742 42.73 21.58 6.78
C LEU A 742 44.04 22.19 7.27
N LEU A 743 44.87 21.44 7.99
CA LEU A 743 46.17 21.95 8.44
C LEU A 743 47.31 21.16 7.81
N MET B 1 23.35 -34.04 0.62
CA MET B 1 24.40 -33.25 1.27
C MET B 1 25.19 -32.42 0.27
N GLY B 2 26.42 -32.83 -0.02
CA GLY B 2 27.24 -32.09 -0.95
C GLY B 2 27.63 -30.73 -0.43
N PRO B 3 27.88 -29.79 -1.35
CA PRO B 3 28.15 -28.40 -0.97
C PRO B 3 26.91 -27.55 -0.75
N TYR B 4 25.73 -28.15 -0.58
CA TYR B 4 24.48 -27.43 -0.43
C TYR B 4 23.97 -27.52 1.00
N ARG B 5 24.88 -27.41 1.98
CA ARG B 5 24.47 -27.48 3.37
C ARG B 5 23.76 -26.21 3.81
N ARG B 6 24.06 -25.08 3.16
CA ARG B 6 23.40 -23.83 3.52
C ARG B 6 21.96 -23.80 3.03
N LEU B 7 21.74 -24.18 1.77
CA LEU B 7 20.42 -24.04 1.17
C LEU B 7 19.45 -25.09 1.71
N TRP B 8 19.91 -26.32 1.90
CA TRP B 8 19.02 -27.38 2.35
C TRP B 8 18.73 -27.32 3.83
N PHE B 9 19.37 -26.43 4.59
CA PHE B 9 18.95 -26.17 5.96
C PHE B 9 18.00 -25.00 6.08
N THR B 10 18.14 -23.97 5.25
CA THR B 10 17.24 -22.82 5.34
C THR B 10 15.88 -23.11 4.73
N LEU B 11 15.73 -24.21 4.00
CA LEU B 11 14.39 -24.61 3.54
C LEU B 11 13.67 -25.40 4.62
N ILE B 12 14.41 -26.21 5.39
CA ILE B 12 13.79 -26.90 6.52
C ILE B 12 13.59 -25.93 7.67
N ALA B 13 14.38 -24.86 7.74
CA ALA B 13 14.18 -23.85 8.78
C ALA B 13 12.92 -23.04 8.53
N VAL B 14 12.57 -22.83 7.26
CA VAL B 14 11.30 -22.17 6.94
C VAL B 14 10.14 -23.11 7.22
N LEU B 15 10.25 -24.38 6.84
CA LEU B 15 9.18 -25.34 7.02
C LEU B 15 9.08 -25.88 8.46
N ALA B 16 9.76 -25.28 9.42
CA ALA B 16 9.65 -25.66 10.82
C ALA B 16 9.11 -24.54 11.70
N VAL B 17 9.46 -23.28 11.43
CA VAL B 17 8.91 -22.20 12.23
C VAL B 17 7.64 -21.64 11.58
N THR B 18 7.56 -21.66 10.25
CA THR B 18 6.37 -21.19 9.55
C THR B 18 5.41 -22.32 9.27
N PHE B 19 5.56 -23.46 9.95
CA PHE B 19 4.60 -24.56 9.85
C PHE B 19 3.98 -24.89 11.20
N ALA B 20 4.66 -24.54 12.29
CA ALA B 20 4.02 -24.56 13.60
C ALA B 20 3.13 -23.36 13.82
N LEU B 21 3.22 -22.35 12.96
CA LEU B 21 2.39 -21.16 13.07
C LEU B 21 1.01 -21.35 12.48
N LEU B 22 0.77 -22.44 11.75
CA LEU B 22 -0.60 -22.86 11.48
C LEU B 22 -1.11 -23.78 12.58
N GLY B 23 -0.22 -24.28 13.43
CA GLY B 23 -0.60 -25.19 14.49
C GLY B 23 -0.74 -24.50 15.83
N PHE B 24 0.16 -23.56 16.12
CA PHE B 24 0.05 -22.78 17.35
C PHE B 24 -1.13 -21.80 17.30
N TYR B 25 -1.55 -21.41 16.10
CA TYR B 25 -2.74 -20.60 15.94
C TYR B 25 -3.96 -21.41 15.51
N GLY B 26 -3.77 -22.68 15.16
CA GLY B 26 -4.90 -23.52 14.81
C GLY B 26 -5.77 -23.87 15.99
N GLY B 27 -5.21 -23.85 17.19
CA GLY B 27 -6.03 -24.00 18.39
C GLY B 27 -6.70 -22.71 18.78
N GLU B 28 -6.18 -21.58 18.30
CA GLU B 28 -6.77 -20.28 18.61
C GLU B 28 -8.05 -20.04 17.81
N VAL B 29 -8.15 -20.65 16.62
CA VAL B 29 -9.36 -20.53 15.82
C VAL B 29 -10.46 -21.42 16.38
N TYR B 30 -10.10 -22.53 17.02
CA TYR B 30 -11.12 -23.44 17.54
C TYR B 30 -11.79 -22.88 18.79
N ARG B 31 -11.02 -22.57 19.83
CA ARG B 31 -11.57 -22.23 21.14
C ARG B 31 -11.90 -20.75 21.27
N GLN B 32 -11.88 -19.98 20.19
CA GLN B 32 -12.33 -18.59 20.19
C GLN B 32 -13.44 -18.40 19.15
N ALA B 33 -14.09 -19.47 18.79
CA ALA B 33 -15.12 -19.47 17.76
C ALA B 33 -16.45 -19.02 18.35
N PRO B 34 -17.30 -18.37 17.55
CA PRO B 34 -18.62 -17.94 18.05
C PRO B 34 -19.51 -19.12 18.34
N PRO B 35 -20.00 -19.23 19.58
CA PRO B 35 -20.74 -20.43 19.95
C PRO B 35 -22.15 -20.44 19.40
N ILE B 36 -22.64 -21.63 19.11
CA ILE B 36 -24.06 -21.80 18.76
C ILE B 36 -24.85 -21.91 20.06
N PRO B 37 -25.86 -21.06 20.28
CA PRO B 37 -26.56 -21.07 21.56
C PRO B 37 -27.42 -22.31 21.72
N GLU B 38 -27.46 -22.82 22.95
CA GLU B 38 -28.22 -24.04 23.23
C GLU B 38 -29.72 -23.79 23.13
N GLU B 39 -30.20 -22.66 23.64
CA GLU B 39 -31.63 -22.38 23.67
C GLU B 39 -31.84 -20.90 23.38
N VAL B 40 -32.67 -20.61 22.38
CA VAL B 40 -33.10 -19.25 22.09
C VAL B 40 -34.51 -19.08 22.60
N ALA B 41 -34.68 -18.23 23.62
CA ALA B 41 -35.99 -18.02 24.22
C ALA B 41 -36.30 -16.53 24.22
N SER B 42 -37.56 -16.22 24.43
CA SER B 42 -37.98 -14.83 24.61
C SER B 42 -38.19 -14.54 26.09
N ALA B 43 -38.25 -13.25 26.43
CA ALA B 43 -38.38 -12.85 27.82
C ALA B 43 -39.78 -13.09 28.37
N ASP B 44 -40.77 -13.34 27.51
CA ASP B 44 -42.10 -13.65 28.00
C ASP B 44 -42.25 -15.10 28.46
N GLY B 45 -41.48 -16.02 27.88
CA GLY B 45 -41.49 -17.39 28.35
C GLY B 45 -41.44 -18.46 27.28
N THR B 46 -41.75 -18.11 26.04
CA THR B 46 -41.77 -19.09 24.97
C THR B 46 -40.36 -19.51 24.59
N ARG B 47 -40.28 -20.65 23.91
CA ARG B 47 -39.00 -21.24 23.52
C ARG B 47 -38.96 -21.36 22.01
N LEU B 48 -38.03 -20.64 21.39
CA LEU B 48 -37.76 -20.73 19.96
C LEU B 48 -36.73 -21.83 19.71
N PHE B 49 -36.11 -21.81 18.53
CA PHE B 49 -35.18 -22.85 18.07
C PHE B 49 -33.97 -22.98 18.98
N GLY B 50 -33.28 -24.11 18.86
CA GLY B 50 -32.09 -24.37 19.64
C GLY B 50 -30.87 -24.62 18.78
N ARG B 51 -29.85 -25.26 19.34
CA ARG B 51 -28.66 -25.54 18.54
C ARG B 51 -28.86 -26.72 17.61
N ASP B 52 -29.89 -27.54 17.85
CA ASP B 52 -30.18 -28.62 16.91
C ASP B 52 -30.83 -28.09 15.65
N ASP B 53 -31.68 -27.07 15.79
CA ASP B 53 -32.42 -26.56 14.65
C ASP B 53 -31.52 -25.73 13.74
N ILE B 54 -30.45 -25.16 14.29
CA ILE B 54 -29.52 -24.38 13.49
C ILE B 54 -28.68 -25.29 12.59
N LEU B 55 -28.21 -26.40 13.13
CA LEU B 55 -27.36 -27.30 12.35
C LEU B 55 -28.16 -28.04 11.28
N ASP B 56 -29.42 -28.39 11.57
CA ASP B 56 -30.27 -28.93 10.51
C ASP B 56 -30.65 -27.87 9.50
N GLY B 57 -30.65 -26.59 9.91
CA GLY B 57 -30.81 -25.52 8.96
C GLY B 57 -29.57 -25.29 8.11
N GLN B 58 -28.41 -25.69 8.63
CA GLN B 58 -27.18 -25.58 7.84
C GLN B 58 -27.18 -26.61 6.70
N THR B 59 -27.72 -27.79 6.96
CA THR B 59 -27.78 -28.82 5.92
C THR B 59 -28.84 -28.48 4.89
N ALA B 60 -29.85 -27.70 5.28
CA ALA B 60 -30.78 -27.17 4.30
C ALA B 60 -30.14 -26.11 3.42
N TRP B 61 -29.17 -25.36 3.94
CA TRP B 61 -28.47 -24.38 3.13
C TRP B 61 -27.51 -25.05 2.15
N GLN B 62 -26.95 -26.20 2.51
CA GLN B 62 -26.05 -26.90 1.61
C GLN B 62 -26.78 -27.52 0.42
N SER B 63 -28.04 -27.91 0.61
CA SER B 63 -28.74 -28.66 -0.42
C SER B 63 -29.24 -27.79 -1.57
N ILE B 64 -29.14 -26.46 -1.44
CA ILE B 64 -29.62 -25.56 -2.48
C ILE B 64 -28.49 -24.95 -3.30
N GLY B 65 -27.25 -25.26 -2.95
CA GLY B 65 -26.11 -24.69 -3.63
C GLY B 65 -25.00 -24.34 -2.66
N GLY B 66 -25.37 -24.09 -1.41
CA GLY B 66 -24.39 -23.74 -0.41
C GLY B 66 -23.85 -22.35 -0.62
N MET B 67 -22.55 -22.25 -0.86
CA MET B 67 -21.92 -20.97 -1.13
C MET B 67 -22.00 -20.56 -2.59
N GLN B 68 -22.53 -21.42 -3.46
CA GLN B 68 -22.66 -21.06 -4.86
C GLN B 68 -23.94 -20.31 -5.15
N LEU B 69 -24.84 -20.17 -4.19
CA LEU B 69 -26.03 -19.38 -4.40
C LEU B 69 -25.84 -17.95 -3.89
N GLY B 70 -25.59 -17.81 -2.61
CA GLY B 70 -25.34 -16.51 -2.02
C GLY B 70 -24.36 -16.66 -0.89
N SER B 71 -23.42 -15.73 -0.81
CA SER B 71 -22.29 -15.87 0.08
C SER B 71 -22.70 -15.73 1.54
N ILE B 72 -21.94 -16.39 2.41
CA ILE B 72 -22.15 -16.34 3.86
C ILE B 72 -20.81 -15.95 4.47
N TRP B 73 -20.81 -14.83 5.21
CA TRP B 73 -19.60 -14.17 5.71
C TRP B 73 -18.64 -13.84 4.57
N GLY B 74 -19.18 -13.34 3.47
CA GLY B 74 -18.38 -12.86 2.36
C GLY B 74 -17.97 -13.88 1.30
N HIS B 75 -17.62 -15.09 1.72
CA HIS B 75 -17.14 -16.10 0.79
C HIS B 75 -18.31 -16.74 0.05
N GLY B 76 -18.25 -16.71 -1.27
CA GLY B 76 -19.24 -17.43 -2.03
C GLY B 76 -19.32 -16.94 -3.46
N ALA B 77 -20.54 -16.74 -3.93
CA ALA B 77 -20.81 -16.18 -5.24
C ALA B 77 -21.26 -14.74 -5.10
N TYR B 78 -21.17 -13.99 -6.19
CA TYR B 78 -21.26 -12.54 -6.13
C TYR B 78 -22.43 -11.99 -6.94
N GLN B 79 -23.51 -12.77 -7.10
CA GLN B 79 -24.72 -12.31 -7.75
C GLN B 79 -25.84 -12.07 -6.75
N ALA B 80 -26.19 -13.07 -5.97
CA ALA B 80 -27.18 -12.91 -4.92
C ALA B 80 -26.54 -12.25 -3.70
N PRO B 81 -27.29 -11.42 -2.97
CA PRO B 81 -26.71 -10.71 -1.84
C PRO B 81 -26.36 -11.65 -0.69
N ASP B 82 -25.35 -11.26 0.08
CA ASP B 82 -24.89 -12.09 1.18
C ASP B 82 -25.94 -12.12 2.28
N TRP B 83 -26.33 -13.32 2.67
CA TRP B 83 -27.47 -13.45 3.57
C TRP B 83 -27.12 -13.12 5.01
N THR B 84 -25.86 -12.80 5.32
CA THR B 84 -25.54 -12.34 6.66
C THR B 84 -25.46 -10.83 6.77
N ALA B 85 -25.54 -10.12 5.64
CA ALA B 85 -25.66 -8.68 5.64
C ALA B 85 -26.94 -8.19 4.98
N ASP B 86 -27.72 -9.10 4.40
CA ASP B 86 -29.05 -8.75 3.92
C ASP B 86 -30.11 -9.10 4.96
N TRP B 87 -29.86 -10.13 5.76
CA TRP B 87 -30.71 -10.38 6.91
C TRP B 87 -30.51 -9.30 7.96
N LEU B 88 -29.31 -8.75 8.04
CA LEU B 88 -29.00 -7.79 9.10
C LEU B 88 -29.71 -6.47 8.89
N HIS B 89 -29.66 -5.94 7.67
CA HIS B 89 -30.30 -4.65 7.42
C HIS B 89 -31.82 -4.78 7.41
N ARG B 90 -32.35 -5.96 7.08
CA ARG B 90 -33.79 -6.15 7.12
C ARG B 90 -34.28 -6.36 8.54
N GLU B 91 -33.40 -6.81 9.43
CA GLU B 91 -33.79 -6.99 10.82
C GLU B 91 -33.74 -5.67 11.58
N LEU B 92 -32.77 -4.82 11.26
CA LEU B 92 -32.64 -3.55 11.98
C LEU B 92 -33.71 -2.56 11.55
N MET B 93 -34.12 -2.60 10.28
CA MET B 93 -35.21 -1.73 9.86
C MET B 93 -36.55 -2.23 10.38
N ALA B 94 -36.66 -3.52 10.71
CA ALA B 94 -37.86 -4.00 11.37
C ALA B 94 -37.88 -3.56 12.83
N TRP B 95 -36.72 -3.53 13.47
CA TRP B 95 -36.65 -3.06 14.85
C TRP B 95 -36.89 -1.57 14.93
N LEU B 96 -36.44 -0.82 13.92
CA LEU B 96 -36.57 0.64 13.96
C LEU B 96 -38.00 1.08 13.70
N ASP B 97 -38.83 0.19 13.15
CA ASP B 97 -40.24 0.53 12.98
C ASP B 97 -41.08 0.07 14.16
N LEU B 98 -40.68 -1.02 14.82
CA LEU B 98 -41.37 -1.45 16.03
C LEU B 98 -40.95 -0.64 17.26
N ALA B 99 -39.93 0.19 17.14
CA ALA B 99 -39.56 1.12 18.20
C ALA B 99 -39.92 2.55 17.87
N ALA B 100 -40.47 2.81 16.68
CA ALA B 100 -41.00 4.12 16.37
C ALA B 100 -42.52 4.13 16.37
N ARG B 101 -43.15 2.97 16.22
CA ARG B 101 -44.61 2.87 16.23
C ARG B 101 -45.18 3.26 17.59
N ASP B 102 -44.44 2.98 18.66
CA ASP B 102 -44.81 3.40 20.01
C ASP B 102 -43.88 4.50 20.53
N ALA B 103 -43.38 5.36 19.63
CA ALA B 103 -42.55 6.47 20.05
C ALA B 103 -43.24 7.82 19.87
N HIS B 104 -43.61 8.21 18.65
CA HIS B 104 -44.49 9.36 18.49
C HIS B 104 -45.78 8.99 17.78
N GLY B 105 -45.75 8.72 16.48
CA GLY B 105 -46.87 8.11 15.80
C GLY B 105 -46.54 7.41 14.51
N ARG B 106 -45.26 7.36 14.14
CA ARG B 106 -44.89 7.11 12.75
C ARG B 106 -43.76 6.10 12.69
N ASP B 107 -43.15 5.99 11.52
CA ASP B 107 -42.07 5.05 11.28
C ASP B 107 -40.72 5.77 11.28
N TYR B 108 -39.66 5.01 11.01
CA TYR B 108 -38.32 5.57 11.02
C TYR B 108 -38.07 6.50 9.84
N GLY B 109 -38.75 6.26 8.72
CA GLY B 109 -38.54 7.08 7.54
C GLY B 109 -39.18 8.45 7.61
N GLN B 110 -40.16 8.64 8.49
CA GLN B 110 -40.92 9.88 8.52
C GLN B 110 -40.71 10.51 9.90
N LEU B 111 -39.45 10.59 10.30
CA LEU B 111 -39.06 11.36 11.47
C LEU B 111 -38.01 12.39 11.04
N ASP B 112 -37.96 13.50 11.76
CA ASP B 112 -36.93 14.49 11.49
C ASP B 112 -35.56 14.01 11.99
N ALA B 113 -34.52 14.70 11.56
CA ALA B 113 -33.15 14.22 11.74
C ALA B 113 -32.67 14.14 13.20
N PRO B 114 -32.95 15.10 14.10
CA PRO B 114 -32.48 14.91 15.48
C PRO B 114 -33.20 13.83 16.28
N ALA B 115 -34.43 13.47 15.92
CA ALA B 115 -35.17 12.47 16.68
C ALA B 115 -35.00 11.06 16.14
N GLN B 116 -34.61 10.90 14.87
CA GLN B 116 -34.29 9.58 14.35
C GLN B 116 -32.89 9.14 14.72
N ALA B 117 -32.07 10.04 15.26
CA ALA B 117 -30.77 9.67 15.80
C ALA B 117 -30.83 9.26 17.26
N ALA B 118 -32.01 9.37 17.89
CA ALA B 118 -32.23 8.88 19.24
C ALA B 118 -32.72 7.45 19.25
N LEU B 119 -32.82 6.82 18.08
CA LEU B 119 -33.15 5.41 17.98
C LEU B 119 -31.98 4.56 17.52
N ARG B 120 -31.08 5.13 16.71
CA ARG B 120 -29.88 4.39 16.31
C ARG B 120 -28.91 4.25 17.47
N GLU B 121 -29.04 5.11 18.49
CA GLU B 121 -28.21 4.95 19.68
C GLU B 121 -28.81 3.89 20.61
N GLN B 122 -30.11 3.62 20.48
CA GLN B 122 -30.71 2.50 21.19
C GLN B 122 -30.51 1.18 20.46
N LEU B 123 -30.13 1.22 19.18
CA LEU B 123 -29.75 -0.01 18.49
C LEU B 123 -28.38 -0.50 18.95
N LYS B 124 -27.46 0.41 19.22
CA LYS B 124 -26.12 0.06 19.64
C LYS B 124 -26.07 -0.51 21.04
N ALA B 125 -27.09 -0.28 21.86
CA ALA B 125 -27.10 -0.78 23.23
C ALA B 125 -27.72 -2.15 23.38
N GLU B 126 -28.66 -2.51 22.50
CA GLU B 126 -29.33 -3.80 22.57
C GLU B 126 -28.71 -4.84 21.63
N TYR B 127 -28.43 -4.45 20.38
CA TYR B 127 -27.94 -5.40 19.40
C TYR B 127 -26.46 -5.69 19.52
N ARG B 128 -25.70 -4.80 20.15
CA ARG B 128 -24.29 -5.06 20.47
C ARG B 128 -24.13 -5.60 21.88
N ALA B 129 -25.09 -6.37 22.34
CA ALA B 129 -25.14 -6.95 23.68
C ALA B 129 -25.88 -8.28 23.53
N ASN B 130 -26.42 -8.76 24.67
CA ASN B 130 -27.17 -10.03 24.82
C ASN B 130 -26.48 -11.21 24.13
N ARG B 131 -25.20 -11.38 24.46
CA ARG B 131 -24.44 -12.53 23.99
C ARG B 131 -24.77 -13.74 24.85
N ALA B 132 -23.94 -14.79 24.75
CA ALA B 132 -24.17 -16.01 25.49
C ALA B 132 -23.93 -15.80 26.98
N ASP B 133 -24.49 -16.69 27.78
CA ASP B 133 -24.52 -16.54 29.24
C ASP B 133 -23.45 -17.38 29.93
N ALA B 134 -22.27 -17.49 29.31
CA ALA B 134 -21.09 -18.19 29.84
C ALA B 134 -21.40 -19.65 30.14
N ALA B 135 -21.64 -20.38 29.04
CA ALA B 135 -21.96 -21.82 29.02
C ALA B 135 -23.25 -22.14 29.77
N GLY B 136 -24.15 -21.17 29.87
CA GLY B 136 -25.50 -21.42 30.35
C GLY B 136 -26.37 -21.84 29.19
N GLY B 137 -25.93 -21.47 27.97
CA GLY B 137 -26.56 -21.90 26.75
C GLY B 137 -27.78 -21.12 26.32
N LYS B 138 -28.35 -20.29 27.19
CA LYS B 138 -29.54 -19.53 26.86
C LYS B 138 -29.16 -18.24 26.15
N LEU B 139 -30.10 -17.73 25.35
CA LEU B 139 -29.96 -16.44 24.71
C LEU B 139 -30.81 -15.36 25.38
N THR B 140 -32.11 -15.63 25.53
CA THR B 140 -33.10 -14.74 26.15
C THR B 140 -33.10 -13.35 25.52
N LEU B 141 -33.39 -13.32 24.23
CA LEU B 141 -33.43 -12.07 23.52
C LEU B 141 -34.71 -11.30 23.84
N SER B 142 -34.67 -9.99 23.59
CA SER B 142 -35.71 -9.08 24.02
C SER B 142 -37.01 -9.32 23.25
N PRO B 143 -38.17 -9.08 23.88
CA PRO B 143 -39.43 -9.32 23.18
C PRO B 143 -39.73 -8.32 22.08
N ARG B 144 -39.01 -7.21 22.00
CA ARG B 144 -39.11 -6.37 20.81
C ARG B 144 -38.23 -6.92 19.69
N ARG B 145 -37.28 -7.79 20.04
CA ARG B 145 -36.47 -8.43 19.01
C ARG B 145 -37.09 -9.74 18.55
N ALA B 146 -37.95 -10.35 19.36
CA ALA B 146 -38.59 -11.59 18.96
C ALA B 146 -39.66 -11.34 17.91
N GLN B 147 -40.20 -10.13 17.84
CA GLN B 147 -41.21 -9.83 16.83
C GLN B 147 -40.56 -9.39 15.52
N ALA B 148 -39.40 -8.74 15.60
CA ALA B 148 -38.74 -8.29 14.38
C ALA B 148 -38.09 -9.44 13.64
N VAL B 149 -37.63 -10.46 14.36
CA VAL B 149 -37.04 -11.62 13.73
C VAL B 149 -38.10 -12.44 13.01
N ALA B 150 -39.25 -12.65 13.65
CA ALA B 150 -40.34 -13.38 13.02
C ALA B 150 -41.01 -12.58 11.90
N GLN B 151 -40.83 -11.26 11.88
CA GLN B 151 -41.38 -10.44 10.81
C GLN B 151 -40.57 -10.58 9.53
N THR B 152 -39.24 -10.48 9.63
CA THR B 152 -38.39 -10.68 8.46
C THR B 152 -38.25 -12.14 8.07
N GLU B 153 -38.66 -13.07 8.94
CA GLU B 153 -38.61 -14.48 8.59
C GLU B 153 -39.62 -14.83 7.50
N ALA B 154 -40.75 -14.11 7.46
CA ALA B 154 -41.76 -14.40 6.46
C ALA B 154 -41.35 -13.89 5.08
N TYR B 155 -40.41 -12.94 5.02
CA TYR B 155 -39.93 -12.49 3.72
C TYR B 155 -39.01 -13.51 3.09
N TYR B 156 -38.16 -14.14 3.88
CA TYR B 156 -37.30 -15.19 3.34
C TYR B 156 -38.02 -16.51 3.19
N ASP B 157 -39.16 -16.68 3.87
CA ASP B 157 -40.01 -17.83 3.57
C ASP B 157 -40.74 -17.64 2.25
N GLN B 158 -40.97 -16.40 1.83
CA GLN B 158 -41.64 -16.12 0.58
C GLN B 158 -40.69 -16.02 -0.60
N LEU B 159 -39.38 -15.99 -0.35
CA LEU B 159 -38.44 -15.81 -1.46
C LEU B 159 -38.05 -17.13 -2.08
N PHE B 160 -37.97 -18.19 -1.29
CA PHE B 160 -37.61 -19.53 -1.78
C PHE B 160 -38.82 -20.45 -1.85
N SER B 161 -40.01 -19.97 -2.26
CA SER B 161 -41.19 -20.82 -2.13
C SER B 161 -42.13 -20.80 -3.33
N ASP B 162 -41.71 -20.26 -4.48
CA ASP B 162 -42.55 -20.05 -5.66
C ASP B 162 -43.79 -19.20 -5.29
N ALA B 163 -43.51 -17.96 -4.90
CA ALA B 163 -44.60 -17.03 -4.61
C ALA B 163 -44.72 -16.01 -5.72
N PRO B 164 -45.94 -15.68 -6.15
CA PRO B 164 -46.10 -14.76 -7.29
C PRO B 164 -45.80 -13.31 -6.96
N ALA B 165 -45.67 -12.95 -5.69
CA ALA B 165 -45.40 -11.56 -5.34
C ALA B 165 -43.94 -11.17 -5.58
N LEU B 166 -43.01 -12.07 -5.30
CA LEU B 166 -41.59 -11.76 -5.42
C LEU B 166 -40.97 -12.29 -6.70
N HIS B 167 -41.70 -12.23 -7.81
CA HIS B 167 -41.04 -12.33 -9.11
C HIS B 167 -40.27 -11.05 -9.38
N ARG B 168 -39.42 -11.09 -10.42
CA ARG B 168 -38.45 -10.05 -10.84
C ARG B 168 -37.56 -9.53 -9.69
N SER B 169 -37.47 -10.28 -8.59
CA SER B 169 -36.40 -10.23 -7.61
C SER B 169 -35.75 -11.57 -7.42
N ARG B 170 -36.44 -12.65 -7.75
CA ARG B 170 -35.83 -13.95 -8.04
C ARG B 170 -35.28 -14.02 -9.44
N GLU B 171 -35.42 -12.96 -10.23
CA GLU B 171 -34.85 -12.90 -11.55
C GLU B 171 -33.57 -12.08 -11.61
N ASN B 172 -33.43 -11.11 -10.72
CA ASN B 172 -32.17 -10.39 -10.56
C ASN B 172 -31.23 -11.07 -9.57
N TYR B 173 -31.66 -12.14 -8.92
CA TYR B 173 -30.80 -12.90 -8.03
C TYR B 173 -30.42 -14.25 -8.61
N ALA B 174 -30.94 -14.58 -9.80
CA ALA B 174 -30.63 -15.79 -10.56
C ALA B 174 -30.96 -17.07 -9.78
N MET B 175 -32.04 -17.04 -9.02
CA MET B 175 -32.60 -18.23 -8.40
C MET B 175 -33.72 -18.75 -9.29
N LYS B 176 -33.84 -20.08 -9.41
CA LYS B 176 -34.62 -20.63 -10.52
C LYS B 176 -36.12 -20.35 -10.48
N GLU B 177 -36.90 -21.10 -9.69
CA GLU B 177 -38.25 -20.67 -9.36
C GLU B 177 -38.64 -21.06 -7.94
N ASN B 178 -38.07 -22.17 -7.44
CA ASN B 178 -38.44 -22.68 -6.13
C ASN B 178 -37.27 -22.69 -5.16
N THR B 179 -36.20 -23.44 -5.49
CA THR B 179 -34.92 -23.60 -4.81
C THR B 179 -35.05 -24.41 -3.51
N LEU B 180 -36.28 -24.63 -3.02
CA LEU B 180 -36.60 -25.47 -1.87
C LEU B 180 -38.07 -25.89 -1.92
N PRO B 181 -38.38 -27.06 -2.46
CA PRO B 181 -39.79 -27.48 -2.53
C PRO B 181 -40.38 -27.81 -1.18
N ASP B 182 -39.60 -28.37 -0.25
CA ASP B 182 -40.13 -28.70 1.06
C ASP B 182 -40.33 -27.45 1.90
N ALA B 183 -41.26 -27.53 2.85
CA ALA B 183 -41.65 -26.38 3.65
C ALA B 183 -40.97 -26.35 5.01
N ASN B 184 -40.62 -27.50 5.57
CA ASN B 184 -39.93 -27.50 6.86
C ASN B 184 -38.46 -27.20 6.72
N ARG B 185 -37.92 -27.31 5.50
CA ARG B 185 -36.51 -26.99 5.30
C ARG B 185 -36.27 -25.49 5.34
N ARG B 186 -37.07 -24.72 4.61
CA ARG B 186 -36.87 -23.28 4.63
C ARG B 186 -37.48 -22.62 5.86
N ARG B 187 -38.20 -23.38 6.68
CA ARG B 187 -38.50 -22.88 8.02
C ARG B 187 -37.31 -23.08 8.94
N GLN B 188 -36.47 -24.07 8.66
CA GLN B 188 -35.27 -24.31 9.43
C GLN B 188 -34.07 -23.59 8.86
N MET B 189 -34.07 -23.30 7.56
CA MET B 189 -32.93 -22.63 6.94
C MET B 189 -32.82 -21.19 7.40
N THR B 190 -33.95 -20.49 7.51
CA THR B 190 -33.89 -19.10 7.93
C THR B 190 -33.75 -18.96 9.44
N HIS B 191 -33.68 -20.07 10.17
CA HIS B 191 -33.18 -20.02 11.53
C HIS B 191 -31.66 -19.98 11.54
N PHE B 192 -31.04 -20.62 10.54
CA PHE B 192 -29.59 -20.59 10.43
C PHE B 192 -29.12 -19.22 9.98
N PHE B 193 -29.92 -18.53 9.16
CA PHE B 193 -29.56 -17.19 8.73
C PHE B 193 -29.64 -16.20 9.88
N PHE B 194 -30.40 -16.53 10.93
CA PHE B 194 -30.40 -15.71 12.13
C PHE B 194 -29.07 -15.81 12.86
N TRP B 195 -28.56 -17.04 13.02
CA TRP B 195 -27.33 -17.24 13.77
C TRP B 195 -26.14 -16.66 13.04
N THR B 196 -26.12 -16.75 11.71
CA THR B 196 -25.01 -16.18 10.96
C THR B 196 -25.02 -14.67 10.97
N ALA B 197 -26.13 -14.04 11.38
CA ALA B 197 -26.19 -12.62 11.63
C ALA B 197 -26.50 -12.29 13.07
N TRP B 198 -26.60 -13.29 13.94
CA TRP B 198 -26.48 -13.02 15.36
C TRP B 198 -25.02 -12.79 15.72
N ALA B 199 -24.14 -13.66 15.24
CA ALA B 199 -22.72 -13.52 15.50
C ALA B 199 -22.12 -12.29 14.83
N ALA B 200 -22.76 -11.76 13.80
CA ALA B 200 -22.27 -10.55 13.17
C ALA B 200 -22.61 -9.29 13.94
N GLY B 201 -23.43 -9.39 14.99
CA GLY B 201 -23.83 -8.21 15.71
C GLY B 201 -23.38 -8.16 17.16
N THR B 202 -23.28 -9.31 17.82
CA THR B 202 -22.99 -9.30 19.24
C THR B 202 -21.52 -9.06 19.52
N GLU B 203 -21.26 -8.40 20.63
CA GLU B 203 -19.93 -8.03 21.05
C GLU B 203 -19.22 -9.23 21.66
N ARG B 204 -17.90 -9.30 21.48
CA ARG B 204 -17.11 -10.31 22.17
C ARG B 204 -16.93 -9.86 23.63
N GLU B 205 -16.36 -10.73 24.47
CA GLU B 205 -16.28 -10.49 25.91
C GLU B 205 -15.28 -9.38 26.21
N GLY B 206 -15.80 -8.17 26.45
CA GLY B 206 -15.00 -7.07 26.91
C GLY B 206 -14.37 -6.21 25.84
N THR B 207 -14.22 -6.73 24.61
CA THR B 207 -13.52 -5.99 23.57
C THR B 207 -14.42 -4.97 22.89
N SER B 208 -13.88 -4.31 21.86
CA SER B 208 -14.64 -3.36 21.07
C SER B 208 -14.87 -3.84 19.64
N VAL B 209 -14.77 -5.15 19.39
CA VAL B 209 -15.05 -5.75 18.09
C VAL B 209 -16.04 -6.89 18.28
N THR B 210 -16.69 -7.29 17.20
CA THR B 210 -17.71 -8.33 17.26
C THR B 210 -17.07 -9.71 17.20
N TYR B 211 -17.90 -10.73 17.01
CA TYR B 211 -17.40 -12.09 16.88
C TYR B 211 -16.73 -12.31 15.53
N THR B 212 -17.32 -11.75 14.47
CA THR B 212 -16.75 -11.85 13.13
C THR B 212 -15.84 -10.67 12.80
N ASN B 213 -15.28 -10.02 13.83
CA ASN B 213 -14.28 -8.95 13.71
C ASN B 213 -14.83 -7.73 12.99
N ASN B 214 -16.02 -7.30 13.43
CA ASN B 214 -16.68 -6.06 13.00
C ASN B 214 -17.01 -6.03 11.52
N TRP B 215 -17.34 -7.19 10.91
CA TRP B 215 -17.27 -7.25 9.45
C TRP B 215 -18.35 -6.47 8.71
N PRO B 216 -19.68 -6.79 8.83
CA PRO B 216 -20.62 -6.22 7.85
C PRO B 216 -20.82 -4.74 8.08
N HIS B 217 -20.26 -3.91 7.18
CA HIS B 217 -20.07 -2.49 7.42
C HIS B 217 -21.44 -1.82 7.44
N GLU B 218 -21.95 -1.59 8.65
CA GLU B 218 -23.32 -1.13 8.85
C GLU B 218 -23.28 0.12 9.73
N PRO B 219 -23.72 1.27 9.23
CA PRO B 219 -23.72 2.48 10.05
C PRO B 219 -24.81 2.54 11.11
N LEU B 220 -25.69 1.54 11.20
CA LEU B 220 -26.72 1.58 12.22
C LEU B 220 -26.19 1.14 13.58
N ILE B 221 -25.58 -0.04 13.64
CA ILE B 221 -25.09 -0.57 14.90
C ILE B 221 -23.60 -0.33 15.08
N GLY B 222 -23.02 0.60 14.33
CA GLY B 222 -21.64 0.99 14.54
C GLY B 222 -20.62 -0.05 14.13
N ASN B 223 -20.72 -0.53 12.90
CA ASN B 223 -19.78 -1.52 12.38
C ASN B 223 -18.78 -0.84 11.46
N HIS B 224 -17.71 -0.32 12.09
CA HIS B 224 -16.62 0.39 11.42
C HIS B 224 -15.32 -0.33 11.74
N PRO B 225 -14.33 -0.30 10.82
CA PRO B 225 -13.08 -1.04 11.10
C PRO B 225 -12.41 -0.60 12.39
N SER B 226 -11.65 -1.52 12.96
CA SER B 226 -11.27 -1.45 14.37
C SER B 226 -10.17 -0.41 14.58
N SER B 227 -9.65 -0.35 15.79
CA SER B 227 -8.44 0.42 16.01
C SER B 227 -7.22 -0.41 15.64
N GLU B 228 -7.24 -1.69 15.99
CA GLU B 228 -6.13 -2.59 15.70
C GLU B 228 -6.13 -3.04 14.24
N ASN B 229 -7.24 -2.81 13.52
CA ASN B 229 -7.32 -3.22 12.13
C ASN B 229 -6.60 -2.24 11.23
N VAL B 230 -6.69 -0.94 11.54
CA VAL B 230 -6.05 0.06 10.69
C VAL B 230 -4.56 0.12 10.99
N MET B 231 -4.18 -0.08 12.25
CA MET B 231 -2.77 -0.06 12.63
C MET B 231 -2.02 -1.26 12.06
N TRP B 232 -2.70 -2.39 11.86
CA TRP B 232 -2.07 -3.55 11.25
C TRP B 232 -2.09 -3.49 9.73
N SER B 233 -2.63 -2.42 9.15
CA SER B 233 -2.60 -2.27 7.71
C SER B 233 -1.36 -1.52 7.26
N ILE B 234 -0.99 -0.46 7.97
CA ILE B 234 0.15 0.35 7.60
C ILE B 234 1.46 -0.39 7.88
N ILE B 235 1.45 -1.26 8.88
CA ILE B 235 2.56 -2.19 9.11
C ILE B 235 2.69 -3.15 7.93
N SER B 236 1.57 -3.52 7.32
CA SER B 236 1.60 -4.46 6.21
C SER B 236 2.13 -3.82 4.93
N VAL B 237 2.13 -2.49 4.85
CA VAL B 237 2.65 -1.83 3.65
C VAL B 237 4.16 -1.67 3.74
N VAL B 238 4.69 -1.38 4.93
CA VAL B 238 6.12 -1.14 5.06
C VAL B 238 6.90 -2.44 5.06
N VAL B 239 6.23 -3.57 5.30
CA VAL B 239 6.87 -4.87 5.16
C VAL B 239 7.16 -5.15 3.69
N LEU B 240 6.26 -4.72 2.81
CA LEU B 240 6.42 -5.00 1.39
C LEU B 240 7.51 -4.15 0.75
N LEU B 241 7.48 -2.84 0.98
CA LEU B 241 8.41 -1.95 0.30
C LEU B 241 9.80 -2.00 0.92
N ALA B 242 9.91 -2.47 2.16
CA ALA B 242 11.23 -2.75 2.71
C ALA B 242 11.61 -4.20 2.53
N GLY B 243 10.79 -4.97 1.82
CA GLY B 243 11.14 -6.31 1.45
C GLY B 243 11.64 -6.37 0.03
N ILE B 244 10.99 -5.61 -0.86
CA ILE B 244 11.41 -5.54 -2.26
C ILE B 244 12.78 -4.90 -2.36
N GLY B 245 13.00 -3.84 -1.60
CA GLY B 245 14.27 -3.14 -1.69
C GLY B 245 15.41 -3.91 -1.07
N LEU B 246 15.13 -4.68 -0.02
CA LEU B 246 16.17 -5.47 0.62
C LEU B 246 16.40 -6.80 -0.08
N LEU B 247 15.56 -7.15 -1.05
CA LEU B 247 15.82 -8.34 -1.85
C LEU B 247 16.74 -8.01 -3.02
N ILE B 248 16.49 -6.87 -3.67
CA ILE B 248 17.34 -6.43 -4.78
C ILE B 248 18.68 -5.93 -4.26
N TRP B 249 18.73 -5.44 -3.02
CA TRP B 249 20.00 -5.02 -2.43
C TRP B 249 20.89 -6.22 -2.16
N ALA B 250 20.32 -7.29 -1.61
CA ALA B 250 21.12 -8.49 -1.34
C ALA B 250 21.33 -9.34 -2.58
N TRP B 251 20.53 -9.13 -3.64
CA TRP B 251 20.76 -9.86 -4.88
C TRP B 251 21.93 -9.27 -5.65
N ALA B 252 22.04 -7.95 -5.67
CA ALA B 252 23.08 -7.30 -6.47
C ALA B 252 24.45 -7.33 -5.80
N PHE B 253 24.52 -7.71 -4.53
CA PHE B 253 25.79 -7.75 -3.82
C PHE B 253 26.28 -9.17 -3.56
N LEU B 254 25.39 -10.10 -3.25
CA LEU B 254 25.78 -11.47 -2.93
C LEU B 254 25.63 -12.34 -4.17
N ARG B 255 26.45 -12.07 -5.17
CA ARG B 255 26.49 -12.90 -6.37
C ARG B 255 27.95 -13.15 -6.74
N GLY B 256 28.17 -14.25 -7.45
CA GLY B 256 29.51 -14.64 -7.84
C GLY B 256 29.68 -16.13 -7.97
N PRO B 262 29.30 -23.78 -20.56
CA PRO B 262 28.30 -24.84 -20.74
C PRO B 262 27.92 -25.04 -22.21
N PRO B 263 28.71 -25.83 -22.94
CA PRO B 263 28.40 -26.04 -24.36
C PRO B 263 27.20 -26.93 -24.55
N ALA B 264 26.24 -26.47 -25.34
CA ALA B 264 25.03 -27.24 -25.57
C ALA B 264 25.30 -28.35 -26.59
N PRO B 265 24.69 -29.53 -26.42
CA PRO B 265 24.86 -30.60 -27.40
C PRO B 265 24.10 -30.29 -28.68
N ALA B 266 24.50 -30.99 -29.75
CA ALA B 266 23.93 -30.76 -31.07
C ALA B 266 22.69 -31.61 -31.32
N ARG B 267 22.28 -32.44 -30.36
CA ARG B 267 21.09 -33.27 -30.52
C ARG B 267 20.27 -33.21 -29.24
N ASP B 268 18.97 -33.31 -29.40
CA ASP B 268 18.05 -33.28 -28.26
C ASP B 268 18.22 -34.59 -27.50
N PRO B 269 18.54 -34.57 -26.21
CA PRO B 269 18.80 -35.82 -25.49
C PRO B 269 17.56 -36.61 -25.12
N LEU B 270 16.35 -36.13 -25.42
CA LEU B 270 15.15 -36.89 -25.13
C LEU B 270 14.73 -37.79 -26.28
N THR B 271 15.10 -37.46 -27.52
CA THR B 271 14.79 -38.31 -28.64
C THR B 271 15.74 -39.50 -28.76
N THR B 272 16.79 -39.56 -27.93
CA THR B 272 17.70 -40.69 -27.92
C THR B 272 17.18 -41.86 -27.09
N PHE B 273 16.08 -41.70 -26.37
CA PHE B 273 15.57 -42.77 -25.53
C PHE B 273 14.57 -43.64 -26.28
N ALA B 274 13.53 -43.02 -26.83
CA ALA B 274 12.48 -43.66 -27.65
C ALA B 274 11.77 -44.78 -26.89
N LEU B 275 11.07 -44.39 -25.83
CA LEU B 275 10.32 -45.32 -24.98
C LEU B 275 8.89 -45.40 -25.49
N THR B 276 8.56 -46.51 -26.13
CA THR B 276 7.24 -46.75 -26.69
C THR B 276 6.11 -47.24 -25.76
N PRO B 277 6.29 -48.18 -24.76
CA PRO B 277 5.09 -48.80 -24.18
C PRO B 277 4.32 -47.96 -23.17
N SER B 278 4.99 -47.16 -22.35
CA SER B 278 4.28 -46.42 -21.32
C SER B 278 3.91 -45.02 -21.75
N GLN B 279 4.84 -44.29 -22.35
CA GLN B 279 4.61 -42.89 -22.67
C GLN B 279 3.69 -42.69 -23.88
N ARG B 280 3.40 -43.73 -24.64
CA ARG B 280 2.39 -43.64 -25.69
C ARG B 280 0.98 -43.78 -25.12
N ALA B 281 0.84 -44.20 -23.87
CA ALA B 281 -0.47 -44.29 -23.23
C ALA B 281 -0.90 -42.97 -22.61
N LEU B 282 -0.11 -41.91 -22.76
CA LEU B 282 -0.48 -40.60 -22.26
C LEU B 282 -1.21 -39.77 -23.29
N GLY B 283 -1.56 -40.36 -24.44
CA GLY B 283 -2.38 -39.66 -25.41
C GLY B 283 -3.80 -39.43 -24.96
N LYS B 284 -4.29 -40.24 -24.03
CA LYS B 284 -5.61 -40.00 -23.46
C LYS B 284 -5.58 -38.82 -22.51
N TYR B 285 -4.49 -38.67 -21.75
CA TYR B 285 -4.41 -37.60 -20.75
C TYR B 285 -4.27 -36.24 -21.40
N LEU B 286 -3.68 -36.18 -22.59
CA LEU B 286 -3.65 -34.93 -23.33
C LEU B 286 -4.95 -34.67 -24.05
N PHE B 287 -5.86 -35.63 -24.07
CA PHE B 287 -7.20 -35.39 -24.57
C PHE B 287 -8.14 -34.95 -23.45
N LEU B 288 -7.94 -35.47 -22.23
CA LEU B 288 -8.78 -35.10 -21.11
C LEU B 288 -8.52 -33.66 -20.66
N VAL B 289 -7.33 -33.15 -20.94
CA VAL B 289 -7.03 -31.75 -20.64
C VAL B 289 -7.80 -30.84 -21.58
N VAL B 290 -7.76 -31.14 -22.88
CA VAL B 290 -8.36 -30.22 -23.84
C VAL B 290 -9.87 -30.42 -23.94
N ALA B 291 -10.37 -31.60 -23.56
CA ALA B 291 -11.82 -31.79 -23.56
C ALA B 291 -12.45 -31.07 -22.38
N LEU B 292 -11.78 -31.10 -21.22
CA LEU B 292 -12.30 -30.36 -20.07
C LEU B 292 -12.06 -28.87 -20.22
N PHE B 293 -11.06 -28.45 -20.99
CA PHE B 293 -10.80 -27.03 -21.14
C PHE B 293 -11.81 -26.37 -22.06
N GLY B 294 -12.24 -27.07 -23.11
CA GLY B 294 -13.28 -26.54 -23.97
C GLY B 294 -14.64 -26.59 -23.30
N PHE B 295 -14.82 -27.51 -22.35
CA PHE B 295 -16.08 -27.59 -21.62
C PHE B 295 -16.14 -26.54 -20.51
N GLN B 296 -14.99 -26.08 -20.03
CA GLN B 296 -14.98 -25.17 -18.88
C GLN B 296 -15.09 -23.72 -19.32
N VAL B 297 -14.62 -23.39 -20.52
CA VAL B 297 -14.85 -22.06 -21.06
C VAL B 297 -16.30 -21.92 -21.51
N LEU B 298 -16.85 -22.96 -22.12
CA LEU B 298 -18.22 -22.90 -22.63
C LEU B 298 -19.26 -22.85 -21.52
N LEU B 299 -18.92 -23.33 -20.32
CA LEU B 299 -19.78 -23.06 -19.17
C LEU B 299 -19.67 -21.61 -18.76
N GLY B 300 -18.51 -20.98 -18.97
CA GLY B 300 -18.31 -19.61 -18.54
C GLY B 300 -19.17 -18.64 -19.33
N GLY B 301 -19.34 -18.89 -20.62
CA GLY B 301 -20.28 -18.10 -21.40
C GLY B 301 -21.73 -18.44 -21.15
N PHE B 302 -21.99 -19.46 -20.34
CA PHE B 302 -23.33 -19.90 -19.97
C PHE B 302 -23.69 -19.47 -18.56
N THR B 303 -22.70 -19.24 -17.69
CA THR B 303 -22.97 -18.69 -16.37
C THR B 303 -22.85 -17.18 -16.34
N ALA B 304 -22.17 -16.57 -17.33
CA ALA B 304 -22.17 -15.12 -17.45
C ALA B 304 -23.37 -14.62 -18.23
N HIS B 305 -24.07 -15.51 -18.92
CA HIS B 305 -25.34 -15.14 -19.55
C HIS B 305 -26.43 -14.95 -18.51
N TYR B 306 -26.41 -15.73 -17.43
CA TYR B 306 -27.39 -15.58 -16.37
C TYR B 306 -27.17 -14.31 -15.56
N THR B 307 -25.98 -13.72 -15.63
CA THR B 307 -25.76 -12.42 -15.03
C THR B 307 -26.47 -11.33 -15.81
N VAL B 308 -26.30 -11.33 -17.13
CA VAL B 308 -26.79 -10.23 -17.96
C VAL B 308 -28.31 -10.29 -18.09
N GLU B 309 -28.82 -11.37 -18.69
CA GLU B 309 -30.25 -11.58 -18.76
C GLU B 309 -30.75 -12.19 -17.45
N GLY B 310 -32.02 -12.54 -17.44
CA GLY B 310 -32.58 -13.20 -16.28
C GLY B 310 -32.45 -14.69 -16.46
N GLN B 311 -33.56 -15.39 -16.63
CA GLN B 311 -33.57 -16.80 -16.99
C GLN B 311 -34.49 -16.95 -18.19
N LYS B 312 -33.97 -16.63 -19.37
CA LYS B 312 -34.74 -16.73 -20.61
C LYS B 312 -34.06 -17.59 -21.65
N PHE B 313 -32.77 -17.35 -21.92
CA PHE B 313 -31.95 -18.06 -22.90
C PHE B 313 -32.58 -18.06 -24.30
N TYR B 314 -33.12 -16.91 -24.70
CA TYR B 314 -33.65 -16.64 -26.05
C TYR B 314 -34.76 -17.62 -26.43
N GLY B 315 -35.84 -17.57 -25.65
CA GLY B 315 -36.98 -18.43 -25.90
C GLY B 315 -37.32 -19.28 -24.71
N ILE B 316 -37.18 -20.61 -24.84
CA ILE B 316 -37.46 -21.50 -23.72
C ILE B 316 -36.36 -21.39 -22.69
N ASP B 317 -36.73 -21.47 -21.43
CA ASP B 317 -35.75 -21.32 -20.35
C ASP B 317 -35.26 -22.68 -19.88
N LEU B 318 -33.94 -22.82 -19.76
CA LEU B 318 -33.35 -24.01 -19.15
C LEU B 318 -33.07 -23.77 -17.68
N SER B 319 -34.07 -23.26 -16.97
CA SER B 319 -33.86 -22.80 -15.61
C SER B 319 -34.36 -23.77 -14.55
N GLN B 320 -35.36 -24.59 -14.85
CA GLN B 320 -35.75 -25.63 -13.90
C GLN B 320 -34.91 -26.89 -14.01
N TRP B 321 -34.00 -26.95 -14.97
CA TRP B 321 -33.05 -28.05 -15.07
C TRP B 321 -31.62 -27.59 -14.82
N PHE B 322 -31.19 -26.49 -15.44
CA PHE B 322 -29.83 -25.98 -15.34
C PHE B 322 -29.85 -24.56 -14.77
N PRO B 323 -30.01 -24.41 -13.46
CA PRO B 323 -30.06 -23.06 -12.89
C PRO B 323 -28.67 -22.44 -12.77
N TYR B 324 -28.59 -21.26 -12.16
CA TYR B 324 -27.32 -20.55 -12.06
C TYR B 324 -26.36 -21.25 -11.10
N SER B 325 -26.85 -21.78 -9.99
CA SER B 325 -25.97 -22.38 -8.99
C SER B 325 -25.51 -23.76 -9.41
N LEU B 326 -26.02 -24.28 -10.52
CA LEU B 326 -25.56 -25.56 -11.01
C LEU B 326 -24.51 -25.39 -12.10
N VAL B 327 -24.67 -24.37 -12.95
CA VAL B 327 -23.68 -24.17 -14.00
C VAL B 327 -22.48 -23.42 -13.46
N ARG B 328 -22.61 -22.79 -12.29
CA ARG B 328 -21.45 -22.18 -11.67
C ARG B 328 -20.62 -23.21 -10.92
N THR B 329 -21.28 -24.24 -10.39
CA THR B 329 -20.56 -25.29 -9.67
C THR B 329 -19.68 -26.10 -10.62
N TRP B 330 -20.15 -26.32 -11.84
CA TRP B 330 -19.34 -27.04 -12.82
C TRP B 330 -18.23 -26.15 -13.36
N HIS B 331 -18.42 -24.83 -13.33
CA HIS B 331 -17.44 -23.91 -13.88
C HIS B 331 -16.19 -23.82 -13.02
N ILE B 332 -16.34 -24.00 -11.71
CA ILE B 332 -15.19 -24.00 -10.83
C ILE B 332 -14.58 -25.38 -10.74
N GLN B 333 -15.42 -26.42 -10.70
CA GLN B 333 -14.92 -27.76 -10.40
C GLN B 333 -14.22 -28.39 -11.60
N SER B 334 -14.75 -28.20 -12.80
CA SER B 334 -14.03 -28.70 -13.97
C SER B 334 -12.81 -27.86 -14.27
N ALA B 335 -12.72 -26.66 -13.70
CA ALA B 335 -11.51 -25.86 -13.85
C ALA B 335 -10.39 -26.43 -13.00
N LEU B 336 -10.70 -26.92 -11.81
CA LEU B 336 -9.65 -27.47 -10.95
C LEU B 336 -9.23 -28.85 -11.40
N PHE B 337 -10.01 -29.50 -12.27
CA PHE B 337 -9.62 -30.81 -12.77
C PHE B 337 -8.58 -30.71 -13.87
N TRP B 338 -8.81 -29.86 -14.87
CA TRP B 338 -7.89 -29.82 -16.00
C TRP B 338 -6.59 -29.12 -15.65
N ILE B 339 -6.58 -28.30 -14.61
CA ILE B 339 -5.30 -27.84 -14.06
C ILE B 339 -4.59 -28.99 -13.37
N ALA B 340 -5.34 -29.88 -12.72
CA ALA B 340 -4.73 -31.00 -12.01
C ALA B 340 -4.19 -32.03 -12.98
N THR B 341 -4.98 -32.43 -13.98
CA THR B 341 -4.52 -33.42 -14.94
C THR B 341 -3.56 -32.86 -15.97
N GLY B 342 -3.27 -31.56 -15.92
CA GLY B 342 -2.16 -31.04 -16.71
C GLY B 342 -0.83 -31.48 -16.14
N PHE B 343 -0.69 -31.41 -14.81
CA PHE B 343 0.54 -31.85 -14.17
C PHE B 343 0.65 -33.37 -14.14
N LEU B 344 -0.51 -34.06 -14.12
CA LEU B 344 -0.50 -35.52 -14.04
C LEU B 344 -0.01 -36.13 -15.35
N ALA B 345 -0.18 -35.42 -16.46
CA ALA B 345 0.41 -35.86 -17.71
C ALA B 345 1.92 -35.65 -17.72
N ALA B 346 2.37 -34.47 -17.28
CA ALA B 346 3.80 -34.20 -17.26
C ALA B 346 4.48 -34.87 -16.08
N GLY B 347 3.70 -35.31 -15.09
CA GLY B 347 4.28 -36.09 -14.02
C GLY B 347 4.61 -37.49 -14.46
N LEU B 348 3.64 -38.20 -15.03
CA LEU B 348 3.85 -39.59 -15.44
C LEU B 348 4.77 -39.71 -16.64
N PHE B 349 4.87 -38.67 -17.46
CA PHE B 349 5.85 -38.68 -18.56
C PHE B 349 7.26 -38.64 -18.02
N LEU B 350 7.46 -37.98 -16.89
CA LEU B 350 8.78 -37.82 -16.31
C LEU B 350 9.17 -38.98 -15.42
N ALA B 351 8.27 -39.95 -15.19
CA ALA B 351 8.59 -41.06 -14.31
C ALA B 351 9.61 -42.04 -14.92
N PRO B 352 9.40 -42.66 -16.09
CA PRO B 352 10.40 -43.63 -16.54
C PRO B 352 11.61 -43.02 -17.21
N LEU B 353 11.62 -41.70 -17.42
CA LEU B 353 12.74 -41.04 -18.08
C LEU B 353 13.91 -40.82 -17.13
N ILE B 354 13.68 -40.86 -15.83
CA ILE B 354 14.76 -40.60 -14.88
C ILE B 354 15.63 -41.84 -14.70
N ASN B 355 15.02 -43.00 -14.51
CA ASN B 355 15.76 -44.24 -14.31
C ASN B 355 16.21 -44.89 -15.62
N GLY B 356 16.90 -44.12 -16.46
CA GLY B 356 17.28 -44.60 -17.77
C GLY B 356 16.11 -44.50 -18.70
N GLY B 357 15.89 -45.55 -19.50
CA GLY B 357 14.79 -45.54 -20.44
C GLY B 357 13.92 -46.77 -20.34
N ARG B 358 13.75 -47.30 -19.13
CA ARG B 358 12.96 -48.49 -18.91
C ARG B 358 11.84 -48.20 -17.92
N ASP B 359 10.80 -49.00 -18.00
CA ASP B 359 9.60 -48.90 -17.18
C ASP B 359 9.70 -49.80 -15.97
N PRO B 360 9.00 -49.46 -14.88
CA PRO B 360 8.84 -50.40 -13.78
C PRO B 360 7.89 -51.53 -14.14
N LYS B 361 7.80 -52.49 -13.24
CA LYS B 361 6.94 -53.64 -13.46
C LYS B 361 5.48 -53.24 -13.28
N TYR B 362 4.65 -53.61 -14.27
CA TYR B 362 3.23 -53.24 -14.38
C TYR B 362 3.05 -51.72 -14.36
N GLN B 363 3.71 -51.06 -15.32
CA GLN B 363 3.57 -49.61 -15.42
C GLN B 363 2.44 -49.18 -16.34
N LYS B 364 2.32 -49.81 -17.51
CA LYS B 364 1.20 -49.49 -18.40
C LYS B 364 -0.13 -49.97 -17.80
N ALA B 365 -0.09 -51.05 -17.02
CA ALA B 365 -1.29 -51.48 -16.31
C ALA B 365 -1.66 -50.50 -15.20
N GLY B 366 -0.66 -49.78 -14.67
CA GLY B 366 -0.96 -48.77 -13.66
C GLY B 366 -1.53 -47.49 -14.26
N VAL B 367 -1.11 -47.15 -15.48
CA VAL B 367 -1.58 -45.93 -16.12
C VAL B 367 -3.01 -46.11 -16.62
N ASP B 368 -3.29 -47.25 -17.25
CA ASP B 368 -4.57 -47.46 -17.91
C ASP B 368 -5.73 -47.70 -16.94
N ILE B 369 -5.45 -47.90 -15.65
CA ILE B 369 -6.53 -47.95 -14.67
C ILE B 369 -6.62 -46.67 -13.85
N LEU B 370 -5.66 -45.76 -13.98
CA LEU B 370 -5.80 -44.45 -13.35
C LEU B 370 -6.76 -43.58 -14.14
N PHE B 371 -6.66 -43.63 -15.47
CA PHE B 371 -7.45 -42.73 -16.31
C PHE B 371 -8.93 -43.08 -16.29
N TRP B 372 -9.25 -44.37 -16.28
CA TRP B 372 -10.66 -44.76 -16.25
C TRP B 372 -11.25 -44.67 -14.85
N ALA B 373 -10.42 -44.46 -13.84
CA ALA B 373 -10.93 -44.10 -12.52
C ALA B 373 -10.97 -42.58 -12.35
N LEU B 374 -10.13 -41.86 -13.09
CA LEU B 374 -10.16 -40.41 -13.04
C LEU B 374 -11.35 -39.86 -13.81
N VAL B 375 -11.74 -40.53 -14.89
CA VAL B 375 -12.92 -40.09 -15.62
C VAL B 375 -14.17 -40.60 -14.93
N LEU B 376 -14.02 -41.57 -14.01
CA LEU B 376 -15.15 -42.00 -13.20
C LEU B 376 -15.57 -40.93 -12.21
N VAL B 377 -14.60 -40.14 -11.73
CA VAL B 377 -14.90 -39.09 -10.76
C VAL B 377 -15.60 -37.92 -11.46
N VAL B 378 -15.14 -37.57 -12.66
CA VAL B 378 -15.62 -36.35 -13.34
C VAL B 378 -17.08 -36.51 -13.76
N VAL B 379 -17.42 -37.63 -14.40
CA VAL B 379 -18.82 -37.83 -14.75
C VAL B 379 -19.60 -38.41 -13.59
N GLY B 380 -18.92 -38.76 -12.50
CA GLY B 380 -19.62 -39.23 -11.32
C GLY B 380 -19.97 -38.11 -10.36
N SER B 381 -19.12 -37.09 -10.28
CA SER B 381 -19.42 -35.96 -9.41
C SER B 381 -20.36 -34.98 -10.10
N PHE B 382 -20.38 -34.97 -11.43
CA PHE B 382 -21.24 -34.02 -12.13
C PHE B 382 -22.67 -34.50 -12.17
N ALA B 383 -22.90 -35.77 -11.83
CA ALA B 383 -24.27 -36.25 -11.64
C ALA B 383 -24.77 -35.91 -10.26
N GLY B 384 -23.88 -35.90 -9.27
CA GLY B 384 -24.28 -35.61 -7.90
C GLY B 384 -24.70 -34.17 -7.70
N ASN B 385 -24.11 -33.25 -8.49
CA ASN B 385 -24.58 -31.87 -8.44
C ASN B 385 -25.95 -31.74 -9.09
N TYR B 386 -26.24 -32.59 -10.07
CA TYR B 386 -27.52 -32.48 -10.77
C TYR B 386 -28.65 -33.08 -9.96
N LEU B 387 -28.38 -34.14 -9.21
CA LEU B 387 -29.41 -34.78 -8.41
C LEU B 387 -29.50 -34.23 -6.99
N ALA B 388 -28.83 -33.12 -6.69
CA ALA B 388 -28.95 -32.51 -5.37
C ALA B 388 -29.53 -31.11 -5.43
N ILE B 389 -29.18 -30.32 -6.44
CA ILE B 389 -29.75 -28.99 -6.58
C ILE B 389 -31.18 -29.08 -7.08
N ALA B 390 -31.53 -30.14 -7.80
CA ALA B 390 -32.91 -30.35 -8.20
C ALA B 390 -33.79 -30.88 -7.06
N GLN B 391 -33.19 -31.22 -5.92
CA GLN B 391 -33.86 -31.76 -4.72
C GLN B 391 -34.68 -33.00 -5.05
N ILE B 392 -33.98 -34.02 -5.54
CA ILE B 392 -34.55 -35.34 -5.75
C ILE B 392 -33.99 -36.34 -4.76
N MET B 393 -32.70 -36.25 -4.48
CA MET B 393 -32.04 -37.16 -3.56
C MET B 393 -32.47 -36.84 -2.12
N PRO B 394 -32.67 -37.87 -1.27
CA PRO B 394 -33.15 -37.60 0.08
C PRO B 394 -32.13 -36.85 0.90
N PRO B 395 -32.57 -35.97 1.80
CA PRO B 395 -31.64 -35.02 2.44
C PRO B 395 -30.72 -35.63 3.47
N ASP B 396 -31.00 -36.84 3.95
CA ASP B 396 -30.09 -37.47 4.91
C ASP B 396 -28.84 -37.96 4.21
N LEU B 397 -28.98 -38.43 2.98
CA LEU B 397 -27.84 -38.85 2.16
C LEU B 397 -27.52 -37.72 1.18
N ASN B 398 -26.87 -36.68 1.68
CA ASN B 398 -26.53 -35.51 0.86
C ASN B 398 -25.05 -35.23 0.82
N PHE B 399 -24.37 -35.31 1.97
CA PHE B 399 -22.97 -34.91 2.04
C PHE B 399 -22.06 -35.92 1.37
N TRP B 400 -22.45 -37.20 1.36
CA TRP B 400 -21.56 -38.24 0.88
C TRP B 400 -21.50 -38.24 -0.64
N LEU B 401 -22.62 -38.44 -1.30
CA LEU B 401 -22.75 -38.20 -2.73
C LEU B 401 -23.82 -37.14 -2.94
N GLY B 402 -23.57 -36.25 -3.88
CA GLY B 402 -24.46 -35.13 -4.08
C GLY B 402 -23.75 -33.79 -4.15
N HIS B 403 -24.00 -32.92 -3.18
CA HIS B 403 -23.43 -31.58 -3.16
C HIS B 403 -23.00 -31.24 -1.75
N GLN B 404 -21.73 -30.85 -1.59
CA GLN B 404 -21.24 -30.51 -0.26
C GLN B 404 -21.78 -29.18 0.21
N GLY B 405 -21.56 -28.13 -0.57
CA GLY B 405 -22.06 -26.82 -0.23
C GLY B 405 -21.00 -25.75 -0.28
N TYR B 406 -19.78 -26.09 0.15
CA TYR B 406 -18.69 -25.13 0.21
C TYR B 406 -18.00 -25.09 -1.14
N GLU B 407 -17.70 -23.90 -1.63
CA GLU B 407 -17.11 -23.78 -2.95
C GLU B 407 -15.65 -24.23 -2.90
N TYR B 408 -15.18 -24.74 -4.05
CA TYR B 408 -13.89 -25.38 -4.36
C TYR B 408 -13.77 -26.78 -3.78
N VAL B 409 -14.75 -27.22 -2.99
CA VAL B 409 -14.83 -28.59 -2.53
C VAL B 409 -16.23 -29.12 -2.79
N ASP B 410 -16.88 -28.64 -3.84
CA ASP B 410 -18.29 -28.91 -4.06
C ASP B 410 -18.60 -30.35 -4.46
N LEU B 411 -17.59 -31.16 -4.78
CA LEU B 411 -17.85 -32.56 -5.03
C LEU B 411 -18.12 -33.27 -3.70
N GLY B 412 -19.02 -34.26 -3.74
CA GLY B 412 -19.46 -34.93 -2.53
C GLY B 412 -18.36 -35.76 -1.88
N ARG B 413 -18.64 -36.21 -0.66
CA ARG B 413 -17.61 -36.83 0.17
C ARG B 413 -17.20 -38.20 -0.35
N LEU B 414 -18.15 -38.97 -0.89
CA LEU B 414 -17.80 -40.24 -1.51
C LEU B 414 -16.98 -40.03 -2.77
N TRP B 415 -17.31 -39.00 -3.55
CA TRP B 415 -16.49 -38.69 -4.72
C TRP B 415 -15.18 -38.04 -4.33
N GLN B 416 -15.12 -37.39 -3.16
CA GLN B 416 -13.89 -36.72 -2.76
C GLN B 416 -12.81 -37.73 -2.40
N ILE B 417 -13.21 -38.90 -1.89
CA ILE B 417 -12.25 -39.98 -1.69
C ILE B 417 -11.78 -40.52 -3.04
N GLY B 418 -12.66 -40.46 -4.05
CA GLY B 418 -12.29 -40.89 -5.38
C GLY B 418 -11.28 -39.97 -6.05
N LYS B 419 -11.19 -38.73 -5.60
CA LYS B 419 -10.11 -37.86 -6.07
C LYS B 419 -8.86 -38.04 -5.23
N PHE B 420 -9.04 -38.36 -3.95
CA PHE B 420 -7.87 -38.56 -3.09
C PHE B 420 -7.21 -39.90 -3.35
N ALA B 421 -8.00 -40.91 -3.71
CA ALA B 421 -7.42 -42.21 -4.03
C ALA B 421 -6.72 -42.19 -5.38
N GLY B 422 -7.18 -41.32 -6.29
CA GLY B 422 -6.56 -41.26 -7.60
C GLY B 422 -5.18 -40.63 -7.56
N ILE B 423 -5.02 -39.57 -6.78
CA ILE B 423 -3.71 -38.93 -6.65
C ILE B 423 -2.79 -39.78 -5.79
N CYS B 424 -3.35 -40.52 -4.82
CA CYS B 424 -2.54 -41.46 -4.05
C CYS B 424 -2.10 -42.64 -4.90
N PHE B 425 -2.90 -43.00 -5.91
CA PHE B 425 -2.46 -43.99 -6.88
C PHE B 425 -1.47 -43.39 -7.86
N TRP B 426 -1.55 -42.08 -8.07
CA TRP B 426 -0.55 -41.39 -8.87
C TRP B 426 0.74 -41.21 -8.08
N LEU B 427 0.64 -41.25 -6.75
CA LEU B 427 1.82 -41.15 -5.91
C LEU B 427 2.70 -42.40 -6.01
N VAL B 428 2.08 -43.57 -5.96
CA VAL B 428 2.85 -44.81 -5.98
C VAL B 428 3.40 -45.09 -7.38
N LEU B 429 2.76 -44.55 -8.41
CA LEU B 429 3.30 -44.68 -9.76
C LEU B 429 4.48 -43.75 -9.99
N MET B 430 4.65 -42.74 -9.15
CA MET B 430 5.87 -41.94 -9.18
C MET B 430 6.98 -42.59 -8.39
N LEU B 431 6.66 -43.08 -7.19
CA LEU B 431 7.69 -43.62 -6.33
C LEU B 431 8.24 -44.96 -6.80
N ARG B 432 7.44 -45.74 -7.54
CA ARG B 432 7.99 -46.96 -8.13
C ARG B 432 8.93 -46.64 -9.30
N GLY B 433 8.85 -45.44 -9.85
CA GLY B 433 9.76 -45.04 -10.90
C GLY B 433 10.84 -44.08 -10.48
N ILE B 434 10.97 -43.79 -9.18
CA ILE B 434 12.00 -42.86 -8.75
C ILE B 434 12.95 -43.49 -7.74
N VAL B 435 12.49 -44.48 -6.98
CA VAL B 435 13.40 -45.21 -6.08
C VAL B 435 14.52 -46.03 -6.75
N PRO B 436 14.47 -46.43 -8.03
CA PRO B 436 15.72 -46.90 -8.64
C PRO B 436 16.64 -45.79 -9.14
N ALA B 437 16.39 -44.53 -8.78
CA ALA B 437 17.25 -43.43 -9.21
C ALA B 437 18.02 -42.77 -8.09
N LEU B 438 17.55 -42.86 -6.85
CA LEU B 438 18.30 -42.32 -5.73
C LEU B 438 18.81 -43.39 -4.77
N ARG B 439 18.36 -44.63 -4.90
CA ARG B 439 18.92 -45.72 -4.12
C ARG B 439 20.11 -46.38 -4.81
N THR B 440 20.49 -45.88 -5.98
CA THR B 440 21.72 -46.29 -6.64
C THR B 440 22.89 -45.46 -6.11
N PRO B 441 24.11 -46.05 -6.04
CA PRO B 441 25.24 -45.32 -5.47
C PRO B 441 25.75 -44.21 -6.36
N GLY B 442 25.07 -43.06 -6.33
CA GLY B 442 25.47 -41.88 -7.06
C GLY B 442 25.72 -40.70 -6.13
N GLY B 443 26.12 -39.58 -6.73
CA GLY B 443 26.39 -38.38 -5.95
C GLY B 443 25.74 -37.14 -6.53
N ASP B 444 24.71 -37.31 -7.36
CA ASP B 444 24.04 -36.19 -8.01
C ASP B 444 22.54 -36.20 -7.73
N LYS B 445 22.13 -36.74 -6.60
CA LYS B 445 20.70 -36.84 -6.29
C LYS B 445 20.19 -35.63 -5.51
N ASN B 446 20.54 -34.45 -6.01
CA ASN B 446 20.22 -33.22 -5.31
C ASN B 446 18.88 -32.65 -5.78
N LEU B 447 18.68 -32.55 -7.09
CA LEU B 447 17.36 -32.17 -7.60
C LEU B 447 16.35 -33.29 -7.41
N LEU B 448 16.80 -34.53 -7.40
CA LEU B 448 15.87 -35.66 -7.23
C LEU B 448 15.36 -35.75 -5.80
N ALA B 449 16.13 -35.26 -4.83
CA ALA B 449 15.66 -35.30 -3.45
C ALA B 449 14.63 -34.21 -3.20
N LEU B 450 14.81 -33.04 -3.80
CA LEU B 450 13.81 -31.98 -3.70
C LEU B 450 12.52 -32.34 -4.43
N LEU B 451 12.64 -32.97 -5.60
CA LEU B 451 11.46 -33.37 -6.35
C LEU B 451 10.73 -34.51 -5.67
N THR B 452 11.44 -35.33 -4.89
CA THR B 452 10.79 -36.39 -4.12
C THR B 452 9.96 -35.81 -2.98
N ALA B 453 10.46 -34.75 -2.34
CA ALA B 453 9.68 -34.09 -1.30
C ALA B 453 8.48 -33.34 -1.88
N SER B 454 8.59 -32.87 -3.13
CA SER B 454 7.48 -32.14 -3.74
C SER B 454 6.36 -33.08 -4.16
N VAL B 455 6.69 -34.25 -4.71
CA VAL B 455 5.64 -35.18 -5.11
C VAL B 455 4.99 -35.80 -3.88
N GLY B 456 5.74 -35.93 -2.78
CA GLY B 456 5.15 -36.42 -1.55
C GLY B 456 4.23 -35.42 -0.89
N ALA B 457 4.42 -34.13 -1.17
CA ALA B 457 3.59 -33.11 -0.55
C ALA B 457 2.38 -32.76 -1.42
N ILE B 458 2.50 -32.94 -2.73
CA ILE B 458 1.44 -32.52 -3.65
C ILE B 458 0.25 -33.48 -3.57
N GLY B 459 0.47 -34.71 -3.09
CA GLY B 459 -0.56 -35.72 -3.07
C GLY B 459 -1.07 -36.08 -1.70
N LEU B 460 -0.49 -35.53 -0.65
CA LEU B 460 -0.95 -35.79 0.71
C LEU B 460 -1.56 -34.57 1.38
N PHE B 461 -1.48 -33.40 0.75
CA PHE B 461 -2.12 -32.21 1.29
C PHE B 461 -3.53 -32.01 0.74
N TYR B 462 -4.04 -32.97 -0.01
CA TYR B 462 -5.47 -33.01 -0.26
C TYR B 462 -6.22 -33.60 0.93
N GLY B 463 -5.50 -34.36 1.78
CA GLY B 463 -6.08 -35.00 2.94
C GLY B 463 -6.48 -34.07 4.06
N ALA B 464 -6.15 -32.78 3.95
CA ALA B 464 -6.66 -31.78 4.89
C ALA B 464 -8.05 -31.30 4.50
N GLY B 465 -8.62 -31.82 3.42
CA GLY B 465 -10.02 -31.62 3.09
C GLY B 465 -10.96 -32.52 3.84
N PHE B 466 -10.43 -33.37 4.71
CA PHE B 466 -11.19 -34.08 5.73
C PHE B 466 -11.16 -33.23 7.00
N PHE B 467 -11.48 -33.84 8.15
CA PHE B 467 -11.62 -33.25 9.49
C PHE B 467 -12.81 -32.30 9.60
N TYR B 468 -13.70 -32.26 8.62
CA TYR B 468 -14.96 -31.55 8.77
C TYR B 468 -16.05 -32.33 8.04
N GLY B 469 -17.16 -32.55 8.72
CA GLY B 469 -18.20 -33.39 8.18
C GLY B 469 -19.47 -32.66 7.82
N GLU B 470 -20.61 -33.20 8.22
CA GLU B 470 -21.87 -32.59 7.86
C GLU B 470 -22.20 -31.42 8.77
N ARG B 471 -21.89 -31.54 10.06
CA ARG B 471 -22.52 -30.69 11.08
C ARG B 471 -21.53 -30.01 12.00
N THR B 472 -20.26 -29.89 11.62
CA THR B 472 -19.35 -29.18 12.52
C THR B 472 -19.52 -27.68 12.34
N HIS B 473 -18.87 -26.93 13.21
CA HIS B 473 -19.04 -25.48 13.28
C HIS B 473 -18.44 -24.82 12.04
N LEU B 474 -19.08 -23.75 11.56
CA LEU B 474 -18.71 -23.12 10.30
C LEU B 474 -17.34 -22.46 10.33
N THR B 475 -16.84 -22.11 11.51
CA THR B 475 -15.45 -21.64 11.59
C THR B 475 -14.47 -22.80 11.39
N VAL B 476 -14.85 -24.01 11.80
CA VAL B 476 -14.02 -25.17 11.52
C VAL B 476 -14.11 -25.56 10.05
N MET B 477 -15.29 -25.39 9.44
CA MET B 477 -15.42 -25.66 8.01
C MET B 477 -14.75 -24.62 7.13
N GLU B 478 -14.34 -23.48 7.68
CA GLU B 478 -13.61 -22.46 6.94
C GLU B 478 -12.16 -22.38 7.36
N TYR B 479 -11.68 -23.35 8.12
CA TYR B 479 -10.26 -23.46 8.44
C TYR B 479 -9.59 -24.56 7.66
N TRP B 480 -10.18 -25.76 7.65
CA TRP B 480 -9.61 -26.86 6.88
C TRP B 480 -9.91 -26.76 5.40
N ARG B 481 -10.81 -25.88 5.00
CA ARG B 481 -11.13 -25.76 3.58
C ARG B 481 -10.02 -25.05 2.83
N TRP B 482 -9.46 -24.00 3.41
CA TRP B 482 -8.40 -23.22 2.78
C TRP B 482 -7.03 -23.88 2.89
N TRP B 483 -6.93 -25.03 3.56
CA TRP B 483 -5.69 -25.80 3.55
C TRP B 483 -5.44 -26.51 2.24
N ILE B 484 -6.45 -26.63 1.38
CA ILE B 484 -6.26 -27.24 0.07
C ILE B 484 -6.45 -26.25 -1.07
N VAL B 485 -6.79 -25.00 -0.76
CA VAL B 485 -6.93 -23.97 -1.76
C VAL B 485 -5.77 -22.98 -1.71
N HIS B 486 -5.25 -22.68 -0.52
CA HIS B 486 -4.16 -21.74 -0.40
C HIS B 486 -2.87 -22.44 0.00
N LEU B 487 -2.87 -23.78 0.02
CA LEU B 487 -1.66 -24.55 0.31
C LEU B 487 -1.41 -25.69 -0.66
N TRP B 488 -2.42 -26.17 -1.37
CA TRP B 488 -2.25 -27.23 -2.34
C TRP B 488 -2.36 -26.74 -3.77
N VAL B 489 -3.22 -25.76 -4.04
CA VAL B 489 -3.29 -25.12 -5.34
C VAL B 489 -2.30 -23.97 -5.44
N GLU B 490 -2.24 -23.11 -4.42
CA GLU B 490 -1.35 -21.95 -4.52
C GLU B 490 0.08 -22.33 -4.19
N GLY B 491 0.31 -23.01 -3.09
CA GLY B 491 1.66 -23.24 -2.63
C GLY B 491 2.39 -24.37 -3.31
N PHE B 492 1.86 -25.59 -3.23
CA PHE B 492 2.60 -26.78 -3.63
C PHE B 492 2.40 -27.15 -5.10
N PHE B 493 1.53 -26.44 -5.82
CA PHE B 493 1.59 -26.50 -7.27
C PHE B 493 2.66 -25.58 -7.83
N GLU B 494 3.18 -24.66 -7.01
CA GLU B 494 4.24 -23.75 -7.44
C GLU B 494 5.61 -24.23 -7.01
N VAL B 495 5.69 -25.30 -6.22
CA VAL B 495 6.96 -25.96 -5.97
C VAL B 495 7.21 -27.02 -7.04
N PHE B 496 6.19 -27.85 -7.32
CA PHE B 496 6.31 -28.91 -8.31
C PHE B 496 6.48 -28.38 -9.73
N ALA B 497 6.04 -27.16 -10.00
CA ALA B 497 6.18 -26.62 -11.34
C ALA B 497 7.42 -25.78 -11.52
N THR B 498 8.28 -25.70 -10.50
CA THR B 498 9.58 -25.05 -10.64
C THR B 498 10.71 -26.06 -10.74
N THR B 499 10.66 -27.13 -9.95
CA THR B 499 11.66 -28.18 -10.04
C THR B 499 11.54 -28.96 -11.34
N ALA B 500 10.33 -29.44 -11.66
CA ALA B 500 10.12 -30.20 -12.89
C ALA B 500 10.28 -29.33 -14.13
N LEU B 501 10.12 -28.01 -13.98
CA LEU B 501 10.50 -27.11 -15.05
C LEU B 501 12.02 -27.05 -15.19
N ALA B 502 12.73 -26.95 -14.07
CA ALA B 502 14.18 -26.89 -14.12
C ALA B 502 14.79 -28.27 -14.36
N PHE B 503 14.03 -29.34 -14.13
CA PHE B 503 14.53 -30.67 -14.41
C PHE B 503 14.58 -30.94 -15.90
N ILE B 504 13.69 -30.31 -16.67
CA ILE B 504 13.70 -30.50 -18.11
C ILE B 504 14.86 -29.74 -18.74
N PHE B 505 15.06 -28.48 -18.33
CA PHE B 505 16.17 -27.69 -18.84
C PHE B 505 17.52 -28.22 -18.38
N SER B 506 17.56 -29.00 -17.31
CA SER B 506 18.78 -29.70 -16.91
C SER B 506 19.06 -30.91 -17.79
N THR B 507 18.02 -31.62 -18.21
CA THR B 507 18.22 -32.82 -18.99
C THR B 507 18.60 -32.50 -20.43
N LEU B 508 18.00 -31.46 -21.00
CA LEU B 508 18.32 -31.08 -22.39
C LEU B 508 19.72 -30.51 -22.54
N GLY B 509 20.37 -30.13 -21.45
CA GLY B 509 21.74 -29.66 -21.51
C GLY B 509 21.85 -28.18 -21.77
N LEU B 510 21.07 -27.38 -21.05
CA LEU B 510 21.05 -25.93 -21.20
C LEU B 510 21.44 -25.20 -19.92
N VAL B 511 21.07 -25.73 -18.76
CA VAL B 511 21.63 -25.28 -17.49
C VAL B 511 22.54 -26.37 -16.97
N SER B 512 23.56 -25.98 -16.22
CA SER B 512 24.68 -26.86 -15.91
C SER B 512 24.50 -27.65 -14.63
N ARG B 513 23.26 -27.79 -14.14
CA ARG B 513 22.84 -28.56 -12.96
C ARG B 513 23.37 -28.02 -11.65
N ARG B 514 24.18 -26.96 -11.66
CA ARG B 514 24.63 -26.28 -10.45
C ARG B 514 23.83 -25.01 -10.19
N MET B 515 23.58 -24.22 -11.22
CA MET B 515 22.64 -23.11 -11.14
C MET B 515 21.22 -23.53 -11.47
N ALA B 516 20.95 -24.83 -11.51
CA ALA B 516 19.60 -25.36 -11.64
C ALA B 516 19.07 -25.92 -10.33
N THR B 517 19.93 -26.08 -9.32
CA THR B 517 19.51 -26.51 -8.00
C THR B 517 19.49 -25.35 -7.02
N THR B 518 20.53 -24.52 -7.01
CA THR B 518 20.53 -23.34 -6.13
C THR B 518 19.48 -22.32 -6.56
N ALA B 519 19.13 -22.29 -7.84
CA ALA B 519 18.00 -21.48 -8.27
C ALA B 519 16.66 -22.13 -7.95
N SER B 520 16.65 -23.39 -7.54
CA SER B 520 15.42 -24.09 -7.19
C SER B 520 15.33 -24.38 -5.69
N LEU B 521 16.20 -23.79 -4.89
CA LEU B 521 16.02 -23.75 -3.44
C LEU B 521 15.92 -22.34 -2.92
N ALA B 522 16.27 -21.34 -3.73
CA ALA B 522 15.93 -19.97 -3.42
C ALA B 522 14.55 -19.62 -3.95
N SER B 523 14.11 -20.29 -5.02
CA SER B 523 12.76 -20.16 -5.53
C SER B 523 11.86 -21.29 -5.06
N ALA B 524 12.23 -21.96 -3.98
CA ALA B 524 11.34 -22.88 -3.28
C ALA B 524 11.22 -22.59 -1.81
N SER B 525 12.08 -21.74 -1.25
CA SER B 525 11.95 -21.30 0.12
C SER B 525 11.40 -19.89 0.23
N LEU B 526 11.54 -19.08 -0.81
CA LEU B 526 10.95 -17.75 -0.80
C LEU B 526 9.44 -17.82 -0.95
N PHE B 527 8.96 -18.74 -1.78
CA PHE B 527 7.52 -18.91 -1.96
C PHE B 527 6.87 -19.57 -0.76
N MET B 528 7.66 -20.19 0.12
CA MET B 528 7.14 -20.86 1.30
C MET B 528 7.40 -20.08 2.58
N LEU B 529 8.08 -18.93 2.51
CA LEU B 529 8.28 -18.14 3.71
C LEU B 529 6.99 -17.46 4.12
N GLY B 530 6.28 -16.86 3.18
CA GLY B 530 5.00 -16.27 3.47
C GLY B 530 3.88 -17.01 2.78
N GLY B 531 4.03 -18.33 2.62
CA GLY B 531 3.00 -19.12 1.95
C GLY B 531 2.23 -20.04 2.87
N ILE B 532 2.90 -20.65 3.84
CA ILE B 532 2.22 -21.51 4.81
C ILE B 532 1.57 -20.68 5.92
N PRO B 533 2.19 -19.66 6.53
CA PRO B 533 1.40 -18.77 7.39
C PRO B 533 0.64 -17.69 6.64
N GLY B 534 0.64 -17.72 5.32
CA GLY B 534 -0.19 -16.85 4.52
C GLY B 534 -1.56 -17.43 4.23
N THR B 535 -1.91 -18.57 4.83
CA THR B 535 -3.27 -19.10 4.70
C THR B 535 -4.27 -18.17 5.36
N PHE B 536 -3.85 -17.46 6.39
CA PHE B 536 -4.73 -16.71 7.28
C PHE B 536 -5.38 -15.50 6.65
N HIS B 537 -5.06 -15.11 5.41
CA HIS B 537 -5.78 -14.00 4.82
C HIS B 537 -7.02 -14.45 4.07
N HIS B 538 -7.49 -15.66 4.32
CA HIS B 538 -8.85 -16.06 3.99
C HIS B 538 -9.71 -16.18 5.24
N LEU B 539 -9.15 -15.85 6.40
CA LEU B 539 -9.80 -16.05 7.69
C LEU B 539 -9.72 -14.78 8.53
N TYR B 540 -9.87 -13.62 7.91
CA TYR B 540 -9.89 -12.40 8.70
C TYR B 540 -11.21 -12.27 9.43
N PHE B 541 -12.27 -12.10 8.65
CA PHE B 541 -13.61 -11.87 9.18
C PHE B 541 -14.45 -13.14 9.07
N ALA B 542 -14.01 -14.19 9.78
CA ALA B 542 -14.86 -15.36 10.00
C ALA B 542 -14.46 -15.97 11.33
N GLY B 543 -15.09 -15.49 12.40
CA GLY B 543 -14.97 -16.11 13.71
C GLY B 543 -13.58 -16.19 14.29
N THR B 544 -12.72 -15.23 13.96
CA THR B 544 -11.34 -15.26 14.42
C THR B 544 -11.07 -14.08 15.34
N THR B 545 -9.94 -14.15 16.04
CA THR B 545 -9.47 -13.05 16.87
C THR B 545 -8.60 -12.10 16.06
N THR B 546 -8.08 -11.10 16.75
CA THR B 546 -7.23 -10.11 16.08
C THR B 546 -5.83 -10.60 15.73
N PRO B 547 -5.13 -11.46 16.51
CA PRO B 547 -3.85 -12.00 16.00
C PRO B 547 -3.93 -12.83 14.73
N VAL B 548 -5.12 -13.30 14.32
CA VAL B 548 -5.21 -14.06 13.09
C VAL B 548 -5.06 -13.14 11.88
N MET B 549 -5.52 -11.89 11.98
CA MET B 549 -5.18 -10.94 10.94
C MET B 549 -3.82 -10.30 11.17
N ALA B 550 -3.13 -10.65 12.25
CA ALA B 550 -1.75 -10.19 12.40
C ALA B 550 -0.78 -11.13 11.73
N VAL B 551 -1.02 -12.44 11.82
CA VAL B 551 -0.20 -13.41 11.12
C VAL B 551 -0.47 -13.35 9.62
N GLY B 552 -1.72 -13.06 9.25
CA GLY B 552 -2.10 -13.12 7.87
C GLY B 552 -2.06 -11.84 7.08
N ALA B 553 -1.55 -10.75 7.65
CA ALA B 553 -1.37 -9.51 6.91
C ALA B 553 0.07 -9.06 6.90
N SER B 554 0.87 -9.51 7.87
CA SER B 554 2.29 -9.18 7.86
C SER B 554 3.10 -10.29 7.20
N PHE B 555 2.84 -11.55 7.58
CA PHE B 555 3.49 -12.68 6.94
C PHE B 555 2.82 -13.11 5.65
N SER B 556 1.93 -12.29 5.09
CA SER B 556 1.39 -12.54 3.77
C SER B 556 1.95 -11.62 2.72
N ALA B 557 2.58 -10.51 3.12
CA ALA B 557 3.18 -9.64 2.13
C ALA B 557 4.49 -10.22 1.59
N LEU B 558 5.08 -11.18 2.29
CA LEU B 558 6.33 -11.81 1.86
C LEU B 558 6.11 -12.94 0.86
N GLU B 559 4.88 -13.18 0.41
CA GLU B 559 4.65 -13.92 -0.82
C GLU B 559 4.27 -13.00 -1.97
N VAL B 560 4.44 -11.68 -1.77
CA VAL B 560 4.27 -10.68 -2.81
C VAL B 560 5.65 -10.11 -3.11
N VAL B 561 6.59 -10.29 -2.18
CA VAL B 561 7.97 -9.84 -2.43
C VAL B 561 8.68 -10.60 -3.56
N PRO B 562 8.72 -11.94 -3.60
CA PRO B 562 9.43 -12.58 -4.71
C PRO B 562 8.62 -12.71 -5.98
N LEU B 563 7.44 -12.09 -6.07
CA LEU B 563 6.61 -12.15 -7.26
C LEU B 563 6.70 -10.90 -8.12
N ILE B 564 7.00 -9.74 -7.53
CA ILE B 564 7.13 -8.54 -8.34
C ILE B 564 8.43 -8.57 -9.12
N VAL B 565 9.51 -9.08 -8.52
CA VAL B 565 10.81 -9.17 -9.18
C VAL B 565 10.83 -10.44 -10.03
N LEU B 566 10.30 -10.31 -11.25
CA LEU B 566 10.27 -11.39 -12.22
C LEU B 566 10.79 -10.90 -13.56
N GLY B 567 11.92 -10.19 -13.51
CA GLY B 567 12.69 -9.93 -14.71
C GLY B 567 13.65 -11.09 -14.89
N HIS B 568 14.38 -11.41 -13.83
CA HIS B 568 14.99 -12.72 -13.77
C HIS B 568 13.92 -13.78 -13.55
N GLU B 569 14.22 -15.01 -13.96
CA GLU B 569 13.29 -16.13 -14.15
C GLU B 569 12.17 -15.80 -15.13
N ALA B 570 12.36 -14.80 -15.98
CA ALA B 570 11.54 -14.62 -17.18
C ALA B 570 12.39 -14.25 -18.38
N TRP B 571 13.67 -13.95 -18.19
CA TRP B 571 14.62 -13.78 -19.28
C TRP B 571 15.58 -14.94 -19.39
N GLU B 572 16.01 -15.51 -18.27
CA GLU B 572 16.85 -16.69 -18.28
C GLU B 572 16.07 -17.98 -18.48
N ASN B 573 14.76 -17.89 -18.65
CA ASN B 573 13.96 -18.98 -19.19
C ASN B 573 13.50 -18.69 -20.61
N TRP B 574 13.86 -17.53 -21.15
CA TRP B 574 13.58 -17.19 -22.53
C TRP B 574 14.83 -17.06 -23.39
N ARG B 575 15.96 -16.72 -22.79
CA ARG B 575 17.23 -16.68 -23.51
C ARG B 575 17.85 -18.05 -23.67
N LEU B 576 17.16 -19.10 -23.21
CA LEU B 576 17.56 -20.47 -23.52
C LEU B 576 17.17 -20.88 -24.93
N LYS B 577 16.43 -20.04 -25.65
CA LYS B 577 16.06 -20.34 -27.02
C LYS B 577 17.24 -20.24 -27.97
N THR B 578 18.15 -19.30 -27.74
CA THR B 578 19.29 -19.09 -28.62
C THR B 578 20.44 -20.06 -28.36
N ARG B 579 20.36 -20.87 -27.31
CA ARG B 579 21.48 -21.73 -26.94
C ARG B 579 21.63 -22.95 -27.83
N ALA B 580 20.67 -23.22 -28.71
CA ALA B 580 20.73 -24.37 -29.58
C ALA B 580 19.92 -24.08 -30.83
N PRO B 581 20.31 -24.64 -31.99
CA PRO B 581 19.49 -24.46 -33.19
C PRO B 581 18.18 -25.22 -33.14
N TRP B 582 18.13 -26.34 -32.42
CA TRP B 582 16.95 -27.18 -32.34
C TRP B 582 16.02 -26.78 -31.21
N MET B 583 16.06 -25.53 -30.76
CA MET B 583 15.13 -25.02 -29.77
C MET B 583 14.07 -24.14 -30.44
N GLU B 584 13.89 -24.31 -31.75
CA GLU B 584 12.72 -23.79 -32.42
C GLU B 584 11.56 -24.76 -32.38
N ASN B 585 11.85 -26.05 -32.16
CA ASN B 585 10.80 -27.05 -32.02
C ASN B 585 10.04 -26.91 -30.71
N LEU B 586 10.64 -26.29 -29.70
CA LEU B 586 9.97 -26.01 -28.43
C LEU B 586 9.82 -24.50 -28.22
N LYS B 587 9.48 -23.78 -29.28
CA LYS B 587 9.34 -22.33 -29.17
C LYS B 587 8.08 -21.96 -28.40
N TRP B 588 6.99 -22.66 -28.66
CA TRP B 588 5.72 -22.32 -28.02
C TRP B 588 5.59 -22.75 -26.55
N PRO B 589 6.17 -23.85 -26.07
CA PRO B 589 6.28 -23.99 -24.61
C PRO B 589 7.18 -22.96 -23.98
N LEU B 590 8.24 -22.51 -24.66
CA LEU B 590 9.08 -21.44 -24.13
C LEU B 590 8.45 -20.07 -24.28
N MET B 591 7.26 -19.97 -24.88
CA MET B 591 6.47 -18.75 -24.82
C MET B 591 5.30 -18.85 -23.85
N CYS B 592 4.99 -20.04 -23.35
CA CYS B 592 3.98 -20.14 -22.30
C CYS B 592 4.61 -20.01 -20.93
N PHE B 593 5.85 -20.48 -20.75
CA PHE B 593 6.57 -20.29 -19.50
C PHE B 593 7.15 -18.90 -19.36
N VAL B 594 6.94 -18.03 -20.34
CA VAL B 594 7.19 -16.60 -20.20
C VAL B 594 5.92 -15.86 -19.79
N ALA B 595 4.78 -16.23 -20.36
CA ALA B 595 3.53 -15.57 -20.00
C ALA B 595 2.94 -16.14 -18.71
N VAL B 596 3.57 -17.16 -18.13
CA VAL B 596 3.30 -17.48 -16.74
C VAL B 596 3.87 -16.39 -15.84
N ALA B 597 5.03 -15.87 -16.19
CA ALA B 597 5.68 -14.87 -15.35
C ALA B 597 4.97 -13.52 -15.43
N PHE B 598 4.31 -13.22 -16.55
CA PHE B 598 3.66 -11.93 -16.66
C PHE B 598 2.37 -11.90 -15.84
N TRP B 599 1.70 -13.02 -15.70
CA TRP B 599 0.49 -13.04 -14.88
C TRP B 599 0.76 -13.52 -13.47
N ASN B 600 2.02 -13.82 -13.13
CA ASN B 600 2.35 -14.10 -11.74
C ASN B 600 2.79 -12.83 -11.03
N MET B 601 2.94 -11.73 -11.76
CA MET B 601 3.13 -10.43 -11.12
C MET B 601 1.93 -9.51 -11.27
N LEU B 602 1.12 -9.69 -12.32
CA LEU B 602 -0.04 -8.84 -12.55
C LEU B 602 -1.35 -9.48 -12.09
N GLY B 603 -1.32 -10.74 -11.67
CA GLY B 603 -2.52 -11.33 -11.12
C GLY B 603 -2.34 -11.67 -9.67
N ALA B 604 -1.13 -12.01 -9.28
CA ALA B 604 -0.85 -12.32 -7.89
C ALA B 604 -0.17 -11.18 -7.17
N GLY B 605 0.68 -10.43 -7.86
CA GLY B 605 1.32 -9.29 -7.23
C GLY B 605 0.49 -8.03 -7.24
N VAL B 606 0.11 -7.56 -8.42
CA VAL B 606 -0.52 -6.25 -8.54
C VAL B 606 -1.96 -6.29 -8.07
N PHE B 607 -2.77 -7.17 -8.65
CA PHE B 607 -4.18 -7.26 -8.26
C PHE B 607 -4.38 -8.11 -7.02
N GLY B 608 -3.34 -8.69 -6.46
CA GLY B 608 -3.49 -9.53 -5.30
C GLY B 608 -3.19 -8.79 -4.03
N PHE B 609 -2.38 -7.74 -4.13
CA PHE B 609 -2.10 -6.90 -2.98
C PHE B 609 -3.07 -5.74 -2.86
N MET B 610 -3.83 -5.46 -3.92
CA MET B 610 -4.88 -4.46 -3.85
C MET B 610 -5.95 -4.82 -2.83
N ILE B 611 -6.19 -6.12 -2.63
CA ILE B 611 -7.19 -6.62 -1.70
C ILE B 611 -6.59 -7.23 -0.45
N ASN B 612 -5.28 -7.18 -0.28
CA ASN B 612 -4.67 -7.84 0.88
C ASN B 612 -4.77 -7.13 2.22
N PRO B 613 -4.48 -5.82 2.39
CA PRO B 613 -4.41 -5.26 3.74
C PRO B 613 -5.80 -5.15 4.37
N PRO B 614 -5.92 -5.43 5.66
CA PRO B 614 -7.25 -5.65 6.27
C PRO B 614 -8.14 -4.42 6.38
N VAL B 615 -7.70 -3.23 5.99
CA VAL B 615 -8.65 -2.14 5.88
C VAL B 615 -9.28 -2.14 4.48
N SER B 616 -8.59 -2.70 3.48
CA SER B 616 -9.11 -2.74 2.13
C SER B 616 -9.61 -4.12 1.74
N LEU B 617 -9.52 -5.10 2.62
CA LEU B 617 -10.30 -6.31 2.45
C LEU B 617 -11.64 -6.21 3.13
N TYR B 618 -11.75 -5.29 4.07
CA TYR B 618 -13.00 -5.05 4.79
C TYR B 618 -14.10 -4.57 3.85
N TYR B 619 -13.81 -3.62 2.98
CA TYR B 619 -14.79 -3.06 2.07
C TYR B 619 -14.91 -3.81 0.75
N ILE B 620 -13.97 -4.71 0.46
CA ILE B 620 -13.94 -5.40 -0.83
C ILE B 620 -14.45 -6.84 -0.74
N GLN B 621 -14.39 -7.48 0.43
CA GLN B 621 -14.75 -8.89 0.56
C GLN B 621 -16.20 -9.17 0.21
N GLY B 622 -16.41 -9.79 -0.95
CA GLY B 622 -17.73 -10.05 -1.47
C GLY B 622 -18.15 -9.05 -2.54
N LEU B 623 -17.23 -8.67 -3.41
CA LEU B 623 -17.54 -7.73 -4.49
C LEU B 623 -17.13 -8.31 -5.83
N ASN B 624 -17.12 -7.49 -6.88
CA ASN B 624 -16.58 -7.89 -8.17
C ASN B 624 -15.15 -7.42 -8.37
N THR B 625 -14.35 -7.38 -7.30
CA THR B 625 -12.92 -7.22 -7.44
C THR B 625 -12.18 -8.52 -7.15
N THR B 626 -12.82 -9.45 -6.44
CA THR B 626 -12.25 -10.77 -6.21
C THR B 626 -12.20 -11.66 -7.45
N PRO B 627 -13.20 -11.70 -8.37
CA PRO B 627 -12.96 -12.48 -9.59
C PRO B 627 -12.03 -11.81 -10.60
N VAL B 628 -11.54 -10.60 -10.34
CA VAL B 628 -10.43 -10.07 -11.13
C VAL B 628 -9.15 -10.78 -10.74
N HIS B 629 -8.93 -10.95 -9.44
CA HIS B 629 -7.76 -11.68 -8.96
C HIS B 629 -7.91 -13.17 -9.17
N ALA B 630 -9.14 -13.68 -9.14
CA ALA B 630 -9.34 -15.13 -9.21
C ALA B 630 -9.23 -15.64 -10.64
N HIS B 631 -9.69 -14.85 -11.62
CA HIS B 631 -9.56 -15.29 -13.01
C HIS B 631 -8.13 -15.15 -13.50
N ALA B 632 -7.42 -14.11 -13.07
CA ALA B 632 -6.10 -13.81 -13.62
C ALA B 632 -5.01 -14.63 -12.96
N ALA B 633 -5.13 -14.93 -11.67
CA ALA B 633 -4.09 -15.69 -11.01
C ALA B 633 -4.29 -17.19 -11.08
N LEU B 634 -5.40 -17.66 -11.66
CA LEU B 634 -5.66 -19.08 -11.79
C LEU B 634 -5.53 -19.58 -13.22
N PHE B 635 -5.95 -18.79 -14.20
CA PHE B 635 -5.62 -19.13 -15.56
C PHE B 635 -4.27 -18.57 -16.00
N GLY B 636 -3.80 -17.49 -15.38
CA GLY B 636 -2.53 -16.95 -15.79
C GLY B 636 -1.33 -17.71 -15.28
N VAL B 637 -1.45 -18.33 -14.11
CA VAL B 637 -0.29 -18.93 -13.47
C VAL B 637 -0.36 -20.45 -13.53
N TYR B 638 -1.48 -21.02 -13.12
CA TYR B 638 -1.65 -22.47 -13.23
C TYR B 638 -2.53 -22.87 -14.39
N GLY B 639 -2.79 -21.98 -15.32
CA GLY B 639 -3.60 -22.33 -16.48
C GLY B 639 -2.78 -22.27 -17.75
N PHE B 640 -1.66 -21.57 -17.70
CA PHE B 640 -0.68 -21.62 -18.77
C PHE B 640 0.40 -22.65 -18.52
N LEU B 641 0.46 -23.21 -17.31
CA LEU B 641 1.38 -24.32 -17.08
C LEU B 641 0.80 -25.63 -17.59
N ALA B 642 -0.51 -25.80 -17.48
CA ALA B 642 -1.14 -26.98 -18.06
C ALA B 642 -1.25 -26.91 -19.57
N LEU B 643 -1.01 -25.75 -20.17
CA LEU B 643 -0.86 -25.62 -21.61
C LEU B 643 0.60 -25.47 -22.02
N GLY B 644 1.52 -25.45 -21.07
CA GLY B 644 2.93 -25.49 -21.37
C GLY B 644 3.44 -26.90 -21.22
N PHE B 645 2.82 -27.64 -20.31
CA PHE B 645 3.10 -29.05 -20.15
C PHE B 645 2.24 -29.93 -21.05
N THR B 646 1.45 -29.33 -21.93
CA THR B 646 0.69 -30.09 -22.92
C THR B 646 1.34 -30.02 -24.29
N LEU B 647 1.72 -28.81 -24.71
CA LEU B 647 2.41 -28.65 -25.98
C LEU B 647 3.89 -28.99 -25.90
N LEU B 648 4.41 -29.30 -24.71
CA LEU B 648 5.70 -29.96 -24.60
C LEU B 648 5.57 -31.47 -24.63
N VAL B 649 4.53 -32.00 -23.98
CA VAL B 649 4.29 -33.44 -23.98
C VAL B 649 3.66 -33.87 -25.31
N LEU B 650 3.15 -32.91 -26.10
CA LEU B 650 2.82 -33.21 -27.49
C LEU B 650 4.06 -33.54 -28.29
N ARG B 651 5.17 -32.88 -28.00
CA ARG B 651 6.46 -33.38 -28.47
C ARG B 651 6.87 -34.59 -27.65
N TYR B 652 7.78 -35.38 -28.24
CA TYR B 652 8.35 -36.64 -27.73
C TYR B 652 7.35 -37.80 -27.67
N ILE B 653 6.07 -37.57 -27.97
CA ILE B 653 5.15 -38.65 -28.22
C ILE B 653 4.55 -38.59 -29.62
N ARG B 654 4.57 -37.45 -30.28
CA ARG B 654 4.22 -37.33 -31.70
C ARG B 654 5.30 -36.48 -32.37
N PRO B 655 6.54 -37.00 -32.50
CA PRO B 655 7.67 -36.19 -32.96
C PRO B 655 7.77 -36.11 -34.48
N GLN B 656 6.64 -35.91 -35.15
CA GLN B 656 6.59 -35.76 -36.59
C GLN B 656 5.71 -34.63 -37.05
N TYR B 657 4.87 -34.07 -36.17
CA TYR B 657 3.92 -33.04 -36.54
C TYR B 657 4.40 -31.69 -36.05
N ALA B 658 4.40 -30.70 -36.94
CA ALA B 658 4.77 -29.35 -36.57
C ALA B 658 3.66 -28.73 -35.72
N LEU B 659 4.01 -27.64 -35.04
CA LEU B 659 3.04 -26.92 -34.23
C LEU B 659 2.20 -25.95 -35.04
N SER B 660 2.48 -25.82 -36.35
CA SER B 660 1.76 -25.01 -37.34
C SER B 660 1.60 -23.56 -36.91
N PRO B 661 2.65 -22.74 -36.99
CA PRO B 661 2.51 -21.31 -36.65
C PRO B 661 1.58 -20.60 -37.62
N GLY B 662 0.92 -19.57 -37.11
CA GLY B 662 -0.17 -18.95 -37.84
C GLY B 662 -1.49 -19.33 -37.20
N LEU B 663 -1.54 -20.57 -36.70
CA LEU B 663 -2.63 -21.00 -35.83
C LEU B 663 -2.28 -20.76 -34.37
N MET B 664 -1.04 -21.08 -33.99
CA MET B 664 -0.59 -20.85 -32.63
C MET B 664 -0.43 -19.36 -32.31
N LYS B 665 -0.21 -18.52 -33.33
CA LYS B 665 -0.18 -17.08 -33.06
C LYS B 665 -1.58 -16.53 -32.83
N LEU B 666 -2.60 -17.32 -33.14
CA LEU B 666 -3.95 -16.98 -32.71
C LEU B 666 -4.34 -17.78 -31.47
N ALA B 667 -3.72 -18.94 -31.27
CA ALA B 667 -4.02 -19.75 -30.10
C ALA B 667 -3.29 -19.27 -28.86
N PHE B 668 -2.23 -18.48 -29.01
CA PHE B 668 -1.51 -17.94 -27.87
C PHE B 668 -1.88 -16.48 -27.63
N TRP B 669 -2.02 -15.70 -28.69
CA TRP B 669 -2.40 -14.30 -28.55
C TRP B 669 -3.91 -14.10 -28.50
N GLY B 670 -4.67 -15.16 -28.34
CA GLY B 670 -6.09 -15.04 -28.06
C GLY B 670 -6.37 -15.31 -26.60
N LEU B 671 -5.44 -16.00 -25.95
CA LEU B 671 -5.57 -16.26 -24.52
C LEU B 671 -5.07 -15.09 -23.70
N ASN B 672 -3.99 -14.45 -24.15
CA ASN B 672 -3.43 -13.33 -23.40
C ASN B 672 -4.32 -12.10 -23.54
N LEU B 673 -4.55 -11.66 -24.78
CA LEU B 673 -5.35 -10.45 -24.99
C LEU B 673 -6.82 -10.70 -24.68
N GLY B 674 -7.27 -11.96 -24.73
CA GLY B 674 -8.63 -12.26 -24.34
C GLY B 674 -8.84 -12.16 -22.84
N LEU B 675 -7.80 -12.46 -22.06
CA LEU B 675 -7.92 -12.41 -20.61
C LEU B 675 -7.70 -11.00 -20.08
N ALA B 676 -6.90 -10.20 -20.78
CA ALA B 676 -6.60 -8.85 -20.34
C ALA B 676 -7.51 -7.82 -20.97
N LEU B 677 -8.65 -8.21 -21.53
CA LEU B 677 -9.60 -7.25 -22.07
C LEU B 677 -10.97 -7.35 -21.41
N MET B 678 -11.36 -8.52 -20.93
CA MET B 678 -12.58 -8.63 -20.13
C MET B 678 -12.32 -8.38 -18.66
N ILE B 679 -11.06 -8.34 -18.24
CA ILE B 679 -10.73 -7.93 -16.88
C ILE B 679 -10.70 -6.41 -16.76
N PHE B 680 -10.07 -5.73 -17.72
CA PHE B 680 -9.86 -4.29 -17.65
C PHE B 680 -11.01 -3.48 -18.23
N THR B 681 -12.13 -4.10 -18.61
CA THR B 681 -13.26 -3.35 -19.15
C THR B 681 -14.56 -3.68 -18.44
N SER B 682 -14.70 -4.90 -17.94
CA SER B 682 -15.99 -5.38 -17.48
C SER B 682 -15.97 -6.05 -16.13
N LEU B 683 -14.81 -6.37 -15.57
CA LEU B 683 -14.74 -6.84 -14.19
C LEU B 683 -14.04 -5.87 -13.26
N LEU B 684 -13.13 -5.06 -13.76
CA LEU B 684 -12.50 -4.05 -12.91
C LEU B 684 -13.35 -2.80 -12.70
N PRO B 685 -13.97 -2.15 -13.71
CA PRO B 685 -14.74 -0.94 -13.40
C PRO B 685 -16.06 -1.22 -12.71
N ILE B 686 -16.58 -2.45 -12.75
CA ILE B 686 -17.70 -2.78 -11.87
C ILE B 686 -17.20 -2.93 -10.44
N GLY B 687 -15.96 -3.36 -10.27
CA GLY B 687 -15.42 -3.52 -8.93
C GLY B 687 -15.05 -2.22 -8.25
N LEU B 688 -15.16 -1.10 -8.95
CA LEU B 688 -14.85 0.19 -8.33
C LEU B 688 -16.10 1.03 -8.13
N ILE B 689 -17.16 0.79 -8.90
CA ILE B 689 -18.44 1.40 -8.57
C ILE B 689 -19.03 0.74 -7.33
N GLN B 690 -18.76 -0.55 -7.15
CA GLN B 690 -19.19 -1.23 -5.95
C GLN B 690 -18.36 -0.82 -4.74
N PHE B 691 -17.07 -0.55 -4.94
CA PHE B 691 -16.20 -0.10 -3.86
C PHE B 691 -16.57 1.32 -3.43
N HIS B 692 -17.03 2.15 -4.37
CA HIS B 692 -17.43 3.50 -4.01
C HIS B 692 -18.74 3.50 -3.24
N ALA B 693 -19.59 2.50 -3.45
CA ALA B 693 -20.84 2.44 -2.71
C ALA B 693 -20.70 1.64 -1.42
N SER B 694 -19.75 0.70 -1.37
CA SER B 694 -19.60 -0.12 -0.18
C SER B 694 -18.98 0.64 0.97
N VAL B 695 -18.21 1.69 0.67
CA VAL B 695 -17.59 2.48 1.74
C VAL B 695 -18.43 3.71 2.08
N SER B 696 -19.39 4.09 1.22
CA SER B 696 -20.24 5.23 1.52
C SER B 696 -21.45 4.83 2.35
N GLU B 697 -22.27 3.92 1.83
CA GLU B 697 -23.57 3.64 2.42
C GLU B 697 -23.57 2.41 3.32
N GLY B 698 -23.14 1.26 2.81
CA GLY B 698 -23.07 0.08 3.64
C GLY B 698 -22.59 -1.09 2.83
N MET B 699 -22.66 -2.28 3.42
CA MET B 699 -22.39 -3.49 2.67
C MET B 699 -23.63 -4.03 1.99
N TRP B 700 -24.79 -3.85 2.61
CA TRP B 700 -26.05 -4.26 1.99
C TRP B 700 -26.35 -3.46 0.73
N TYR B 701 -25.86 -2.22 0.64
CA TYR B 701 -26.15 -1.39 -0.50
C TYR B 701 -25.35 -1.80 -1.73
N ALA B 702 -24.20 -2.43 -1.56
CA ALA B 702 -23.37 -2.77 -2.72
C ALA B 702 -23.79 -4.07 -3.37
N ARG B 703 -24.67 -4.84 -2.75
CA ARG B 703 -25.19 -6.06 -3.34
C ARG B 703 -26.70 -6.03 -3.54
N SER B 704 -27.37 -4.95 -3.16
CA SER B 704 -28.82 -4.88 -3.27
C SER B 704 -29.25 -4.77 -4.72
N GLU B 705 -30.45 -5.29 -5.01
CA GLU B 705 -30.94 -5.30 -6.38
C GLU B 705 -31.37 -3.92 -6.85
N ALA B 706 -31.59 -2.98 -5.93
CA ALA B 706 -31.85 -1.60 -6.33
C ALA B 706 -30.59 -0.89 -6.80
N PHE B 707 -29.41 -1.47 -6.57
CA PHE B 707 -28.16 -0.86 -6.96
C PHE B 707 -27.52 -1.52 -8.17
N MET B 708 -27.71 -2.83 -8.34
CA MET B 708 -27.09 -3.53 -9.46
C MET B 708 -27.88 -3.42 -10.75
N GLN B 709 -28.88 -2.54 -10.82
CA GLN B 709 -29.62 -2.23 -12.03
C GLN B 709 -29.54 -0.74 -12.33
N GLN B 710 -28.36 -0.15 -12.10
CA GLN B 710 -28.21 1.29 -12.02
C GLN B 710 -28.04 1.97 -13.38
N ASP B 711 -28.20 1.22 -14.48
CA ASP B 711 -28.12 1.63 -15.89
C ASP B 711 -26.70 2.00 -16.31
N ILE B 712 -25.71 1.90 -15.41
CA ILE B 712 -24.31 2.05 -15.77
C ILE B 712 -23.63 0.71 -15.47
N LEU B 713 -24.14 0.00 -14.48
CA LEU B 713 -23.70 -1.37 -14.25
C LEU B 713 -24.38 -2.36 -15.18
N LYS B 714 -25.35 -1.91 -15.97
CA LYS B 714 -25.97 -2.75 -17.00
C LYS B 714 -25.20 -2.69 -18.31
N THR B 715 -24.69 -1.52 -18.67
CA THR B 715 -23.87 -1.39 -19.86
C THR B 715 -22.41 -1.77 -19.62
N LEU B 716 -22.06 -2.11 -18.39
CA LEU B 716 -20.69 -2.49 -18.07
C LEU B 716 -20.54 -3.99 -17.84
N ARG B 717 -21.65 -4.72 -17.83
CA ARG B 717 -21.62 -6.17 -17.90
C ARG B 717 -22.21 -6.71 -19.20
N TRP B 718 -22.87 -5.86 -19.98
CA TRP B 718 -23.25 -6.21 -21.34
C TRP B 718 -22.09 -6.01 -22.30
N GLY B 719 -20.96 -5.52 -21.79
CA GLY B 719 -19.72 -5.40 -22.54
C GLY B 719 -18.70 -6.46 -22.13
N ARG B 720 -19.17 -7.48 -21.40
CA ARG B 720 -18.34 -8.67 -21.22
C ARG B 720 -18.14 -9.42 -22.51
N THR B 721 -19.12 -9.34 -23.42
CA THR B 721 -19.11 -10.19 -24.62
C THR B 721 -18.11 -9.71 -25.65
N PHE B 722 -17.62 -8.47 -25.54
CA PHE B 722 -16.57 -8.01 -26.45
C PHE B 722 -15.22 -8.59 -26.11
N GLY B 723 -15.06 -9.16 -24.91
CA GLY B 723 -13.84 -9.84 -24.53
C GLY B 723 -14.07 -11.32 -24.35
N ASP B 724 -15.34 -11.70 -24.19
CA ASP B 724 -15.66 -13.12 -24.06
C ASP B 724 -15.44 -13.86 -25.37
N VAL B 725 -15.78 -13.22 -26.50
CA VAL B 725 -15.60 -13.88 -27.78
C VAL B 725 -14.15 -13.83 -28.24
N VAL B 726 -13.33 -12.97 -27.65
CA VAL B 726 -11.90 -12.99 -27.94
C VAL B 726 -11.23 -14.14 -27.20
N PHE B 727 -11.68 -14.39 -25.97
CA PHE B 727 -11.21 -15.56 -25.24
C PHE B 727 -11.74 -16.84 -25.84
N LEU B 728 -12.95 -16.80 -26.42
CA LEU B 728 -13.57 -18.00 -26.96
C LEU B 728 -12.80 -18.53 -28.16
N LEU B 729 -12.53 -17.67 -29.14
CA LEU B 729 -11.77 -18.10 -30.31
C LEU B 729 -10.31 -18.35 -29.97
N GLY B 730 -9.81 -17.75 -28.89
CA GLY B 730 -8.46 -18.06 -28.45
C GLY B 730 -8.37 -19.42 -27.79
N ALA B 731 -9.49 -19.91 -27.27
CA ALA B 731 -9.49 -21.23 -26.65
C ALA B 731 -9.82 -22.32 -27.67
N LEU B 732 -10.63 -21.98 -28.69
CA LEU B 732 -10.96 -22.96 -29.72
C LEU B 732 -9.75 -23.26 -30.60
N ALA B 733 -8.88 -22.27 -30.83
CA ALA B 733 -7.74 -22.49 -31.70
C ALA B 733 -6.69 -23.38 -31.03
N MET B 734 -6.72 -23.47 -29.70
CA MET B 734 -5.81 -24.37 -29.01
C MET B 734 -6.28 -25.81 -29.10
N VAL B 735 -7.57 -26.05 -28.85
CA VAL B 735 -8.06 -27.43 -28.79
C VAL B 735 -8.18 -28.04 -30.19
N VAL B 736 -8.35 -27.22 -31.22
CA VAL B 736 -8.32 -27.73 -32.60
C VAL B 736 -6.92 -28.17 -32.96
N GLN B 737 -5.91 -27.54 -32.36
CA GLN B 737 -4.52 -27.92 -32.62
C GLN B 737 -4.18 -29.27 -31.98
N VAL B 738 -4.61 -29.48 -30.73
CA VAL B 738 -4.21 -30.68 -30.00
C VAL B 738 -4.94 -31.91 -30.55
N ILE B 739 -6.20 -31.75 -30.96
CA ILE B 739 -6.93 -32.84 -31.59
C ILE B 739 -6.31 -33.18 -32.95
N LEU B 740 -5.92 -32.15 -33.71
CA LEU B 740 -5.18 -32.39 -34.96
C LEU B 740 -3.80 -32.96 -34.68
N GLY B 741 -3.21 -32.61 -33.53
CA GLY B 741 -1.89 -33.13 -33.20
C GLY B 741 -1.87 -34.58 -32.78
N LEU B 742 -3.01 -35.12 -32.37
CA LEU B 742 -3.08 -36.51 -31.93
C LEU B 742 -3.27 -37.49 -33.08
N LEU B 743 -3.07 -37.06 -34.33
CA LEU B 743 -3.25 -37.94 -35.47
C LEU B 743 -1.92 -38.18 -36.18
CHA HEM C . 13.34 18.23 13.49
CHB HEM C . 16.57 16.98 16.82
CHC HEM C . 19.61 15.81 13.31
CHD HEM C . 16.82 18.14 10.14
C1A HEM C . 13.89 17.84 14.69
C2A HEM C . 13.19 17.52 15.92
C3A HEM C . 14.08 17.18 16.81
C4A HEM C . 15.38 17.26 16.21
CMA HEM C . 13.78 16.76 18.26
CAA HEM C . 11.69 17.55 16.20
CBA HEM C . 11.24 18.99 16.29
CGA HEM C . 9.76 18.96 16.56
O1A HEM C . 9.06 19.91 16.15
O2A HEM C . 9.29 17.98 17.19
C1B HEM C . 17.64 16.46 16.15
C2B HEM C . 18.69 15.69 16.74
C3B HEM C . 19.55 15.36 15.77
C4B HEM C . 19.03 15.92 14.55
CMB HEM C . 18.69 15.39 18.25
CAB HEM C . 20.87 14.54 15.76
CBB HEM C . 21.45 13.92 16.79
C1C HEM C . 19.17 16.42 12.17
C2C HEM C . 19.93 16.58 10.98
C3C HEM C . 19.22 17.22 10.08
C4C HEM C . 17.92 17.50 10.68
CMC HEM C . 21.38 16.09 10.78
CAC HEM C . 19.79 17.54 8.69
CBC HEM C . 19.15 18.20 7.72
C1D HEM C . 15.62 18.31 10.76
C2D HEM C . 14.42 18.82 10.15
C3D HEM C . 13.47 18.85 11.06
C4D HEM C . 14.02 18.35 12.30
CMD HEM C . 14.28 19.27 8.70
CAD HEM C . 12.03 19.34 10.84
CBD HEM C . 11.05 18.18 10.72
CGD HEM C . 9.66 18.74 10.62
O1D HEM C . 9.42 19.87 11.12
O2D HEM C . 8.78 18.09 10.03
NA HEM C . 15.23 17.67 14.90
NB HEM C . 17.86 16.59 14.80
NC HEM C . 17.93 16.99 11.96
ND HEM C . 15.34 18.03 12.07
FE HEM C . 16.58 17.28 13.43
CHA HEM D . 7.17 15.54 3.97
CHB HEM D . 11.75 15.91 2.54
CHC HEM D . 11.09 12.13 -0.36
CHD HEM D . 6.38 12.04 0.72
C1A HEM D . 8.49 15.90 3.91
C2A HEM D . 9.18 16.77 4.83
C3A HEM D . 10.43 16.86 4.43
C4A HEM D . 10.58 16.06 3.25
CMA HEM D . 11.56 17.67 5.09
CAA HEM D . 8.57 17.48 6.07
CBA HEM D . 7.78 18.68 5.62
CGA HEM D . 7.15 19.36 6.81
O1A HEM D . 6.24 20.19 6.59
O2A HEM D . 7.54 19.05 7.95
C1B HEM D . 11.97 14.94 1.61
C2B HEM D . 13.19 14.74 0.88
C3B HEM D . 13.06 13.71 0.06
C4B HEM D . 11.71 13.19 0.26
CMB HEM D . 14.46 15.60 1.02
CAB HEM D . 14.21 13.26 -0.86
CBB HEM D . 14.20 12.17 -1.64
C1C HEM D . 9.76 11.83 -0.35
C2C HEM D . 9.15 10.85 -1.21
C3C HEM D . 7.87 10.78 -0.95
C4C HEM D . 7.57 11.75 0.11
CMC HEM D . 9.91 10.01 -2.25
CAC HEM D . 6.97 9.81 -1.74
CBC HEM D . 5.67 9.61 -1.52
C1D HEM D . 6.17 13.01 1.68
C2D HEM D . 4.90 13.40 2.25
C3D HEM D . 5.12 14.35 3.15
C4D HEM D . 6.54 14.61 3.18
CMD HEM D . 3.53 12.82 1.92
CAD HEM D . 4.06 15.08 4.00
CBD HEM D . 4.05 14.58 5.43
CGD HEM D . 3.40 15.60 6.31
O1D HEM D . 3.12 16.73 5.82
O2D HEM D . 3.17 15.31 7.50
NA HEM D . 9.38 15.48 2.95
NB HEM D . 11.07 13.98 1.21
NC HEM D . 8.77 12.35 0.45
ND HEM D . 7.16 13.78 2.27
FE HEM D . 9.13 13.83 1.80
FE FE E . 7.00 15.83 -1.05
CA CA F . 7.40 20.38 10.17
CHA HEM G . -15.91 -17.27 -11.79
CHB HEM G . -17.07 -16.82 -16.43
CHC HEM G . -12.71 -18.38 -17.64
CHD HEM G . -12.10 -19.90 -13.12
C1A HEM G . -16.53 -16.85 -12.93
C2A HEM G . -17.59 -15.87 -13.06
C3A HEM G . -17.91 -15.76 -14.33
C4A HEM G . -17.06 -16.64 -15.07
CMA HEM G . -18.98 -14.83 -14.91
CAA HEM G . -18.29 -15.07 -11.95
CBA HEM G . -19.23 -15.99 -11.21
CGA HEM G . -19.91 -15.17 -10.17
O1A HEM G . -20.21 -15.71 -9.08
O2A HEM G . -20.13 -13.96 -10.43
C1B HEM G . -15.95 -17.10 -17.14
C2B HEM G . -15.76 -16.75 -18.53
C3B HEM G . -14.54 -17.18 -18.88
C4B HEM G . -13.95 -17.80 -17.72
CMB HEM G . -16.86 -16.00 -19.30
CAB HEM G . -13.76 -17.09 -20.22
CBB HEM G . -14.16 -16.51 -21.36
C1C HEM G . -12.23 -19.03 -16.54
C2C HEM G . -11.14 -19.99 -16.54
C3C HEM G . -10.97 -20.40 -15.28
C4C HEM G . -11.95 -19.73 -14.47
CMC HEM G . -10.40 -20.35 -17.84
CAC HEM G . -10.00 -21.42 -14.63
CBC HEM G . -9.33 -22.40 -15.26
C1D HEM G . -13.04 -19.27 -12.36
C2D HEM G . -13.13 -19.31 -10.93
C3D HEM G . -14.17 -18.58 -10.54
C4D HEM G . -14.80 -18.06 -11.74
CMD HEM G . -12.16 -20.06 -10.01
CAD HEM G . -14.63 -18.36 -9.10
CBD HEM G . -14.30 -16.95 -8.61
CGD HEM G . -14.92 -16.78 -7.25
O1D HEM G . -15.96 -17.42 -6.97
O2D HEM G . -14.38 -16.00 -6.43
NA HEM G . -16.23 -17.30 -14.19
NB HEM G . -14.83 -17.73 -16.68
NC HEM G . -12.71 -18.90 -15.26
ND HEM G . -14.07 -18.50 -12.83
FE HEM G . -14.45 -18.09 -14.74
CHA HEM H . -8.66 -15.00 -3.00
CHB HEM H . -6.28 -17.94 -5.98
CHC HEM H . -2.27 -15.42 -5.23
CHD HEM H . -4.52 -12.74 -1.88
C1A HEM H . -8.38 -15.94 -3.95
C2A HEM H . -9.36 -16.70 -4.70
C3A HEM H . -8.68 -17.50 -5.52
C4A HEM H . -7.28 -17.29 -5.31
CMA HEM H . -9.27 -18.50 -6.53
CAA HEM H . -10.89 -16.60 -4.59
CBA HEM H . -11.34 -17.36 -3.36
CGA HEM H . -12.83 -17.25 -3.21
O1A HEM H . -13.34 -17.59 -2.11
O2A HEM H . -13.50 -16.83 -4.16
C1B HEM H . -4.98 -17.53 -6.03
C2B HEM H . -3.93 -18.18 -6.76
C3B HEM H . -2.80 -17.51 -6.58
C4B HEM H . -3.11 -16.39 -5.70
CMB HEM H . -4.10 -19.44 -7.62
CAB HEM H . -1.49 -17.97 -7.25
CBB HEM H . -0.32 -17.33 -7.18
C1C HEM H . -2.52 -14.51 -4.24
C2C HEM H . -1.53 -13.65 -3.66
C3C HEM H . -2.11 -12.89 -2.74
C4C HEM H . -3.52 -13.25 -2.69
CMC HEM H . -0.06 -13.62 -4.06
CAC HEM H . -1.25 -11.87 -1.95
CBC HEM H . -1.72 -11.06 -1.01
C1D HEM H . -5.83 -13.13 -1.88
C2D HEM H . -6.89 -12.65 -1.00
C3D HEM H . -8.02 -13.26 -1.31
C4D HEM H . -7.74 -14.17 -2.40
CMD HEM H . -6.73 -11.59 0.10
CAD HEM H . -9.38 -13.07 -0.62
CBD HEM H . -10.33 -12.26 -1.47
CGD HEM H . -11.75 -12.52 -1.03
O1D HEM H . -11.95 -13.44 -0.21
O2D HEM H . -12.67 -11.81 -1.50
NA HEM H . -7.12 -16.32 -4.34
NB HEM H . -4.45 -16.43 -5.39
NC HEM H . -3.73 -14.24 -3.63
ND HEM H . -6.41 -14.06 -2.72
FE HEM H . -5.45 -15.20 -4.11
FE FE I . -4.68 -16.68 -0.41
CA CA J . -16.01 -17.20 -4.68
#